data_4C1Y
#
_entry.id   4C1Y
#
_cell.length_a   71.211
_cell.length_b   90.335
_cell.length_c   189.168
_cell.angle_alpha   90.00
_cell.angle_beta   90.00
_cell.angle_gamma   90.00
#
_symmetry.space_group_name_H-M   'P 21 21 21'
#
loop_
_entity.id
_entity.type
_entity.pdbx_description
1 polymer 'FUCOSE-SPECIFIC LECTIN FLEA'
2 polymer 'FUCOSE-SPECIFIC LECTIN FLEA'
3 non-polymer 'methyl beta-L-fucopyranoside'
4 non-polymer GLYCEROL
5 non-polymer DI(HYDROXYETHYL)ETHER
6 non-polymer 'CALCIUM ION'
7 water water
#
loop_
_entity_poly.entity_id
_entity_poly.type
_entity_poly.pdbx_seq_one_letter_code
_entity_poly.pdbx_strand_id
1 'polypeptide(L)'
;STPGAQQVLFRTGIAAVNSTNHLRVYFQDVYGSIRESLYEGSWANGTEKNVIGNAKLGSPVAATSKELKHIRVYTLTEGN
TLQEFAYDSGTGWYNGGLGGAKFQVAPYSCIAAVFLAGTDALQLRIYAQKPDNTIQEYMWNGDGWKEGTNLGGALPGTGI
GATSFRYTDYNGPSIRIWFQTDDLKLVQRAYDPHKGWYPDLVTIFDRAPPRTAIAATSFGAGNSSIYMRIYFVNSDNTIW
QV(CSX)WDHGKGYHDKGTITPVIQGSEVAIISWGSFANNGPDLRLYFQNGTYISAVSEWVWNRAHGSQLGRSALPPA
;
A
2 'polypeptide(L)'
;STPGAQQVLFRTGIAAVNSTNHLRVYFQDVYGSIRESLYEGSWANGTEKNVIGNAKLGSPVAATSKELKHIRVYTLTEGN
TLQEFAYDSGTGWYNGGLGGAKFQVAPYSCIAAVFLAGTDALQLRIYAQKPDNTIQEYMWNGDGWKEGTNLGGALPGTGI
GATSFRYTDYNGPSIRIWFQTDDLKLVQRAYDPHKGWYPDLVTIFDRAPPRTAIAATSFGAGNSSIYMRIYFVNSDNTIW
QVCWDHGKGYHDKGTITPVIQGSEVAIISWGSFANNGPDLRLYFQNGTYISAVSEWVWNRAHGSQLGRSALPPA
;
B,C,D
#
loop_
_chem_comp.id
_chem_comp.type
_chem_comp.name
_chem_comp.formula
CA non-polymer 'CALCIUM ION' 'Ca 2'
GOL non-polymer GLYCEROL 'C3 H8 O3'
MFB L-saccharide 'methyl beta-L-fucopyranoside' 'C7 H14 O5'
PEG non-polymer DI(HYDROXYETHYL)ETHER 'C4 H10 O3'
#
# COMPACT_ATOMS: atom_id res chain seq x y z
N SER A 1 -33.36 27.23 7.56
CA SER A 1 -32.03 27.03 8.16
C SER A 1 -31.46 28.35 8.74
N THR A 2 -30.17 28.31 9.11
CA THR A 2 -29.41 29.48 9.50
C THR A 2 -28.07 29.43 8.72
N PRO A 3 -27.33 30.56 8.63
CA PRO A 3 -26.03 30.60 7.93
C PRO A 3 -24.98 29.71 8.55
N GLY A 4 -24.98 29.62 9.88
CA GLY A 4 -24.14 28.65 10.59
C GLY A 4 -24.44 27.21 10.22
N ALA A 5 -25.71 26.85 10.30
CA ALA A 5 -26.17 25.51 10.03
C ALA A 5 -25.72 25.07 8.63
N GLN A 6 -25.97 25.94 7.65
CA GLN A 6 -25.53 25.80 6.26
C GLN A 6 -24.04 25.55 6.09
N GLN A 7 -23.23 26.01 7.02
CA GLN A 7 -21.77 25.69 7.00
C GLN A 7 -21.41 24.21 7.33
N VAL A 8 -22.38 23.48 7.89
CA VAL A 8 -22.14 22.14 8.38
C VAL A 8 -22.41 21.12 7.29
N LEU A 9 -21.46 20.27 6.99
CA LEU A 9 -21.72 19.24 5.99
C LEU A 9 -22.85 18.32 6.38
N PHE A 10 -23.69 18.00 5.39
CA PHE A 10 -24.77 17.02 5.52
C PHE A 10 -24.08 15.65 5.58
N ARG A 11 -24.43 14.84 6.60
CA ARG A 11 -23.73 13.57 6.85
C ARG A 11 -22.24 13.75 7.17
N THR A 12 -21.88 14.89 7.76
CA THR A 12 -20.53 15.06 8.30
C THR A 12 -20.18 13.99 9.31
N GLY A 13 -18.90 13.64 9.32
CA GLY A 13 -18.31 12.90 10.38
C GLY A 13 -18.46 13.73 11.67
N ILE A 14 -18.64 13.01 12.76
CA ILE A 14 -18.84 13.62 14.07
C ILE A 14 -18.07 12.81 15.08
N ALA A 15 -17.50 13.55 16.02
CA ALA A 15 -16.74 12.94 17.10
C ALA A 15 -16.89 13.91 18.22
N ALA A 16 -16.59 13.46 19.43
CA ALA A 16 -16.65 14.28 20.64
C ALA A 16 -15.81 13.69 21.76
N VAL A 17 -15.38 14.57 22.67
CA VAL A 17 -14.66 14.19 23.86
C VAL A 17 -15.11 15.09 25.00
N ASN A 18 -14.67 14.76 26.19
CA ASN A 18 -15.10 15.48 27.35
C ASN A 18 -14.24 15.16 28.56
N SER A 19 -14.29 16.08 29.53
CA SER A 19 -13.87 15.82 30.90
C SER A 19 -15.07 16.15 31.74
N THR A 20 -15.59 15.18 32.49
CA THR A 20 -16.92 15.26 33.01
C THR A 20 -17.77 16.04 32.03
N ASN A 21 -18.45 17.07 32.50
CA ASN A 21 -19.39 17.80 31.62
C ASN A 21 -18.76 18.98 30.88
N HIS A 22 -17.45 18.91 30.66
CA HIS A 22 -16.77 19.84 29.81
C HIS A 22 -16.67 19.16 28.44
N LEU A 23 -17.26 19.76 27.39
CA LEU A 23 -17.47 19.05 26.11
C LEU A 23 -16.76 19.63 24.89
N ARG A 24 -16.25 18.74 24.05
CA ARG A 24 -15.79 19.12 22.72
C ARG A 24 -16.39 18.21 21.62
N VAL A 25 -16.96 18.82 20.60
CA VAL A 25 -17.54 18.13 19.44
C VAL A 25 -16.87 18.62 18.16
N TYR A 26 -16.36 17.70 17.35
CA TYR A 26 -15.71 18.01 16.06
C TYR A 26 -16.59 17.60 14.89
N PHE A 27 -16.66 18.44 13.88
CA PHE A 27 -17.36 18.08 12.65
C PHE A 27 -16.66 18.70 11.48
N GLN A 28 -17.06 18.36 10.27
CA GLN A 28 -16.52 18.95 9.07
C GLN A 28 -17.47 19.97 8.44
N ASP A 29 -16.91 21.10 8.02
CA ASP A 29 -17.73 22.08 7.33
C ASP A 29 -17.78 21.74 5.84
N VAL A 30 -18.66 22.42 5.14
CA VAL A 30 -18.85 22.22 3.71
C VAL A 30 -17.59 22.34 2.83
N TYR A 31 -16.58 23.04 3.33
CA TYR A 31 -15.27 23.21 2.65
C TYR A 31 -14.25 22.17 3.00
N GLY A 32 -14.57 21.22 3.88
CA GLY A 32 -13.62 20.19 4.27
C GLY A 32 -12.82 20.45 5.54
N SER A 33 -13.01 21.63 6.14
CA SER A 33 -12.27 22.00 7.33
C SER A 33 -12.87 21.28 8.52
N ILE A 34 -12.03 20.75 9.39
CA ILE A 34 -12.54 20.20 10.66
C ILE A 34 -12.60 21.30 11.73
N ARG A 35 -13.81 21.54 12.26
CA ARG A 35 -14.03 22.46 13.38
C ARG A 35 -14.38 21.81 14.72
N GLU A 36 -14.15 22.59 15.79
CA GLU A 36 -14.50 22.25 17.16
C GLU A 36 -15.55 23.17 17.73
N SER A 37 -16.64 22.59 18.20
CA SER A 37 -17.61 23.32 19.00
C SER A 37 -17.36 22.89 20.43
N LEU A 38 -17.78 23.71 21.37
CA LEU A 38 -17.31 23.65 22.73
C LEU A 38 -18.48 23.93 23.66
N TYR A 39 -18.57 23.15 24.74
CA TYR A 39 -19.47 23.47 25.84
C TYR A 39 -18.75 23.52 27.20
N GLU A 40 -18.64 24.71 27.77
CA GLU A 40 -18.26 24.89 29.17
C GLU A 40 -19.34 25.78 29.74
N GLY A 41 -20.43 25.21 30.25
CA GLY A 41 -21.58 25.99 30.78
C GLY A 41 -22.62 26.43 29.76
N SER A 42 -22.13 26.84 28.60
CA SER A 42 -23.00 27.18 27.49
C SER A 42 -22.29 26.77 26.23
N TRP A 43 -23.05 26.68 25.14
CA TRP A 43 -22.51 26.23 23.83
C TRP A 43 -21.85 27.35 23.06
N ALA A 44 -20.71 27.05 22.44
CA ALA A 44 -20.00 28.04 21.71
C ALA A 44 -19.06 27.49 20.62
N ASN A 45 -18.65 28.39 19.72
CA ASN A 45 -17.58 28.15 18.74
C ASN A 45 -18.08 27.46 17.46
N GLY A 46 -17.25 26.66 16.81
CA GLY A 46 -17.72 25.91 15.66
C GLY A 46 -17.73 26.75 14.39
N THR A 47 -17.00 27.85 14.45
CA THR A 47 -16.95 28.75 13.34
C THR A 47 -15.67 28.51 12.62
N GLU A 48 -15.54 29.21 11.51
CA GLU A 48 -14.31 29.23 10.72
C GLU A 48 -13.11 29.72 11.52
N LYS A 49 -13.33 30.42 12.63
CA LYS A 49 -12.21 30.74 13.49
C LYS A 49 -11.79 29.54 14.36
N ASN A 50 -12.54 28.44 14.26
CA ASN A 50 -12.37 27.27 15.12
C ASN A 50 -11.96 26.00 14.36
N VAL A 51 -11.09 26.16 13.39
CA VAL A 51 -10.63 25.13 12.51
C VAL A 51 -9.37 24.52 13.07
N ILE A 52 -9.37 23.20 13.26
CA ILE A 52 -8.22 22.54 13.80
C ILE A 52 -7.38 21.84 12.73
N GLY A 53 -7.86 21.93 11.48
CA GLY A 53 -7.31 21.15 10.37
C GLY A 53 -8.35 20.91 9.28
N ASN A 54 -7.82 20.49 8.14
CA ASN A 54 -8.54 20.16 6.94
C ASN A 54 -8.34 18.64 6.63
N ALA A 55 -9.32 18.04 5.96
CA ALA A 55 -9.32 16.62 5.61
C ALA A 55 -10.17 16.42 4.38
N LYS A 56 -10.02 15.29 3.68
CA LYS A 56 -10.84 15.04 2.51
C LYS A 56 -12.30 15.18 2.89
N LEU A 57 -13.02 15.84 2.02
CA LEU A 57 -14.46 15.90 2.07
C LEU A 57 -15.10 14.51 2.17
N GLY A 58 -15.92 14.35 3.19
CA GLY A 58 -16.64 13.13 3.43
C GLY A 58 -15.84 12.29 4.40
N SER A 59 -14.82 12.87 5.02
CA SER A 59 -13.86 12.07 5.79
C SER A 59 -14.58 11.56 6.98
N PRO A 60 -14.22 10.35 7.45
CA PRO A 60 -14.60 10.03 8.83
C PRO A 60 -13.88 10.95 9.82
N VAL A 61 -14.52 11.19 10.95
CA VAL A 61 -13.97 12.03 12.02
C VAL A 61 -14.11 11.34 13.35
N ALA A 62 -12.98 10.92 13.90
CA ALA A 62 -12.93 10.30 15.23
C ALA A 62 -12.05 11.10 16.19
N ALA A 63 -12.33 10.93 17.48
CA ALA A 63 -11.52 11.56 18.52
C ALA A 63 -11.59 10.80 19.82
N THR A 64 -10.53 10.92 20.57
CA THR A 64 -10.47 10.40 21.90
C THR A 64 -9.60 11.37 22.70
N SER A 65 -9.66 11.28 24.03
CA SER A 65 -8.95 12.18 24.94
C SER A 65 -8.61 11.55 26.32
N LYS A 66 -7.74 12.24 27.04
CA LYS A 66 -7.56 12.05 28.50
C LYS A 66 -8.04 13.34 29.11
N GLU A 67 -9.24 13.28 29.71
CA GLU A 67 -10.01 14.46 30.07
C GLU A 67 -9.85 15.44 28.93
N LEU A 68 -9.60 16.72 29.22
CA LEU A 68 -9.31 17.70 28.20
C LEU A 68 -7.87 18.14 28.24
N LYS A 69 -7.01 17.32 28.81
CA LYS A 69 -5.59 17.64 28.88
C LYS A 69 -4.92 17.28 27.58
N HIS A 70 -5.28 16.10 27.05
CA HIS A 70 -4.73 15.55 25.80
C HIS A 70 -5.88 15.19 24.87
N ILE A 71 -5.92 15.76 23.68
CA ILE A 71 -6.98 15.46 22.71
C ILE A 71 -6.37 15.05 21.38
N ARG A 72 -7.05 14.16 20.67
CA ARG A 72 -6.54 13.64 19.39
C ARG A 72 -7.68 13.40 18.46
N VAL A 73 -7.53 13.91 17.25
CA VAL A 73 -8.58 13.89 16.27
C VAL A 73 -8.06 13.23 14.99
N TYR A 74 -8.83 12.24 14.49
CA TYR A 74 -8.39 11.38 13.41
C TYR A 74 -9.32 11.48 12.21
N THR A 75 -8.67 11.57 11.07
CA THR A 75 -9.33 11.80 9.78
C THR A 75 -8.41 11.25 8.67
N LEU A 76 -8.89 11.31 7.43
CA LEU A 76 -8.10 10.98 6.25
C LEU A 76 -7.68 12.20 5.42
N THR A 77 -6.44 12.16 4.96
CA THR A 77 -5.92 13.06 4.01
C THR A 77 -6.57 12.76 2.66
N GLU A 78 -6.37 13.65 1.70
CA GLU A 78 -6.88 13.46 0.33
C GLU A 78 -6.25 12.23 -0.27
N GLY A 79 -4.97 12.01 0.00
CA GLY A 79 -4.33 10.76 -0.42
C GLY A 79 -4.65 9.53 0.44
N ASN A 80 -5.77 9.53 1.15
CA ASN A 80 -6.22 8.38 1.91
C ASN A 80 -5.25 7.76 2.91
N THR A 81 -4.52 8.61 3.62
CA THR A 81 -3.75 8.14 4.77
C THR A 81 -4.28 8.72 6.04
N LEU A 82 -3.90 8.07 7.12
CA LEU A 82 -4.43 8.37 8.40
C LEU A 82 -3.68 9.58 8.84
N GLN A 83 -4.40 10.58 9.34
CA GLN A 83 -3.73 11.71 9.97
C GLN A 83 -4.33 11.97 11.37
N GLU A 84 -3.75 12.96 12.06
CA GLU A 84 -3.97 13.20 13.48
C GLU A 84 -3.75 14.65 13.84
N PHE A 85 -4.81 15.31 14.33
CA PHE A 85 -4.73 16.66 14.83
C PHE A 85 -4.69 16.62 16.34
N ALA A 86 -3.60 17.09 16.95
CA ALA A 86 -3.39 16.87 18.38
C ALA A 86 -3.53 18.13 19.15
N TYR A 87 -4.20 18.07 20.30
CA TYR A 87 -4.19 19.16 21.29
C TYR A 87 -3.62 18.66 22.62
N ASP A 88 -2.64 19.39 23.12
CA ASP A 88 -2.07 19.17 24.46
C ASP A 88 -2.24 20.46 25.29
N SER A 89 -2.73 20.33 26.51
CA SER A 89 -3.04 21.49 27.38
C SER A 89 -1.75 22.21 27.64
N GLY A 90 -1.73 23.52 27.47
CA GLY A 90 -0.45 24.28 27.54
C GLY A 90 0.44 24.16 26.32
N THR A 91 -0.13 23.74 25.19
CA THR A 91 0.58 23.78 23.89
C THR A 91 -0.32 24.21 22.77
N GLY A 92 -1.56 23.79 22.83
CA GLY A 92 -2.50 24.13 21.80
C GLY A 92 -2.46 23.05 20.72
N TRP A 93 -3.02 23.39 19.58
CA TRP A 93 -3.20 22.41 18.54
C TRP A 93 -2.01 22.37 17.63
N TYR A 94 -1.68 21.16 17.21
CA TYR A 94 -0.62 20.97 16.24
C TYR A 94 -0.92 19.71 15.40
N ASN A 95 -0.03 19.45 14.47
CA ASN A 95 -0.19 18.37 13.54
C ASN A 95 0.49 17.12 14.09
N GLY A 96 -0.31 16.12 14.44
CA GLY A 96 0.23 14.90 15.03
C GLY A 96 1.23 14.10 14.19
N GLY A 97 1.97 13.23 14.88
CA GLY A 97 2.93 12.30 14.32
C GLY A 97 2.36 11.21 13.42
N LEU A 98 1.06 10.92 13.57
CA LEU A 98 0.43 9.85 12.78
C LEU A 98 0.68 10.04 11.28
N GLY A 99 0.52 11.28 10.83
CA GLY A 99 0.54 11.56 9.43
C GLY A 99 1.80 11.12 8.72
N GLY A 100 2.91 11.01 9.45
CA GLY A 100 4.21 10.75 8.85
C GLY A 100 4.51 9.31 8.57
N ALA A 101 3.70 8.45 9.18
CA ALA A 101 3.78 7.03 8.98
C ALA A 101 3.15 6.70 7.66
N LYS A 102 2.31 7.61 7.19
CA LYS A 102 1.65 7.44 5.90
C LYS A 102 0.90 6.13 5.84
N PHE A 103 0.14 5.81 6.90
CA PHE A 103 -0.66 4.60 6.91
C PHE A 103 -1.80 4.75 5.90
N GLN A 104 -1.72 3.93 4.85
CA GLN A 104 -2.63 3.94 3.73
C GLN A 104 -3.84 3.05 4.04
N VAL A 105 -5.04 3.56 3.80
CA VAL A 105 -6.25 2.79 4.10
C VAL A 105 -7.20 2.82 2.90
N ALA A 106 -8.32 2.09 2.97
CA ALA A 106 -9.28 2.13 1.86
C ALA A 106 -9.85 3.53 1.86
N PRO A 107 -10.21 4.07 0.69
CA PRO A 107 -10.86 5.35 0.60
C PRO A 107 -12.12 5.46 1.43
N TYR A 108 -12.85 4.35 1.58
CA TYR A 108 -14.08 4.28 2.34
C TYR A 108 -13.79 3.83 3.79
N SER A 109 -12.53 3.84 4.20
CA SER A 109 -12.26 3.46 5.61
C SER A 109 -12.95 4.37 6.60
N CYS A 110 -13.44 3.80 7.68
CA CYS A 110 -13.92 4.61 8.79
C CYS A 110 -12.76 4.64 9.77
N ILE A 111 -12.92 5.24 10.93
CA ILE A 111 -11.82 5.38 11.92
C ILE A 111 -12.41 5.38 13.32
N ALA A 112 -11.83 4.54 14.21
CA ALA A 112 -12.03 4.73 15.66
C ALA A 112 -10.74 4.84 16.40
N ALA A 113 -10.84 5.52 17.54
CA ALA A 113 -9.67 5.84 18.37
C ALA A 113 -9.98 5.73 19.87
N VAL A 114 -9.01 5.19 20.61
CA VAL A 114 -9.03 5.21 22.07
C VAL A 114 -7.66 5.48 22.66
N PHE A 115 -7.64 6.25 23.77
CA PHE A 115 -6.57 6.18 24.78
C PHE A 115 -6.87 5.01 25.69
N LEU A 116 -5.86 4.17 25.93
CA LEU A 116 -6.08 2.95 26.75
C LEU A 116 -6.30 3.35 28.20
N ALA A 117 -7.31 2.75 28.84
CA ALA A 117 -7.68 3.15 30.19
C ALA A 117 -6.70 2.71 31.27
N GLY A 118 -6.80 3.37 32.43
CA GLY A 118 -6.16 2.91 33.67
C GLY A 118 -4.67 3.12 33.74
N THR A 119 -4.15 3.96 32.86
CA THR A 119 -2.75 4.36 32.87
C THR A 119 -2.72 5.84 32.67
N ASP A 120 -1.65 6.49 33.12
CA ASP A 120 -1.49 7.93 32.91
C ASP A 120 -0.50 8.13 31.74
N ALA A 121 0.18 7.06 31.34
CA ALA A 121 0.96 7.04 30.11
C ALA A 121 0.07 7.32 28.87
N LEU A 122 0.65 7.80 27.78
CA LEU A 122 -0.18 8.15 26.64
C LEU A 122 -0.12 6.98 25.69
N GLN A 123 -1.21 6.21 25.66
CA GLN A 123 -1.21 4.94 24.88
C GLN A 123 -2.38 4.88 23.96
N LEU A 124 -2.10 5.06 22.69
CA LEU A 124 -3.20 5.23 21.71
C LEU A 124 -3.38 3.97 20.87
N ARG A 125 -4.63 3.60 20.65
CA ARG A 125 -4.95 2.55 19.71
C ARG A 125 -5.97 3.07 18.71
N ILE A 126 -5.54 3.14 17.45
CA ILE A 126 -6.38 3.64 16.36
C ILE A 126 -6.76 2.45 15.47
N TYR A 127 -8.00 2.44 15.01
CA TYR A 127 -8.52 1.38 14.15
C TYR A 127 -9.11 1.96 12.85
N ALA A 128 -8.81 1.32 11.73
CA ALA A 128 -9.30 1.71 10.39
C ALA A 128 -9.31 0.47 9.46
N GLN A 129 -9.69 0.64 8.21
CA GLN A 129 -9.88 -0.54 7.31
C GLN A 129 -8.91 -0.52 6.15
N LYS A 130 -8.07 -1.53 6.04
CA LYS A 130 -7.13 -1.57 4.90
C LYS A 130 -7.86 -1.74 3.54
N PRO A 131 -7.13 -1.65 2.41
CA PRO A 131 -7.69 -1.91 1.09
C PRO A 131 -8.18 -3.33 0.92
N ASP A 132 -7.62 -4.28 1.65
CA ASP A 132 -8.16 -5.64 1.64
C ASP A 132 -9.41 -5.79 2.49
N ASN A 133 -9.92 -4.67 3.00
CA ASN A 133 -11.09 -4.70 3.83
C ASN A 133 -10.90 -5.34 5.18
N THR A 134 -9.67 -5.63 5.60
CA THR A 134 -9.48 -6.07 7.00
C THR A 134 -9.48 -4.85 7.93
N ILE A 135 -9.73 -5.08 9.22
CA ILE A 135 -9.62 -4.02 10.24
C ILE A 135 -8.21 -4.06 10.84
N GLN A 136 -7.54 -2.90 10.95
CA GLN A 136 -6.13 -2.91 11.32
C GLN A 136 -5.88 -1.99 12.46
N GLU A 137 -5.14 -2.47 13.45
CA GLU A 137 -4.87 -1.67 14.67
C GLU A 137 -3.58 -0.94 14.45
N TYR A 138 -3.52 0.29 14.94
CA TYR A 138 -2.27 1.07 14.91
C TYR A 138 -1.95 1.58 16.33
N MET A 139 -0.72 1.37 16.79
CA MET A 139 -0.33 1.68 18.19
C MET A 139 0.63 2.83 18.30
N TRP A 140 0.44 3.66 19.34
CA TRP A 140 1.43 4.65 19.80
C TRP A 140 1.68 4.43 21.29
N ASN A 141 2.91 4.09 21.63
CA ASN A 141 3.30 3.71 22.99
C ASN A 141 4.62 4.42 23.41
N GLY A 142 4.76 5.67 22.97
CA GLY A 142 5.92 6.46 23.33
C GLY A 142 7.19 6.27 22.53
N ASP A 143 7.23 5.33 21.58
CA ASP A 143 8.34 5.34 20.57
C ASP A 143 7.85 5.13 19.15
N GLY A 144 6.87 5.93 18.75
CA GLY A 144 6.53 6.06 17.34
C GLY A 144 5.39 5.15 16.93
N TRP A 145 4.64 5.59 15.91
CA TRP A 145 3.50 4.82 15.42
C TRP A 145 3.93 3.50 14.84
N LYS A 146 3.13 2.48 15.06
CA LYS A 146 3.32 1.21 14.40
C LYS A 146 2.00 0.45 14.28
N GLU A 147 1.94 -0.47 13.33
CA GLU A 147 0.84 -1.40 13.23
C GLU A 147 0.77 -2.30 14.49
N GLY A 148 -0.44 -2.52 14.96
CA GLY A 148 -0.72 -3.46 16.03
C GLY A 148 -1.35 -4.68 15.39
N THR A 149 -2.38 -5.23 16.03
CA THR A 149 -3.01 -6.46 15.61
C THR A 149 -3.91 -6.22 14.42
N ASN A 150 -3.97 -7.20 13.53
CA ASN A 150 -4.92 -7.19 12.41
C ASN A 150 -6.08 -8.02 12.86
N LEU A 151 -7.25 -7.45 12.84
CA LEU A 151 -8.42 -8.11 13.31
C LEU A 151 -9.32 -8.56 12.18
N GLY A 152 -8.80 -8.54 10.95
CA GLY A 152 -9.38 -9.32 9.84
C GLY A 152 -10.69 -8.77 9.28
N GLY A 153 -11.22 -9.44 8.26
CA GLY A 153 -12.24 -8.90 7.38
C GLY A 153 -13.49 -8.30 7.99
N ALA A 154 -14.04 -7.33 7.26
CA ALA A 154 -15.33 -6.74 7.56
C ALA A 154 -15.84 -6.09 6.31
N LEU A 155 -17.12 -5.79 6.36
CA LEU A 155 -17.80 -5.10 5.32
C LEU A 155 -17.01 -3.87 4.90
N PRO A 156 -16.75 -3.75 3.58
CA PRO A 156 -16.07 -2.58 3.04
C PRO A 156 -16.87 -1.33 3.31
N GLY A 157 -16.26 -0.39 4.05
CA GLY A 157 -16.93 0.87 4.46
C GLY A 157 -17.60 0.73 5.81
N THR A 158 -17.32 -0.34 6.53
CA THR A 158 -17.97 -0.54 7.81
C THR A 158 -17.79 0.60 8.82
N GLY A 159 -18.78 0.79 9.68
CA GLY A 159 -18.62 1.68 10.84
C GLY A 159 -17.60 1.06 11.78
N ILE A 160 -16.98 1.83 12.65
CA ILE A 160 -16.12 1.29 13.69
C ILE A 160 -16.34 2.04 15.02
N GLY A 161 -16.68 1.28 16.06
CA GLY A 161 -16.74 1.76 17.44
C GLY A 161 -15.62 1.09 18.19
N ALA A 162 -15.20 1.71 19.27
CA ALA A 162 -14.12 1.21 20.10
C ALA A 162 -14.21 1.86 21.45
N THR A 163 -13.74 1.18 22.48
CA THR A 163 -13.65 1.75 23.82
C THR A 163 -12.57 1.01 24.58
N SER A 164 -11.94 1.66 25.55
CA SER A 164 -11.01 0.95 26.47
C SER A 164 -11.49 1.09 27.89
N PHE A 165 -11.17 0.11 28.70
CA PHE A 165 -11.43 0.21 30.11
C PHE A 165 -10.45 -0.66 30.82
N ARG A 166 -10.36 -0.45 32.11
CA ARG A 166 -9.52 -1.25 32.98
C ARG A 166 -10.40 -1.85 34.10
N TYR A 167 -10.47 -3.18 34.11
CA TYR A 167 -11.02 -3.91 35.23
C TYR A 167 -10.09 -3.62 36.40
N THR A 168 -10.62 -3.48 37.62
CA THR A 168 -9.77 -3.24 38.79
C THR A 168 -9.04 -4.49 39.27
N ASP A 169 -9.65 -5.66 39.12
CA ASP A 169 -8.97 -6.93 39.43
C ASP A 169 -7.97 -7.38 38.35
N TYR A 170 -7.71 -6.54 37.36
CA TYR A 170 -6.65 -6.78 36.38
C TYR A 170 -5.68 -5.63 36.35
N ASN A 171 -4.47 -5.91 35.88
CA ASN A 171 -3.41 -4.90 35.81
C ASN A 171 -3.06 -4.52 34.37
N GLY A 172 -4.09 -4.35 33.56
CA GLY A 172 -3.91 -3.88 32.20
C GLY A 172 -5.22 -3.43 31.60
N PRO A 173 -5.14 -2.64 30.52
CA PRO A 173 -6.36 -2.18 29.90
C PRO A 173 -7.00 -3.25 28.99
N SER A 174 -8.33 -3.28 29.00
CA SER A 174 -9.14 -4.02 28.07
C SER A 174 -9.65 -3.14 26.93
N ILE A 175 -9.95 -3.78 25.80
CA ILE A 175 -10.51 -3.09 24.65
C ILE A 175 -11.59 -3.93 23.99
N ARG A 176 -12.61 -3.22 23.53
CA ARG A 176 -13.70 -3.77 22.76
C ARG A 176 -13.83 -2.91 21.52
N ILE A 177 -14.00 -3.55 20.37
CA ILE A 177 -14.38 -2.81 19.18
C ILE A 177 -15.55 -3.50 18.51
N TRP A 178 -16.29 -2.71 17.76
CA TRP A 178 -17.51 -3.13 17.11
C TRP A 178 -17.40 -2.72 15.63
N PHE A 179 -17.95 -3.57 14.76
CA PHE A 179 -18.00 -3.30 13.33
C PHE A 179 -18.96 -4.28 12.63
N GLN A 180 -19.16 -4.05 11.32
CA GLN A 180 -20.12 -4.76 10.45
C GLN A 180 -19.44 -5.81 9.59
N THR A 181 -19.97 -7.04 9.57
CA THR A 181 -19.48 -8.11 8.69
C THR A 181 -20.22 -8.10 7.36
N ASP A 182 -19.64 -8.73 6.35
CA ASP A 182 -20.23 -8.83 4.99
C ASP A 182 -21.72 -9.16 4.98
N ASP A 183 -22.14 -10.03 5.88
CA ASP A 183 -23.56 -10.38 6.08
C ASP A 183 -24.37 -9.34 6.88
N LEU A 184 -23.73 -8.21 7.21
CA LEU A 184 -24.40 -7.00 7.69
C LEU A 184 -24.82 -7.10 9.18
N LYS A 185 -24.25 -8.05 9.86
CA LYS A 185 -24.39 -8.13 11.28
C LYS A 185 -23.46 -7.10 11.81
N LEU A 186 -23.76 -6.69 13.03
CA LEU A 186 -22.85 -5.93 13.84
C LEU A 186 -22.25 -6.90 14.87
N VAL A 187 -20.93 -6.88 14.99
CA VAL A 187 -20.23 -7.73 15.93
C VAL A 187 -19.20 -6.99 16.82
N GLN A 188 -18.82 -7.62 17.91
CA GLN A 188 -17.75 -7.14 18.77
C GLN A 188 -16.52 -8.03 18.65
N ARG A 189 -15.35 -7.42 18.64
CA ARG A 189 -14.11 -8.12 19.03
C ARG A 189 -13.58 -7.52 20.36
N ALA A 190 -12.71 -8.24 21.05
CA ALA A 190 -12.46 -7.93 22.47
C ALA A 190 -11.06 -8.30 22.85
N TYR A 191 -10.38 -7.36 23.49
CA TYR A 191 -9.06 -7.59 24.02
C TYR A 191 -9.10 -7.45 25.53
N ASP A 192 -8.45 -8.39 26.23
CA ASP A 192 -8.18 -8.33 27.65
C ASP A 192 -6.71 -8.62 27.86
N PRO A 193 -6.13 -8.14 28.98
CA PRO A 193 -4.68 -8.19 29.23
C PRO A 193 -4.09 -9.58 29.58
N HIS A 194 -4.89 -10.47 30.16
CA HIS A 194 -4.45 -11.86 30.36
C HIS A 194 -4.64 -12.62 29.06
N LYS A 195 -5.83 -12.56 28.49
CA LYS A 195 -6.16 -13.32 27.28
C LYS A 195 -5.49 -12.84 25.98
N GLY A 196 -5.16 -11.56 25.87
CA GLY A 196 -4.93 -10.98 24.54
C GLY A 196 -6.27 -10.83 23.81
N TRP A 197 -6.22 -10.79 22.47
CA TRP A 197 -7.43 -10.77 21.66
C TRP A 197 -8.12 -12.13 21.67
N TYR A 198 -9.36 -12.18 22.14
CA TYR A 198 -10.16 -13.39 21.96
C TYR A 198 -10.38 -13.63 20.46
N PRO A 199 -10.41 -14.91 20.04
CA PRO A 199 -10.55 -15.21 18.61
C PRO A 199 -11.94 -14.96 18.04
N ASP A 200 -12.95 -14.93 18.91
CA ASP A 200 -14.33 -14.89 18.46
C ASP A 200 -14.96 -13.48 18.26
N LEU A 201 -15.77 -13.38 17.22
CA LEU A 201 -16.61 -12.23 16.98
C LEU A 201 -17.94 -12.63 17.57
N VAL A 202 -18.61 -11.70 18.23
CA VAL A 202 -19.83 -11.92 19.00
C VAL A 202 -20.89 -10.99 18.44
N THR A 203 -21.93 -11.56 17.90
CA THR A 203 -22.95 -10.75 17.31
C THR A 203 -23.61 -9.90 18.39
N ILE A 204 -23.79 -8.60 18.09
CA ILE A 204 -24.62 -7.71 18.90
C ILE A 204 -25.91 -7.31 18.18
N PHE A 205 -25.95 -7.42 16.85
CA PHE A 205 -27.21 -7.11 16.13
C PHE A 205 -27.24 -7.85 14.81
N ASP A 206 -28.39 -8.36 14.45
CA ASP A 206 -28.45 -9.46 13.48
C ASP A 206 -28.32 -8.95 12.07
N ARG A 207 -28.94 -7.80 11.82
CA ARG A 207 -28.89 -7.25 10.50
C ARG A 207 -29.08 -5.74 10.57
N ALA A 208 -28.05 -5.00 10.16
CA ALA A 208 -28.08 -3.52 10.13
C ALA A 208 -27.80 -2.97 8.73
N PRO A 209 -28.25 -1.71 8.44
CA PRO A 209 -28.00 -1.04 7.18
C PRO A 209 -26.55 -1.09 6.81
N PRO A 210 -26.25 -1.17 5.50
CA PRO A 210 -24.88 -1.27 5.09
C PRO A 210 -24.08 0.03 5.36
N ARG A 211 -22.89 -0.12 5.93
CA ARG A 211 -22.07 1.01 6.29
C ARG A 211 -22.73 1.87 7.33
N THR A 212 -23.69 1.36 8.08
CA THR A 212 -24.38 2.16 9.10
C THR A 212 -23.35 2.71 10.07
N ALA A 213 -23.59 3.93 10.57
CA ALA A 213 -22.68 4.53 11.58
C ALA A 213 -22.65 3.71 12.87
N ILE A 214 -21.47 3.42 13.41
CA ILE A 214 -21.33 2.79 14.72
C ILE A 214 -20.49 3.60 15.73
N ALA A 215 -21.05 3.86 16.92
CA ALA A 215 -20.27 4.49 18.01
C ALA A 215 -20.45 3.80 19.37
N ALA A 216 -19.41 3.77 20.21
CA ALA A 216 -19.46 3.08 21.51
C ALA A 216 -18.81 3.84 22.69
N THR A 217 -19.26 3.50 23.90
CA THR A 217 -18.62 3.97 25.13
C THR A 217 -18.81 2.94 26.23
N SER A 218 -18.06 3.11 27.30
CA SER A 218 -18.09 2.26 28.49
C SER A 218 -17.90 3.13 29.75
N PHE A 219 -18.43 2.66 30.88
CA PHE A 219 -18.31 3.32 32.18
C PHE A 219 -18.46 2.23 33.26
N GLY A 220 -18.12 2.62 34.49
CA GLY A 220 -18.26 1.77 35.67
C GLY A 220 -17.45 0.49 35.63
N ALA A 221 -16.22 0.57 35.13
CA ALA A 221 -15.29 -0.53 35.27
C ALA A 221 -15.13 -0.92 36.75
N GLY A 222 -15.35 -2.21 37.04
CA GLY A 222 -15.06 -2.80 38.36
C GLY A 222 -14.20 -4.06 38.24
N ASN A 223 -14.61 -5.13 38.93
CA ASN A 223 -13.86 -6.40 38.97
C ASN A 223 -14.52 -7.41 38.09
N SER A 224 -13.86 -7.75 36.98
CA SER A 224 -14.51 -8.46 35.86
C SER A 224 -15.88 -7.86 35.45
N SER A 225 -16.13 -6.59 35.80
CA SER A 225 -17.42 -5.92 35.55
C SER A 225 -17.25 -4.70 34.63
N ILE A 226 -18.28 -4.41 33.83
CA ILE A 226 -18.30 -3.28 32.92
C ILE A 226 -19.71 -2.97 32.44
N TYR A 227 -19.94 -1.71 32.06
CA TYR A 227 -21.18 -1.34 31.41
C TYR A 227 -20.85 -0.67 30.07
N MET A 228 -21.35 -1.25 28.95
CA MET A 228 -21.05 -0.71 27.62
C MET A 228 -22.33 -0.30 26.93
N ARG A 229 -22.20 0.68 26.03
CA ARG A 229 -23.31 1.12 25.18
C ARG A 229 -22.84 1.36 23.74
N ILE A 230 -23.46 0.67 22.77
CA ILE A 230 -23.14 0.83 21.35
C ILE A 230 -24.37 1.35 20.65
N TYR A 231 -24.18 2.31 19.74
CA TYR A 231 -25.25 2.98 18.98
C TYR A 231 -24.99 2.80 17.51
N PHE A 232 -26.06 2.68 16.72
CA PHE A 232 -25.93 2.63 15.28
C PHE A 232 -27.21 3.19 14.67
N VAL A 233 -27.12 3.60 13.39
CA VAL A 233 -28.30 4.05 12.63
C VAL A 233 -28.96 2.80 12.01
N ASN A 234 -30.24 2.61 12.30
CA ASN A 234 -31.01 1.45 11.81
C ASN A 234 -31.82 1.76 10.55
N SER A 235 -32.44 0.72 10.03
CA SER A 235 -33.24 0.81 8.80
C SER A 235 -34.44 1.75 8.95
N ASP A 236 -34.83 2.04 10.19
CA ASP A 236 -35.94 2.98 10.46
C ASP A 236 -35.48 4.44 10.49
N ASN A 237 -34.21 4.71 10.15
CA ASN A 237 -33.65 6.07 10.22
C ASN A 237 -33.68 6.67 11.63
N THR A 238 -33.32 5.87 12.64
CA THR A 238 -33.25 6.32 14.03
C THR A 238 -31.97 5.68 14.52
N ILE A 239 -31.38 6.28 15.53
CA ILE A 239 -30.28 5.66 16.24
C ILE A 239 -30.85 4.58 17.14
N TRP A 240 -30.26 3.41 17.12
CA TRP A 240 -30.61 2.41 18.12
C TRP A 240 -29.48 2.28 19.10
N GLN A 241 -29.83 1.99 20.34
CA GLN A 241 -28.90 1.74 21.43
C GLN A 241 -28.95 0.27 21.75
N VAL A 242 -27.79 -0.32 21.98
CA VAL A 242 -27.61 -1.70 22.45
C VAL A 242 -26.82 -1.77 23.79
N CSX A 243 -27.46 -2.22 24.89
CA CSX A 243 -26.83 -2.28 26.24
CB CSX A 243 -27.95 -2.04 27.26
SG CSX A 243 -28.80 -0.62 26.80
C CSX A 243 -26.12 -3.57 26.62
O CSX A 243 -26.63 -4.70 26.46
OD CSX A 243 -29.97 -0.95 25.90
N TRP A 244 -24.91 -3.42 27.15
CA TRP A 244 -24.27 -4.43 27.97
C TRP A 244 -24.29 -3.91 29.40
N ASP A 245 -24.97 -4.64 30.28
CA ASP A 245 -24.85 -4.41 31.71
C ASP A 245 -24.33 -5.68 32.35
N HIS A 246 -23.44 -5.53 33.33
CA HIS A 246 -22.77 -6.67 33.95
C HIS A 246 -23.73 -7.72 34.45
N GLY A 247 -23.49 -8.97 34.08
CA GLY A 247 -24.35 -10.09 34.47
C GLY A 247 -25.46 -10.29 33.47
N LYS A 248 -26.15 -9.23 33.09
CA LYS A 248 -27.19 -9.36 32.07
C LYS A 248 -26.55 -9.69 30.71
N GLY A 249 -25.37 -9.14 30.48
CA GLY A 249 -24.76 -9.19 29.16
C GLY A 249 -25.52 -8.32 28.16
N TYR A 250 -25.39 -8.69 26.88
CA TYR A 250 -26.06 -7.99 25.80
C TYR A 250 -27.50 -8.38 25.88
N HIS A 251 -28.30 -7.53 26.53
CA HIS A 251 -29.62 -7.93 26.99
C HIS A 251 -30.74 -7.07 26.47
N ASP A 252 -30.43 -5.99 25.79
CA ASP A 252 -31.49 -5.14 25.28
C ASP A 252 -30.98 -4.30 24.16
N LYS A 253 -31.92 -3.95 23.29
CA LYS A 253 -31.74 -2.90 22.33
C LYS A 253 -33.06 -2.29 22.00
N GLY A 254 -33.02 -1.05 21.55
CA GLY A 254 -34.22 -0.41 21.10
C GLY A 254 -33.80 0.88 20.48
N THR A 255 -34.78 1.66 20.08
CA THR A 255 -34.53 2.87 19.37
C THR A 255 -34.31 3.99 20.39
N ILE A 256 -33.70 5.09 19.97
CA ILE A 256 -33.44 6.19 20.88
C ILE A 256 -34.02 7.48 20.30
N THR A 257 -33.56 7.88 19.13
CA THR A 257 -34.04 9.09 18.54
C THR A 257 -33.91 9.02 17.03
N PRO A 258 -34.79 9.73 16.32
CA PRO A 258 -34.79 9.91 14.88
C PRO A 258 -33.58 10.65 14.37
N VAL A 259 -33.02 10.20 13.25
CA VAL A 259 -31.96 10.90 12.53
C VAL A 259 -32.26 10.99 11.02
N ILE A 260 -31.45 11.79 10.32
CA ILE A 260 -31.54 11.90 8.88
C ILE A 260 -30.96 10.63 8.30
N GLN A 261 -31.39 10.28 7.10
CA GLN A 261 -30.86 9.13 6.42
C GLN A 261 -29.35 9.33 6.35
N GLY A 262 -28.60 8.32 6.74
CA GLY A 262 -27.14 8.37 6.65
C GLY A 262 -26.46 9.28 7.67
N SER A 263 -27.13 9.65 8.75
CA SER A 263 -26.43 10.41 9.79
C SER A 263 -25.23 9.67 10.41
N GLU A 264 -24.19 10.42 10.78
CA GLU A 264 -23.18 9.83 11.63
C GLU A 264 -23.60 9.97 13.08
N VAL A 265 -22.85 9.41 14.01
CA VAL A 265 -23.20 9.41 15.42
C VAL A 265 -21.93 9.48 16.23
N ALA A 266 -21.92 10.31 17.26
CA ALA A 266 -20.85 10.31 18.27
C ALA A 266 -21.42 10.11 19.66
N ILE A 267 -20.69 9.39 20.49
CA ILE A 267 -21.13 9.10 21.83
C ILE A 267 -20.02 9.49 22.80
N ILE A 268 -20.41 10.13 23.90
CA ILE A 268 -19.52 10.29 25.08
C ILE A 268 -20.26 9.93 26.38
N SER A 269 -19.50 9.60 27.41
CA SER A 269 -20.07 9.28 28.73
C SER A 269 -19.17 9.72 29.87
N TRP A 270 -19.79 10.02 31.02
CA TRP A 270 -19.08 10.21 32.29
C TRP A 270 -19.91 9.83 33.53
N GLY A 271 -19.18 9.41 34.55
CA GLY A 271 -19.71 8.94 35.83
C GLY A 271 -19.97 7.45 35.78
N SER A 272 -20.88 6.98 36.63
CA SER A 272 -21.33 5.57 36.74
C SER A 272 -22.54 5.46 37.65
N PHE A 273 -23.16 4.29 37.72
CA PHE A 273 -24.39 4.10 38.55
C PHE A 273 -24.15 4.34 40.02
N ALA A 274 -22.95 4.05 40.49
CA ALA A 274 -22.59 4.29 41.90
C ALA A 274 -22.85 5.71 42.35
N ASN A 275 -22.45 6.66 41.49
CA ASN A 275 -22.43 8.08 41.86
C ASN A 275 -23.37 8.92 41.03
N ASN A 276 -24.64 8.56 41.07
CA ASN A 276 -25.68 9.29 40.35
C ASN A 276 -25.33 9.52 38.90
N GLY A 277 -24.70 8.52 38.27
CA GLY A 277 -24.41 8.53 36.86
C GLY A 277 -24.94 7.26 36.21
N PRO A 278 -24.58 6.98 34.97
CA PRO A 278 -23.68 7.76 34.23
C PRO A 278 -24.41 8.94 33.66
N ASP A 279 -23.66 9.75 32.93
CA ASP A 279 -24.20 10.70 31.97
C ASP A 279 -23.81 10.24 30.56
N LEU A 280 -24.73 10.37 29.60
CA LEU A 280 -24.47 10.09 28.21
C LEU A 280 -24.87 11.27 27.33
N ARG A 281 -24.01 11.60 26.37
CA ARG A 281 -24.35 12.55 25.33
C ARG A 281 -24.08 11.92 23.95
N LEU A 282 -25.06 12.07 23.08
CA LEU A 282 -25.05 11.50 21.72
C LEU A 282 -25.13 12.63 20.76
N TYR A 283 -24.30 12.66 19.71
CA TYR A 283 -24.41 13.71 18.65
C TYR A 283 -24.68 13.14 17.24
N PHE A 284 -25.41 13.88 16.41
CA PHE A 284 -25.93 13.31 15.16
C PHE A 284 -26.66 14.40 14.40
N GLN A 285 -27.13 14.09 13.19
CA GLN A 285 -28.00 15.05 12.49
C GLN A 285 -29.42 14.53 12.39
N ASN A 286 -30.38 15.39 12.66
CA ASN A 286 -31.78 14.98 12.62
C ASN A 286 -32.64 15.88 11.81
N GLY A 287 -32.02 16.75 11.05
CA GLY A 287 -32.75 17.75 10.27
C GLY A 287 -32.98 19.10 10.91
N THR A 288 -32.52 19.32 12.12
CA THR A 288 -32.69 20.64 12.73
C THR A 288 -31.91 21.70 11.91
N TYR A 289 -32.64 22.67 11.38
CA TYR A 289 -32.07 23.70 10.48
C TYR A 289 -31.43 22.97 9.34
N ILE A 290 -32.06 21.84 8.99
CA ILE A 290 -31.67 21.01 7.88
C ILE A 290 -30.38 20.26 8.10
N SER A 291 -29.33 21.04 8.32
CA SER A 291 -27.97 20.58 8.34
C SER A 291 -27.30 20.77 9.71
N ALA A 292 -28.03 21.19 10.73
CA ALA A 292 -27.39 21.36 12.07
C ALA A 292 -27.02 20.03 12.72
N VAL A 293 -25.97 20.01 13.53
CA VAL A 293 -25.74 18.88 14.46
C VAL A 293 -26.58 19.00 15.71
N SER A 294 -27.11 17.87 16.18
CA SER A 294 -27.98 17.85 17.35
C SER A 294 -27.49 16.95 18.49
N GLU A 295 -28.09 17.10 19.66
CA GLU A 295 -27.66 16.40 20.86
C GLU A 295 -28.81 15.68 21.53
N TRP A 296 -28.53 14.50 22.01
CA TRP A 296 -29.41 13.75 22.89
C TRP A 296 -28.71 13.47 24.21
N VAL A 297 -29.46 13.55 25.29
CA VAL A 297 -28.91 13.51 26.63
C VAL A 297 -29.52 12.30 27.39
N TRP A 298 -28.68 11.56 28.09
CA TRP A 298 -29.16 10.72 29.17
C TRP A 298 -28.50 11.12 30.51
N ASN A 299 -29.34 11.32 31.53
CA ASN A 299 -28.86 11.47 32.92
C ASN A 299 -29.81 10.89 33.96
N ARG A 300 -29.40 10.92 35.22
CA ARG A 300 -30.21 10.37 36.31
C ARG A 300 -31.40 11.23 36.69
N ALA A 301 -31.24 12.53 36.60
CA ALA A 301 -32.34 13.42 36.97
C ALA A 301 -33.54 13.22 36.03
N HIS A 302 -33.28 13.26 34.73
CA HIS A 302 -34.36 13.36 33.75
C HIS A 302 -34.43 12.23 32.72
N GLY A 303 -33.48 11.31 32.75
CA GLY A 303 -33.51 10.17 31.82
C GLY A 303 -33.27 10.59 30.37
N SER A 304 -34.11 10.08 29.50
CA SER A 304 -33.90 10.18 28.07
C SER A 304 -34.46 11.49 27.49
N GLN A 305 -33.58 12.43 27.13
CA GLN A 305 -33.97 13.78 26.62
C GLN A 305 -33.17 14.28 25.41
N LEU A 306 -33.87 14.90 24.46
CA LEU A 306 -33.22 15.77 23.46
C LEU A 306 -32.55 16.94 24.14
N GLY A 307 -31.29 17.19 23.80
CA GLY A 307 -30.52 18.26 24.41
C GLY A 307 -30.52 19.52 23.58
N ARG A 308 -29.33 20.05 23.34
CA ARG A 308 -29.12 21.18 22.46
C ARG A 308 -29.71 20.93 21.05
N SER A 309 -30.76 21.69 20.70
CA SER A 309 -31.46 21.59 19.41
C SER A 309 -30.44 21.61 18.29
N ALA A 310 -29.61 22.65 18.27
CA ALA A 310 -28.57 22.79 17.26
C ALA A 310 -27.27 23.33 17.78
N LEU A 311 -26.18 22.61 17.54
CA LEU A 311 -24.89 23.00 18.06
C LEU A 311 -24.37 24.22 17.31
N PRO A 312 -23.54 25.05 17.97
CA PRO A 312 -22.72 26.07 17.25
C PRO A 312 -22.14 25.45 15.98
N PRO A 313 -22.07 26.21 14.87
CA PRO A 313 -22.34 27.63 14.69
C PRO A 313 -23.77 27.88 14.32
N ALA A 314 -24.64 26.88 14.47
CA ALA A 314 -26.01 27.03 14.02
C ALA A 314 -26.73 28.17 14.75
N SER B 1 -18.47 -8.11 -1.65
CA SER B 1 -18.29 -6.96 -2.58
C SER B 1 -17.29 -7.37 -3.67
N THR B 2 -17.02 -6.43 -4.58
CA THR B 2 -16.10 -6.65 -5.67
C THR B 2 -15.14 -5.49 -5.75
N PRO B 3 -13.88 -5.76 -6.14
CA PRO B 3 -12.92 -4.66 -6.24
C PRO B 3 -13.40 -3.55 -7.17
N GLY B 4 -14.35 -3.89 -8.06
CA GLY B 4 -14.98 -2.95 -8.96
C GLY B 4 -16.05 -2.14 -8.23
N ALA B 5 -16.95 -2.81 -7.53
CA ALA B 5 -17.96 -2.09 -6.75
C ALA B 5 -17.36 -1.07 -5.72
N GLN B 6 -16.27 -1.47 -5.06
CA GLN B 6 -15.62 -0.69 -4.01
C GLN B 6 -15.09 0.66 -4.51
N GLN B 7 -15.04 0.82 -5.84
CA GLN B 7 -14.54 2.01 -6.49
C GLN B 7 -15.59 3.13 -6.64
N VAL B 8 -16.87 2.80 -6.48
CA VAL B 8 -17.95 3.77 -6.73
C VAL B 8 -18.19 4.48 -5.42
N LEU B 9 -18.44 5.79 -5.43
CA LEU B 9 -18.56 6.54 -4.18
C LEU B 9 -19.92 6.23 -3.63
N PHE B 10 -20.00 5.93 -2.33
CA PHE B 10 -21.26 5.67 -1.63
C PHE B 10 -22.04 6.96 -1.61
N ARG B 11 -23.33 6.88 -1.90
CA ARG B 11 -24.13 8.08 -2.20
C ARG B 11 -23.59 9.00 -3.29
N THR B 12 -22.77 8.48 -4.21
CA THR B 12 -22.37 9.21 -5.44
C THR B 12 -23.56 9.83 -6.09
N GLY B 13 -23.37 11.03 -6.66
CA GLY B 13 -24.35 11.61 -7.59
C GLY B 13 -24.46 10.76 -8.85
N ILE B 14 -25.65 10.73 -9.44
CA ILE B 14 -25.86 9.90 -10.64
C ILE B 14 -26.58 10.67 -11.71
N ALA B 15 -26.03 10.68 -12.90
CA ALA B 15 -26.86 11.13 -14.02
C ALA B 15 -26.88 10.12 -15.14
N ALA B 16 -27.91 10.19 -15.98
CA ALA B 16 -27.96 9.37 -17.18
C ALA B 16 -28.42 10.10 -18.43
N VAL B 17 -27.82 9.72 -19.57
CA VAL B 17 -28.33 10.11 -20.89
C VAL B 17 -28.52 8.87 -21.81
N ASN B 18 -29.27 9.08 -22.91
CA ASN B 18 -29.57 8.06 -23.89
C ASN B 18 -29.99 8.61 -25.23
N SER B 19 -29.82 7.76 -26.24
CA SER B 19 -30.65 7.72 -27.42
C SER B 19 -31.31 6.34 -27.48
N THR B 20 -32.64 6.33 -27.43
CA THR B 20 -33.39 5.11 -27.27
C THR B 20 -32.68 4.25 -26.24
N ASN B 21 -32.46 2.98 -26.53
CA ASN B 21 -31.88 2.04 -25.58
C ASN B 21 -30.33 1.98 -25.65
N HIS B 22 -29.72 3.09 -26.04
CA HIS B 22 -28.28 3.28 -26.05
C HIS B 22 -27.93 4.23 -24.90
N LEU B 23 -27.28 3.74 -23.87
CA LEU B 23 -27.32 4.42 -22.58
C LEU B 23 -25.96 4.83 -22.15
N ARG B 24 -25.89 6.00 -21.52
CA ARG B 24 -24.71 6.40 -20.77
C ARG B 24 -25.10 6.77 -19.33
N VAL B 25 -24.27 6.39 -18.37
CA VAL B 25 -24.52 6.65 -16.97
C VAL B 25 -23.24 7.27 -16.46
N TYR B 26 -23.39 8.29 -15.63
CA TYR B 26 -22.23 8.93 -15.04
C TYR B 26 -22.28 8.87 -13.50
N PHE B 27 -21.14 8.81 -12.88
CA PHE B 27 -21.11 8.65 -11.46
C PHE B 27 -19.75 9.06 -10.97
N GLN B 28 -19.59 9.19 -9.66
CA GLN B 28 -18.31 9.58 -9.12
C GLN B 28 -17.63 8.42 -8.46
N ASP B 29 -16.30 8.35 -8.60
CA ASP B 29 -15.59 7.33 -7.92
C ASP B 29 -15.01 7.88 -6.61
N VAL B 30 -14.49 6.97 -5.81
CA VAL B 30 -14.04 7.33 -4.51
C VAL B 30 -12.92 8.37 -4.50
N TYR B 31 -12.21 8.56 -5.62
CA TYR B 31 -11.12 9.50 -5.70
C TYR B 31 -11.61 10.86 -6.22
N GLY B 32 -12.86 10.98 -6.59
CA GLY B 32 -13.30 12.26 -7.06
C GLY B 32 -13.61 12.32 -8.54
N SER B 33 -13.10 11.35 -9.31
CA SER B 33 -13.26 11.31 -10.76
C SER B 33 -14.64 11.01 -11.20
N ILE B 34 -15.07 11.62 -12.31
CA ILE B 34 -16.40 11.32 -12.88
C ILE B 34 -16.13 10.31 -13.98
N ARG B 35 -16.81 9.15 -13.93
CA ARG B 35 -16.56 8.02 -14.83
C ARG B 35 -17.81 7.72 -15.63
N GLU B 36 -17.65 7.28 -16.88
CA GLU B 36 -18.81 6.87 -17.71
C GLU B 36 -18.87 5.35 -17.83
N SER B 37 -20.06 4.81 -17.59
CA SER B 37 -20.39 3.43 -17.90
C SER B 37 -21.40 3.48 -19.05
N LEU B 38 -21.51 2.40 -19.81
CA LEU B 38 -22.14 2.45 -21.11
C LEU B 38 -22.93 1.19 -21.40
N TYR B 39 -24.02 1.34 -22.16
CA TYR B 39 -24.83 0.23 -22.64
C TYR B 39 -25.12 0.30 -24.15
N GLU B 40 -24.41 -0.54 -24.91
CA GLU B 40 -24.60 -0.69 -26.36
C GLU B 40 -24.87 -2.17 -26.59
N GLY B 41 -26.11 -2.60 -26.36
CA GLY B 41 -26.47 -4.01 -26.45
C GLY B 41 -26.03 -4.80 -25.24
N SER B 42 -24.84 -4.50 -24.72
CA SER B 42 -24.45 -4.90 -23.38
C SER B 42 -23.76 -3.77 -22.55
N TRP B 43 -23.57 -4.03 -21.26
CA TRP B 43 -23.03 -3.03 -20.27
C TRP B 43 -21.51 -3.04 -20.19
N ALA B 44 -20.87 -1.88 -20.27
CA ALA B 44 -19.43 -1.89 -20.17
C ALA B 44 -18.87 -0.65 -19.52
N ASN B 45 -17.55 -0.68 -19.37
CA ASN B 45 -16.75 0.47 -18.99
C ASN B 45 -16.95 0.82 -17.51
N GLY B 46 -16.78 2.08 -17.15
CA GLY B 46 -16.86 2.52 -15.78
C GLY B 46 -15.56 2.32 -15.01
N THR B 47 -14.46 2.07 -15.74
CA THR B 47 -13.19 1.80 -15.09
C THR B 47 -12.44 3.10 -14.88
N GLU B 48 -11.22 3.00 -14.34
CA GLU B 48 -10.30 4.13 -14.28
C GLU B 48 -9.92 4.72 -15.64
N LYS B 49 -10.13 3.95 -16.71
CA LYS B 49 -9.83 4.39 -18.07
C LYS B 49 -10.95 5.19 -18.68
N ASN B 50 -12.11 5.24 -17.99
CA ASN B 50 -13.32 5.87 -18.54
C ASN B 50 -13.64 7.22 -17.86
N VAL B 51 -12.60 7.91 -17.41
CA VAL B 51 -12.73 9.12 -16.61
C VAL B 51 -12.84 10.35 -17.53
N ILE B 52 -13.96 11.06 -17.45
CA ILE B 52 -14.14 12.28 -18.24
C ILE B 52 -13.71 13.52 -17.45
N GLY B 53 -13.51 13.40 -16.14
CA GLY B 53 -12.95 14.52 -15.38
C GLY B 53 -12.95 14.29 -13.89
N ASN B 54 -12.59 15.34 -13.15
CA ASN B 54 -12.70 15.34 -11.69
C ASN B 54 -13.65 16.40 -11.24
N ALA B 55 -14.15 16.19 -10.03
CA ALA B 55 -15.09 17.08 -9.39
C ALA B 55 -14.84 17.00 -7.87
N LYS B 56 -15.34 17.97 -7.10
CA LYS B 56 -15.34 17.90 -5.65
C LYS B 56 -16.03 16.61 -5.19
N LEU B 57 -15.43 15.97 -4.23
CA LEU B 57 -15.97 14.73 -3.73
C LEU B 57 -17.34 15.05 -3.15
N GLY B 58 -18.36 14.31 -3.52
CA GLY B 58 -19.68 14.59 -3.01
C GLY B 58 -20.46 15.38 -4.03
N SER B 59 -19.82 15.74 -5.13
CA SER B 59 -20.48 16.60 -6.11
C SER B 59 -21.78 16.02 -6.60
N PRO B 60 -22.77 16.90 -6.82
CA PRO B 60 -23.82 16.50 -7.73
C PRO B 60 -23.26 16.17 -9.12
N VAL B 61 -24.01 15.33 -9.83
CA VAL B 61 -23.66 14.84 -11.16
C VAL B 61 -24.95 14.85 -11.91
N ALA B 62 -25.03 15.78 -12.87
CA ALA B 62 -26.15 15.93 -13.75
C ALA B 62 -25.64 15.81 -15.18
N ALA B 63 -26.52 15.38 -16.08
CA ALA B 63 -26.14 15.11 -17.46
C ALA B 63 -27.36 15.43 -18.34
N THR B 64 -27.10 15.89 -19.57
CA THR B 64 -28.18 16.09 -20.57
C THR B 64 -27.59 15.72 -21.94
N SER B 65 -28.42 15.47 -22.94
CA SER B 65 -27.86 15.16 -24.27
C SER B 65 -28.77 15.43 -25.47
N LYS B 66 -28.17 15.53 -26.65
CA LYS B 66 -28.95 15.49 -27.93
C LYS B 66 -28.64 14.16 -28.56
N GLU B 67 -29.58 13.24 -28.40
CA GLU B 67 -29.29 11.81 -28.49
C GLU B 67 -27.90 11.52 -27.92
N LEU B 68 -27.04 10.78 -28.62
CA LEU B 68 -25.66 10.61 -28.19
C LEU B 68 -24.70 11.38 -29.06
N LYS B 69 -25.18 12.37 -29.78
CA LYS B 69 -24.31 13.21 -30.61
C LYS B 69 -23.63 14.33 -29.80
N HIS B 70 -24.37 14.85 -28.84
CA HIS B 70 -23.92 15.87 -27.92
C HIS B 70 -24.37 15.52 -26.52
N ILE B 71 -23.39 15.41 -25.63
CA ILE B 71 -23.60 15.04 -24.21
C ILE B 71 -22.90 16.08 -23.33
N ARG B 72 -23.60 16.51 -22.27
CA ARG B 72 -23.05 17.51 -21.34
C ARG B 72 -23.24 17.08 -19.91
N VAL B 73 -22.13 17.01 -19.17
CA VAL B 73 -22.11 16.48 -17.83
C VAL B 73 -21.71 17.59 -16.85
N TYR B 74 -22.62 17.96 -15.95
CA TYR B 74 -22.43 19.09 -15.05
C TYR B 74 -22.13 18.67 -13.59
N THR B 75 -21.03 19.23 -13.05
CA THR B 75 -20.56 19.00 -11.69
C THR B 75 -20.05 20.31 -11.05
N LEU B 76 -19.63 20.20 -9.78
CA LEU B 76 -19.00 21.33 -9.07
C LEU B 76 -17.50 21.13 -8.82
N THR B 77 -16.72 22.19 -9.03
CA THR B 77 -15.32 22.22 -8.64
C THR B 77 -15.09 22.31 -7.11
N GLU B 78 -13.84 22.12 -6.70
CA GLU B 78 -13.46 22.27 -5.30
C GLU B 78 -13.85 23.66 -4.75
N GLY B 79 -13.80 24.68 -5.62
CA GLY B 79 -14.21 26.05 -5.30
C GLY B 79 -15.67 26.34 -5.57
N ASN B 80 -16.52 25.33 -5.65
CA ASN B 80 -17.95 25.57 -5.78
C ASN B 80 -18.39 26.47 -6.92
N THR B 81 -17.76 26.33 -8.08
CA THR B 81 -18.33 26.84 -9.33
C THR B 81 -18.89 25.70 -10.13
N LEU B 82 -19.92 26.02 -10.91
CA LEU B 82 -20.43 25.12 -11.93
C LEU B 82 -19.36 24.83 -12.99
N GLN B 83 -19.14 23.55 -13.32
CA GLN B 83 -18.23 23.14 -14.43
C GLN B 83 -18.97 22.18 -15.37
N GLU B 84 -18.33 21.80 -16.47
CA GLU B 84 -19.00 21.09 -17.55
C GLU B 84 -18.04 20.25 -18.35
N PHE B 85 -18.39 18.97 -18.53
CA PHE B 85 -17.62 18.14 -19.43
C PHE B 85 -18.47 17.87 -20.65
N ALA B 86 -17.85 18.11 -21.81
CA ALA B 86 -18.53 18.09 -23.11
C ALA B 86 -18.10 16.93 -24.03
N TYR B 87 -19.09 16.24 -24.56
CA TYR B 87 -18.79 15.34 -25.67
C TYR B 87 -19.59 15.73 -26.92
N ASP B 88 -18.89 15.94 -28.03
CA ASP B 88 -19.52 16.02 -29.37
C ASP B 88 -18.95 14.94 -30.29
N SER B 89 -19.80 14.24 -31.04
CA SER B 89 -19.31 13.18 -32.00
C SER B 89 -18.28 13.77 -32.88
N GLY B 90 -17.17 13.06 -33.05
CA GLY B 90 -16.11 13.45 -33.96
C GLY B 90 -15.02 14.24 -33.27
N THR B 91 -15.31 14.73 -32.06
CA THR B 91 -14.36 15.53 -31.30
C THR B 91 -13.80 14.75 -30.13
N GLY B 92 -14.68 14.10 -29.36
CA GLY B 92 -14.29 13.42 -28.13
C GLY B 92 -14.73 14.24 -26.90
N TRP B 93 -14.03 14.05 -25.80
CA TRP B 93 -14.40 14.68 -24.52
C TRP B 93 -13.59 15.93 -24.24
N TYR B 94 -14.23 17.01 -23.81
CA TYR B 94 -13.50 18.22 -23.40
C TYR B 94 -14.15 18.98 -22.26
N ASN B 95 -13.42 19.90 -21.67
CA ASN B 95 -14.02 20.83 -20.73
C ASN B 95 -14.75 21.88 -21.55
N GLY B 96 -16.05 21.98 -21.34
CA GLY B 96 -16.85 23.03 -21.92
C GLY B 96 -16.60 24.34 -21.21
N GLY B 97 -17.25 25.39 -21.67
CA GLY B 97 -16.91 26.74 -21.26
C GLY B 97 -17.52 27.22 -19.95
N LEU B 98 -18.39 26.42 -19.36
CA LEU B 98 -19.19 26.87 -18.24
C LEU B 98 -18.26 27.24 -17.10
N GLY B 99 -17.33 26.36 -16.83
CA GLY B 99 -16.22 26.65 -15.92
C GLY B 99 -15.67 28.06 -16.06
N GLY B 100 -15.61 28.52 -17.30
CA GLY B 100 -15.00 29.80 -17.59
C GLY B 100 -15.73 30.91 -16.89
N ALA B 101 -17.06 30.85 -16.84
CA ALA B 101 -17.86 31.91 -16.24
C ALA B 101 -17.68 32.10 -14.72
N LYS B 102 -17.16 31.06 -14.05
CA LYS B 102 -16.91 31.05 -12.60
C LYS B 102 -18.15 31.41 -11.81
N PHE B 103 -19.23 30.69 -12.12
CA PHE B 103 -20.51 30.85 -11.44
C PHE B 103 -20.43 30.18 -10.08
N GLN B 104 -20.48 30.98 -9.01
CA GLN B 104 -20.31 30.45 -7.69
C GLN B 104 -21.66 30.00 -7.20
N VAL B 105 -21.75 28.81 -6.61
CA VAL B 105 -23.03 28.34 -6.09
C VAL B 105 -22.84 27.94 -4.62
N ALA B 106 -23.93 27.78 -3.90
CA ALA B 106 -23.85 27.30 -2.52
C ALA B 106 -23.10 25.98 -2.53
N PRO B 107 -22.19 25.78 -1.59
CA PRO B 107 -21.41 24.55 -1.55
C PRO B 107 -22.25 23.26 -1.62
N TYR B 108 -23.52 23.41 -1.25
CA TYR B 108 -24.44 22.37 -1.07
C TYR B 108 -25.47 22.37 -2.22
N SER B 109 -25.19 23.08 -3.31
CA SER B 109 -26.12 23.10 -4.43
C SER B 109 -26.21 21.74 -5.08
N CYS B 110 -27.39 21.39 -5.58
CA CYS B 110 -27.46 20.34 -6.58
C CYS B 110 -27.43 21.00 -7.98
N ILE B 111 -27.64 20.20 -9.02
CA ILE B 111 -27.66 20.71 -10.38
C ILE B 111 -28.66 19.94 -11.22
N ALA B 112 -29.36 20.65 -12.09
CA ALA B 112 -30.16 20.00 -13.14
C ALA B 112 -29.79 20.65 -14.43
N ALA B 113 -29.97 19.91 -15.54
CA ALA B 113 -29.56 20.40 -16.85
C ALA B 113 -30.44 19.83 -17.95
N VAL B 114 -30.79 20.66 -18.91
CA VAL B 114 -31.50 20.20 -20.10
C VAL B 114 -31.04 20.92 -21.34
N PHE B 115 -30.99 20.19 -22.47
CA PHE B 115 -30.96 20.80 -23.80
C PHE B 115 -32.43 21.11 -24.12
N LEU B 116 -32.73 22.28 -24.69
CA LEU B 116 -34.15 22.60 -25.04
C LEU B 116 -34.62 21.69 -26.16
N ALA B 117 -35.88 21.30 -26.12
CA ALA B 117 -36.35 20.23 -27.02
C ALA B 117 -36.87 20.81 -28.32
N GLY B 118 -36.69 20.07 -29.42
CA GLY B 118 -37.22 20.46 -30.73
C GLY B 118 -36.48 21.60 -31.40
N THR B 119 -35.16 21.59 -31.30
CA THR B 119 -34.31 22.38 -32.21
C THR B 119 -33.02 21.62 -32.41
N ASP B 120 -32.44 21.73 -33.59
CA ASP B 120 -31.09 21.21 -33.78
C ASP B 120 -30.07 22.05 -33.04
N ALA B 121 -30.39 23.33 -32.73
CA ALA B 121 -29.41 24.22 -32.05
C ALA B 121 -29.14 23.77 -30.60
N LEU B 122 -27.89 23.89 -30.20
CA LEU B 122 -27.49 23.52 -28.89
C LEU B 122 -27.85 24.64 -27.92
N GLN B 123 -28.98 24.47 -27.24
CA GLN B 123 -29.50 25.49 -26.33
C GLN B 123 -29.66 24.89 -24.94
N LEU B 124 -28.88 25.39 -23.99
CA LEU B 124 -28.70 24.72 -22.71
C LEU B 124 -29.21 25.53 -21.55
N ARG B 125 -29.90 24.86 -20.64
CA ARG B 125 -30.32 25.53 -19.44
C ARG B 125 -29.86 24.68 -18.28
N ILE B 126 -29.08 25.27 -17.39
CA ILE B 126 -28.67 24.62 -16.14
C ILE B 126 -29.37 25.29 -15.00
N TYR B 127 -29.67 24.54 -13.92
CA TYR B 127 -30.24 25.12 -12.70
C TYR B 127 -29.41 24.69 -11.51
N ALA B 128 -29.08 25.67 -10.64
CA ALA B 128 -28.29 25.44 -9.43
C ALA B 128 -28.79 26.28 -8.29
N GLN B 129 -28.26 26.10 -7.07
CA GLN B 129 -28.67 26.97 -5.95
C GLN B 129 -27.57 27.92 -5.62
N LYS B 130 -27.91 29.19 -5.56
CA LYS B 130 -26.93 30.20 -5.19
C LYS B 130 -26.76 30.25 -3.67
N PRO B 131 -25.67 30.84 -3.21
CA PRO B 131 -25.47 30.97 -1.77
C PRO B 131 -26.62 31.60 -0.99
N ASP B 132 -27.46 32.43 -1.62
CA ASP B 132 -28.72 32.94 -1.02
C ASP B 132 -29.90 31.93 -1.16
N ASN B 133 -29.62 30.72 -1.63
CA ASN B 133 -30.58 29.62 -1.61
C ASN B 133 -31.72 29.80 -2.60
N THR B 134 -31.62 30.76 -3.51
CA THR B 134 -32.58 30.80 -4.61
C THR B 134 -32.10 29.82 -5.73
N ILE B 135 -33.01 29.36 -6.56
CA ILE B 135 -32.63 28.53 -7.73
C ILE B 135 -32.31 29.44 -8.90
N GLN B 136 -31.10 29.41 -9.44
CA GLN B 136 -30.76 30.25 -10.59
C GLN B 136 -30.65 29.42 -11.85
N GLU B 137 -31.22 29.90 -12.94
CA GLU B 137 -31.03 29.31 -14.27
C GLU B 137 -29.81 29.93 -14.90
N TYR B 138 -29.01 29.14 -15.59
CA TYR B 138 -27.90 29.60 -16.44
C TYR B 138 -28.09 29.11 -17.87
N MET B 139 -27.78 29.97 -18.84
CA MET B 139 -28.13 29.76 -20.25
C MET B 139 -26.89 29.69 -21.09
N TRP B 140 -26.96 28.87 -22.13
CA TRP B 140 -26.04 28.94 -23.24
C TRP B 140 -26.85 28.86 -24.52
N ASN B 141 -26.73 29.86 -25.39
CA ASN B 141 -27.41 29.85 -26.68
C ASN B 141 -26.47 30.24 -27.81
N GLY B 142 -25.22 29.82 -27.68
CA GLY B 142 -24.20 30.12 -28.68
C GLY B 142 -23.39 31.39 -28.43
N ASP B 143 -23.84 32.24 -27.52
CA ASP B 143 -23.23 33.55 -27.24
C ASP B 143 -22.59 33.65 -25.82
N GLY B 144 -22.01 32.54 -25.37
CA GLY B 144 -21.40 32.48 -24.03
C GLY B 144 -22.41 32.24 -22.93
N TRP B 145 -21.94 31.73 -21.79
CA TRP B 145 -22.83 31.38 -20.68
C TRP B 145 -23.23 32.62 -19.93
N LYS B 146 -24.50 32.74 -19.58
CA LYS B 146 -24.98 33.84 -18.74
C LYS B 146 -26.13 33.46 -17.82
N GLU B 147 -26.47 34.36 -16.90
CA GLU B 147 -27.55 34.11 -16.00
C GLU B 147 -28.82 34.22 -16.79
N GLY B 148 -29.78 33.36 -16.48
CA GLY B 148 -31.12 33.44 -17.05
C GLY B 148 -32.06 33.89 -15.97
N THR B 149 -33.22 33.28 -15.87
CA THR B 149 -34.19 33.68 -14.84
C THR B 149 -33.82 33.16 -13.49
N ASN B 150 -34.07 33.92 -12.44
CA ASN B 150 -33.92 33.41 -11.10
C ASN B 150 -35.28 32.94 -10.66
N LEU B 151 -35.36 31.79 -9.97
CA LEU B 151 -36.65 31.16 -9.74
C LEU B 151 -37.12 31.06 -8.27
N GLY B 152 -36.59 31.89 -7.40
CA GLY B 152 -37.16 31.95 -6.08
C GLY B 152 -36.42 31.06 -5.11
N GLY B 153 -36.82 31.19 -3.85
CA GLY B 153 -36.17 30.48 -2.73
C GLY B 153 -36.47 28.98 -2.73
N ALA B 154 -35.52 28.25 -2.19
CA ALA B 154 -35.70 26.83 -2.06
C ALA B 154 -34.91 26.38 -0.83
N LEU B 155 -35.25 25.19 -0.33
CA LEU B 155 -34.56 24.63 0.79
C LEU B 155 -33.09 24.60 0.50
N PRO B 156 -32.28 25.08 1.45
CA PRO B 156 -30.83 24.98 1.27
C PRO B 156 -30.37 23.57 0.96
N GLY B 157 -30.06 23.31 -0.30
CA GLY B 157 -29.56 21.97 -0.67
C GLY B 157 -30.65 21.08 -1.21
N THR B 158 -31.68 21.71 -1.74
CA THR B 158 -32.65 20.98 -2.46
C THR B 158 -32.08 20.18 -3.65
N GLY B 159 -32.70 19.03 -3.92
CA GLY B 159 -32.46 18.35 -5.18
C GLY B 159 -33.11 19.17 -6.25
N ILE B 160 -32.59 19.12 -7.45
CA ILE B 160 -33.32 19.73 -8.56
C ILE B 160 -33.49 18.74 -9.70
N GLY B 161 -34.71 18.51 -10.16
CA GLY B 161 -34.95 17.75 -11.38
C GLY B 161 -35.36 18.71 -12.48
N ALA B 162 -34.97 18.43 -13.72
CA ALA B 162 -35.46 19.23 -14.86
C ALA B 162 -35.83 18.35 -16.02
N THR B 163 -36.79 18.80 -16.83
CA THR B 163 -37.05 18.20 -18.18
C THR B 163 -37.50 19.26 -19.18
N SER B 164 -37.29 18.98 -20.46
CA SER B 164 -37.74 19.85 -21.53
C SER B 164 -38.34 19.00 -22.62
N PHE B 165 -39.52 19.42 -23.05
CA PHE B 165 -40.22 18.81 -24.12
C PHE B 165 -40.74 19.88 -25.12
N ARG B 166 -41.18 19.46 -26.31
CA ARG B 166 -41.89 20.39 -27.19
C ARG B 166 -43.26 19.87 -27.64
N TYR B 167 -44.32 20.46 -27.10
CA TYR B 167 -45.66 20.31 -27.68
C TYR B 167 -45.56 20.53 -29.17
N THR B 168 -46.15 19.63 -29.96
CA THR B 168 -46.13 19.78 -31.41
C THR B 168 -46.99 20.96 -31.86
N ASP B 169 -48.09 21.24 -31.16
CA ASP B 169 -48.93 22.43 -31.48
C ASP B 169 -48.27 23.79 -31.05
N TYR B 170 -46.94 23.82 -30.98
CA TYR B 170 -46.22 25.00 -30.51
C TYR B 170 -44.89 25.15 -31.21
N ASN B 171 -44.36 26.39 -31.14
CA ASN B 171 -43.19 26.83 -31.91
C ASN B 171 -41.88 26.99 -31.08
N GLY B 172 -41.80 26.23 -29.98
CA GLY B 172 -40.63 26.22 -29.12
C GLY B 172 -40.81 25.42 -27.83
N PRO B 173 -39.77 25.39 -26.98
CA PRO B 173 -39.67 24.44 -25.92
C PRO B 173 -40.41 24.86 -24.66
N SER B 174 -40.92 23.86 -23.96
CA SER B 174 -41.43 24.01 -22.62
C SER B 174 -40.34 23.50 -21.68
N ILE B 175 -40.36 23.97 -20.44
CA ILE B 175 -39.47 23.46 -19.41
C ILE B 175 -40.27 23.28 -18.16
N ARG B 176 -39.95 22.22 -17.44
CA ARG B 176 -40.44 22.02 -16.10
C ARG B 176 -39.25 21.71 -15.21
N ILE B 177 -39.26 22.21 -13.98
CA ILE B 177 -38.24 21.90 -13.04
C ILE B 177 -38.93 21.64 -11.72
N TRP B 178 -38.23 20.96 -10.82
CA TRP B 178 -38.80 20.50 -9.57
C TRP B 178 -37.78 20.69 -8.50
N PHE B 179 -38.20 21.14 -7.33
CA PHE B 179 -37.29 21.21 -6.19
C PHE B 179 -38.08 21.22 -4.91
N GLN B 180 -37.39 21.40 -3.78
CA GLN B 180 -38.00 21.36 -2.47
C GLN B 180 -37.98 22.72 -1.79
N THR B 181 -39.07 23.05 -1.11
CA THR B 181 -39.18 24.34 -0.43
C THR B 181 -38.99 24.16 1.05
N ASP B 182 -38.72 25.26 1.77
CA ASP B 182 -38.33 25.21 3.17
C ASP B 182 -39.32 24.45 4.03
N ASP B 183 -40.58 24.47 3.63
CA ASP B 183 -41.64 23.76 4.33
C ASP B 183 -41.58 22.22 4.10
N LEU B 184 -40.57 21.76 3.38
CA LEU B 184 -40.35 20.34 3.00
C LEU B 184 -41.15 19.82 1.82
N LYS B 185 -42.16 20.58 1.38
CA LYS B 185 -42.91 20.28 0.16
C LYS B 185 -42.02 20.04 -1.07
N LEU B 186 -42.55 19.30 -2.04
CA LEU B 186 -41.92 19.21 -3.37
C LEU B 186 -42.76 19.91 -4.37
N VAL B 187 -42.12 20.82 -5.11
CA VAL B 187 -42.82 21.70 -6.03
C VAL B 187 -42.27 21.67 -7.49
N GLN B 188 -43.16 22.03 -8.39
CA GLN B 188 -42.90 22.17 -9.81
C GLN B 188 -42.94 23.67 -10.15
N ARG B 189 -41.96 24.14 -10.92
CA ARG B 189 -42.11 25.40 -11.66
C ARG B 189 -42.09 25.09 -13.13
N ALA B 190 -42.73 25.96 -13.92
CA ALA B 190 -42.99 25.62 -15.32
C ALA B 190 -42.77 26.78 -16.25
N TYR B 191 -42.20 26.48 -17.43
CA TYR B 191 -42.00 27.45 -18.51
C TYR B 191 -42.68 26.93 -19.78
N ASP B 192 -43.26 27.86 -20.54
CA ASP B 192 -44.04 27.55 -21.75
C ASP B 192 -43.85 28.67 -22.78
N PRO B 193 -43.66 28.30 -24.06
CA PRO B 193 -43.19 29.23 -25.08
C PRO B 193 -44.14 30.38 -25.35
N HIS B 194 -45.38 30.23 -24.93
CA HIS B 194 -46.41 31.21 -25.18
C HIS B 194 -46.73 32.04 -23.96
N LYS B 195 -46.16 31.70 -22.79
CA LYS B 195 -46.42 32.49 -21.61
C LYS B 195 -45.25 32.75 -20.69
N GLY B 196 -44.05 32.31 -21.05
CA GLY B 196 -42.91 32.44 -20.11
C GLY B 196 -43.11 31.56 -18.89
N TRP B 197 -42.37 31.85 -17.81
CA TRP B 197 -42.49 31.09 -16.55
C TRP B 197 -43.75 31.52 -15.81
N TYR B 198 -44.60 30.54 -15.48
CA TYR B 198 -45.79 30.81 -14.69
C TYR B 198 -45.32 31.17 -13.31
N PRO B 199 -45.95 32.18 -12.68
CA PRO B 199 -45.61 32.64 -11.35
C PRO B 199 -45.71 31.56 -10.30
N ASP B 200 -46.59 30.58 -10.52
CA ASP B 200 -47.12 29.78 -9.45
C ASP B 200 -46.29 28.51 -9.21
N LEU B 201 -46.11 28.19 -7.93
CA LEU B 201 -45.54 26.95 -7.47
C LEU B 201 -46.65 25.89 -7.38
N VAL B 202 -46.50 24.76 -8.06
CA VAL B 202 -47.50 23.68 -7.94
C VAL B 202 -46.89 22.65 -7.02
N THR B 203 -47.62 22.20 -6.01
CA THR B 203 -47.11 21.20 -5.09
C THR B 203 -47.29 19.82 -5.66
N ILE B 204 -46.24 19.01 -5.70
CA ILE B 204 -46.39 17.66 -6.19
C ILE B 204 -46.30 16.58 -5.09
N PHE B 205 -45.87 16.96 -3.88
CA PHE B 205 -45.85 16.04 -2.73
C PHE B 205 -45.70 16.83 -1.43
N ASP B 206 -46.55 16.58 -0.46
CA ASP B 206 -46.71 17.46 0.70
C ASP B 206 -45.47 17.56 1.65
N ARG B 207 -44.69 16.47 1.79
CA ARG B 207 -43.57 16.42 2.72
C ARG B 207 -42.59 15.25 2.47
N ALA B 208 -41.40 15.60 2.00
CA ALA B 208 -40.33 14.65 1.73
C ALA B 208 -39.14 14.87 2.68
N PRO B 209 -38.31 13.85 2.85
CA PRO B 209 -37.10 14.08 3.65
C PRO B 209 -36.29 15.31 3.19
N PRO B 210 -35.59 15.97 4.12
CA PRO B 210 -34.93 17.18 3.70
C PRO B 210 -33.76 16.85 2.81
N ARG B 211 -33.55 17.71 1.82
CA ARG B 211 -32.54 17.51 0.80
C ARG B 211 -32.69 16.18 0.06
N THR B 212 -33.89 15.66 -0.10
CA THR B 212 -34.01 14.40 -0.84
C THR B 212 -33.57 14.53 -2.31
N ALA B 213 -33.03 13.44 -2.83
CA ALA B 213 -32.83 13.29 -4.26
C ALA B 213 -34.15 13.46 -5.01
N ILE B 214 -34.12 14.22 -6.11
CA ILE B 214 -35.24 14.47 -7.00
C ILE B 214 -34.74 14.33 -8.42
N ALA B 215 -35.52 13.68 -9.29
CA ALA B 215 -35.13 13.51 -10.70
C ALA B 215 -36.39 13.26 -11.53
N ALA B 216 -36.30 13.62 -12.82
CA ALA B 216 -37.49 13.91 -13.65
C ALA B 216 -37.26 13.70 -15.12
N THR B 217 -38.36 13.36 -15.79
CA THR B 217 -38.36 12.94 -17.19
C THR B 217 -39.74 13.25 -17.76
N SER B 218 -39.78 13.27 -19.06
CA SER B 218 -41.01 13.49 -19.80
C SER B 218 -40.80 12.74 -21.06
N PHE B 219 -41.92 12.42 -21.68
CA PHE B 219 -41.99 11.66 -22.91
C PHE B 219 -43.34 11.88 -23.56
N GLY B 220 -43.46 11.52 -24.84
CA GLY B 220 -44.76 11.47 -25.51
C GLY B 220 -45.39 12.81 -25.74
N ALA B 221 -44.57 13.79 -26.08
CA ALA B 221 -45.04 15.12 -26.44
C ALA B 221 -45.90 15.00 -27.68
N GLY B 222 -47.15 15.46 -27.59
CA GLY B 222 -48.01 15.68 -28.74
C GLY B 222 -48.64 17.06 -28.69
N ASN B 223 -49.86 17.17 -29.24
CA ASN B 223 -50.62 18.44 -29.25
C ASN B 223 -51.19 18.79 -27.87
N SER B 224 -50.74 19.92 -27.32
CA SER B 224 -51.02 20.33 -25.92
C SER B 224 -51.12 19.14 -24.98
N SER B 225 -50.15 18.24 -25.12
CA SER B 225 -50.15 17.00 -24.38
C SER B 225 -48.71 16.60 -23.97
N ILE B 226 -48.55 16.07 -22.76
CA ILE B 226 -47.25 15.51 -22.32
C ILE B 226 -47.47 14.41 -21.26
N TYR B 227 -46.46 13.54 -21.06
CA TYR B 227 -46.40 12.64 -19.88
C TYR B 227 -45.12 12.95 -19.14
N MET B 228 -45.18 12.97 -17.80
CA MET B 228 -43.96 13.23 -17.00
C MET B 228 -43.88 12.31 -15.79
N ARG B 229 -42.66 11.90 -15.47
CA ARG B 229 -42.40 11.16 -14.22
C ARG B 229 -41.39 11.83 -13.31
N ILE B 230 -41.75 12.07 -12.06
CA ILE B 230 -40.80 12.62 -11.10
C ILE B 230 -40.53 11.60 -9.98
N TYR B 231 -39.27 11.47 -9.59
CA TYR B 231 -38.82 10.48 -8.63
C TYR B 231 -38.10 11.10 -7.42
N PHE B 232 -38.34 10.58 -6.20
CA PHE B 232 -37.64 11.05 -4.99
C PHE B 232 -37.42 9.95 -3.97
N VAL B 233 -36.52 10.16 -3.01
CA VAL B 233 -36.24 9.20 -1.93
C VAL B 233 -37.04 9.58 -0.72
N ASN B 234 -38.09 8.83 -0.41
CA ASN B 234 -39.05 9.20 0.63
C ASN B 234 -38.58 8.70 1.99
N SER B 235 -39.42 8.85 3.04
CA SER B 235 -38.91 8.68 4.41
C SER B 235 -38.73 7.22 4.74
N ASP B 236 -39.30 6.37 3.89
CA ASP B 236 -39.31 4.90 4.02
C ASP B 236 -38.15 4.28 3.30
N ASN B 237 -37.26 5.13 2.78
CA ASN B 237 -36.05 4.67 2.11
C ASN B 237 -36.37 3.85 0.86
N THR B 238 -37.39 4.30 0.12
CA THR B 238 -37.60 3.85 -1.26
C THR B 238 -37.70 5.10 -2.19
N ILE B 239 -37.34 4.90 -3.47
CA ILE B 239 -37.69 5.84 -4.50
C ILE B 239 -39.21 5.81 -4.65
N TRP B 240 -39.84 6.97 -4.53
CA TRP B 240 -41.25 7.10 -4.91
C TRP B 240 -41.37 7.78 -6.29
N GLN B 241 -42.47 7.50 -7.00
CA GLN B 241 -42.80 8.13 -8.27
C GLN B 241 -44.07 8.97 -8.26
N VAL B 242 -43.99 10.15 -8.90
CA VAL B 242 -45.12 11.03 -9.10
C VAL B 242 -45.43 11.12 -10.60
N CYS B 243 -46.71 10.95 -10.95
CA CYS B 243 -47.12 10.68 -12.33
C CYS B 243 -47.93 11.83 -12.91
N TRP B 244 -47.43 12.45 -13.98
CA TRP B 244 -48.25 13.33 -14.79
C TRP B 244 -48.67 12.54 -16.00
N ASP B 245 -49.97 12.33 -16.18
CA ASP B 245 -50.43 11.74 -17.44
C ASP B 245 -51.39 12.71 -18.13
N HIS B 246 -51.18 12.89 -19.43
CA HIS B 246 -52.02 13.77 -20.21
C HIS B 246 -53.49 13.45 -20.01
N GLY B 247 -54.25 14.44 -19.55
CA GLY B 247 -55.69 14.32 -19.38
C GLY B 247 -56.05 14.40 -17.92
N LYS B 248 -55.15 13.87 -17.09
CA LYS B 248 -55.33 13.81 -15.63
C LYS B 248 -54.47 14.83 -14.88
N GLY B 249 -53.34 15.24 -15.45
CA GLY B 249 -52.42 16.10 -14.75
C GLY B 249 -51.71 15.22 -13.74
N TYR B 250 -51.41 15.78 -12.57
CA TYR B 250 -50.79 15.04 -11.49
C TYR B 250 -51.93 14.32 -10.88
N HIS B 251 -51.81 13.01 -10.63
CA HIS B 251 -52.95 12.18 -10.18
C HIS B 251 -52.57 10.86 -9.46
N ASP B 252 -51.33 10.41 -9.54
CA ASP B 252 -50.95 9.19 -8.82
C ASP B 252 -49.53 9.35 -8.26
N LYS B 253 -49.23 8.56 -7.23
CA LYS B 253 -47.93 8.52 -6.62
C LYS B 253 -47.79 7.28 -5.74
N GLY B 254 -46.63 6.64 -5.74
CA GLY B 254 -46.35 5.62 -4.78
C GLY B 254 -44.94 5.12 -4.86
N THR B 255 -44.65 4.06 -4.11
CA THR B 255 -43.33 3.52 -4.02
C THR B 255 -42.98 2.65 -5.23
N ILE B 256 -41.70 2.40 -5.44
CA ILE B 256 -41.19 1.84 -6.68
C ILE B 256 -40.18 0.80 -6.32
N THR B 257 -39.10 1.21 -5.66
CA THR B 257 -38.09 0.26 -5.26
C THR B 257 -37.31 0.81 -4.03
N PRO B 258 -36.80 -0.10 -3.17
CA PRO B 258 -35.98 0.30 -2.02
C PRO B 258 -34.62 0.81 -2.47
N VAL B 259 -34.05 1.70 -1.69
CA VAL B 259 -32.69 2.22 -1.98
C VAL B 259 -31.99 2.38 -0.64
N ILE B 260 -30.69 2.62 -0.66
CA ILE B 260 -29.95 2.84 0.56
C ILE B 260 -30.35 4.16 1.13
N GLN B 261 -30.12 4.30 2.43
CA GLN B 261 -30.32 5.59 3.06
C GLN B 261 -29.58 6.70 2.28
N GLY B 262 -30.32 7.72 1.89
CA GLY B 262 -29.72 8.86 1.18
C GLY B 262 -29.17 8.59 -0.21
N SER B 263 -29.76 7.63 -0.91
CA SER B 263 -29.37 7.37 -2.32
C SER B 263 -29.74 8.53 -3.25
N GLU B 264 -28.86 8.78 -4.20
CA GLU B 264 -29.21 9.64 -5.32
C GLU B 264 -29.96 8.83 -6.32
N VAL B 265 -30.41 9.50 -7.37
CA VAL B 265 -31.31 8.89 -8.35
C VAL B 265 -31.19 9.56 -9.70
N ALA B 266 -31.18 8.76 -10.77
CA ALA B 266 -31.23 9.27 -12.14
C ALA B 266 -32.29 8.54 -12.93
N ILE B 267 -32.92 9.25 -13.86
CA ILE B 267 -34.01 8.69 -14.63
C ILE B 267 -33.82 9.06 -16.07
N ILE B 268 -34.02 8.09 -16.98
CA ILE B 268 -34.13 8.34 -18.44
C ILE B 268 -35.37 7.63 -19.01
N SER B 269 -35.77 8.05 -20.20
CA SER B 269 -36.96 7.49 -20.86
C SER B 269 -36.85 7.60 -22.37
N TRP B 270 -37.69 6.85 -23.06
CA TRP B 270 -37.81 6.95 -24.49
C TRP B 270 -39.11 6.28 -24.94
N GLY B 271 -39.49 6.46 -26.19
CA GLY B 271 -40.78 5.97 -26.66
C GLY B 271 -42.00 6.65 -26.06
N SER B 272 -43.14 5.98 -26.19
CA SER B 272 -44.45 6.55 -25.89
C SER B 272 -45.52 5.45 -25.73
N PHE B 273 -46.63 5.81 -25.08
CA PHE B 273 -47.82 4.95 -25.00
C PHE B 273 -48.51 4.62 -26.35
N ALA B 274 -48.10 5.28 -27.43
CA ALA B 274 -48.70 5.10 -28.74
C ALA B 274 -47.81 4.27 -29.67
N ASN B 275 -46.51 4.26 -29.43
CA ASN B 275 -45.64 3.31 -30.10
C ASN B 275 -45.03 2.31 -29.14
N ASN B 276 -45.86 1.67 -28.32
CA ASN B 276 -45.43 0.47 -27.58
C ASN B 276 -44.29 0.69 -26.55
N GLY B 277 -44.31 1.86 -25.93
CA GLY B 277 -43.44 2.15 -24.84
C GLY B 277 -44.35 2.81 -23.83
N PRO B 278 -43.81 3.71 -23.01
CA PRO B 278 -42.45 4.20 -23.13
C PRO B 278 -41.49 3.21 -22.56
N ASP B 279 -40.23 3.56 -22.54
CA ASP B 279 -39.29 2.80 -21.76
C ASP B 279 -38.72 3.73 -20.67
N LEU B 280 -38.68 3.29 -19.40
CA LEU B 280 -38.02 4.03 -18.31
C LEU B 280 -36.85 3.28 -17.72
N ARG B 281 -35.84 3.99 -17.23
CA ARG B 281 -34.76 3.35 -16.48
C ARG B 281 -34.31 4.30 -15.36
N LEU B 282 -34.37 3.82 -14.11
CA LEU B 282 -33.80 4.46 -12.94
C LEU B 282 -32.50 3.83 -12.60
N TYR B 283 -31.62 4.67 -12.07
CA TYR B 283 -30.38 4.24 -11.50
C TYR B 283 -30.28 4.86 -10.10
N PHE B 284 -29.58 4.18 -9.20
CA PHE B 284 -29.62 4.47 -7.76
C PHE B 284 -28.75 3.46 -7.06
N GLN B 285 -28.57 3.67 -5.76
CA GLN B 285 -27.91 2.70 -4.91
C GLN B 285 -28.97 2.08 -4.02
N ASN B 286 -29.13 0.75 -4.09
CA ASN B 286 -29.92 0.01 -3.12
C ASN B 286 -29.11 -0.93 -2.24
N GLY B 287 -27.78 -0.94 -2.36
CA GLY B 287 -26.95 -1.77 -1.48
C GLY B 287 -26.30 -3.00 -2.14
N THR B 288 -26.46 -3.13 -3.47
CA THR B 288 -25.96 -4.28 -4.23
C THR B 288 -24.45 -4.23 -4.22
N TYR B 289 -23.80 -5.33 -3.80
CA TYR B 289 -22.35 -5.29 -3.49
C TYR B 289 -21.91 -4.06 -2.65
N ILE B 290 -22.84 -3.57 -1.81
CA ILE B 290 -22.67 -2.41 -0.94
C ILE B 290 -22.86 -1.15 -1.73
N SER B 291 -21.96 -0.87 -2.66
CA SER B 291 -21.79 0.48 -3.21
C SER B 291 -22.04 0.57 -4.73
N ALA B 292 -22.56 -0.49 -5.32
CA ALA B 292 -22.72 -0.52 -6.76
C ALA B 292 -23.98 0.22 -7.06
N VAL B 293 -24.08 0.69 -8.30
CA VAL B 293 -25.29 1.26 -8.83
C VAL B 293 -26.17 0.14 -9.39
N SER B 294 -27.47 0.27 -9.20
CA SER B 294 -28.42 -0.68 -9.70
C SER B 294 -29.38 0.10 -10.59
N GLU B 295 -30.24 -0.68 -11.25
CA GLU B 295 -31.14 -0.20 -12.29
C GLU B 295 -32.51 -0.80 -12.11
N TRP B 296 -33.49 -0.03 -12.55
CA TRP B 296 -34.86 -0.42 -12.58
C TRP B 296 -35.44 -0.02 -13.92
N VAL B 297 -36.40 -0.81 -14.36
CA VAL B 297 -36.79 -0.89 -15.76
C VAL B 297 -38.31 -0.86 -15.77
N TRP B 298 -38.89 -0.12 -16.70
CA TRP B 298 -40.29 -0.31 -17.04
C TRP B 298 -40.30 -0.36 -18.57
N ASN B 299 -41.03 -1.34 -19.08
CA ASN B 299 -41.37 -1.44 -20.48
C ASN B 299 -42.77 -2.00 -20.60
N ARG B 300 -43.35 -1.93 -21.79
CA ARG B 300 -44.71 -2.49 -22.00
C ARG B 300 -44.73 -4.02 -21.90
N ALA B 301 -43.67 -4.68 -22.33
CA ALA B 301 -43.60 -6.15 -22.33
C ALA B 301 -43.81 -6.73 -20.92
N HIS B 302 -43.06 -6.23 -19.96
CA HIS B 302 -43.00 -6.77 -18.58
C HIS B 302 -43.27 -5.80 -17.41
N GLY B 303 -43.52 -4.51 -17.72
CA GLY B 303 -43.79 -3.50 -16.69
C GLY B 303 -42.64 -3.37 -15.69
N SER B 304 -43.00 -3.37 -14.42
CA SER B 304 -42.04 -3.06 -13.38
C SER B 304 -41.12 -4.24 -13.09
N GLN B 305 -39.84 -4.12 -13.43
CA GLN B 305 -38.83 -5.08 -13.01
C GLN B 305 -37.51 -4.35 -12.67
N LEU B 306 -36.75 -4.91 -11.73
CA LEU B 306 -35.34 -4.55 -11.59
C LEU B 306 -34.57 -4.98 -12.82
N GLY B 307 -33.49 -4.27 -13.15
CA GLY B 307 -32.69 -4.54 -14.33
C GLY B 307 -31.27 -4.88 -13.99
N ARG B 308 -30.32 -4.29 -14.69
CA ARG B 308 -28.94 -4.59 -14.38
C ARG B 308 -28.70 -4.39 -12.87
N SER B 309 -28.44 -5.50 -12.18
CA SER B 309 -28.27 -5.51 -10.72
C SER B 309 -27.08 -4.70 -10.23
N ALA B 310 -25.92 -4.93 -10.84
CA ALA B 310 -24.72 -4.18 -10.55
C ALA B 310 -24.13 -3.61 -11.83
N LEU B 311 -24.09 -2.30 -11.96
CA LEU B 311 -23.54 -1.66 -13.14
C LEU B 311 -22.01 -1.72 -13.18
N PRO B 312 -21.45 -1.68 -14.39
CA PRO B 312 -20.00 -1.58 -14.41
C PRO B 312 -19.53 -0.36 -13.64
N PRO B 313 -18.34 -0.44 -13.05
CA PRO B 313 -17.35 -1.49 -13.25
C PRO B 313 -17.50 -2.62 -12.24
N ALA B 314 -18.65 -2.67 -11.58
CA ALA B 314 -18.91 -3.69 -10.59
C ALA B 314 -18.76 -5.11 -11.15
N SER C 1 37.05 -23.87 -8.35
CA SER C 1 36.00 -24.40 -7.44
C SER C 1 36.15 -25.92 -7.29
N THR C 2 35.24 -26.51 -6.52
CA THR C 2 35.02 -27.95 -6.45
C THR C 2 33.53 -28.13 -6.68
N PRO C 3 33.09 -29.35 -7.02
CA PRO C 3 31.67 -29.54 -7.24
C PRO C 3 30.90 -29.17 -5.99
N GLY C 4 31.49 -29.55 -4.84
CA GLY C 4 30.90 -29.30 -3.53
C GLY C 4 30.84 -27.83 -3.16
N ALA C 5 31.93 -27.09 -3.37
CA ALA C 5 31.90 -25.62 -3.22
C ALA C 5 30.81 -24.94 -4.03
N GLN C 6 30.56 -25.41 -5.26
CA GLN C 6 29.56 -24.81 -6.14
C GLN C 6 28.14 -24.98 -5.63
N GLN C 7 27.94 -25.85 -4.65
CA GLN C 7 26.60 -26.05 -4.07
C GLN C 7 26.32 -25.03 -2.97
N VAL C 8 27.36 -24.37 -2.47
CA VAL C 8 27.16 -23.45 -1.35
C VAL C 8 26.64 -22.15 -1.92
N LEU C 9 25.53 -21.67 -1.39
CA LEU C 9 24.95 -20.42 -1.88
C LEU C 9 25.95 -19.27 -1.65
N PHE C 10 26.13 -18.44 -2.68
CA PHE C 10 27.02 -17.28 -2.60
C PHE C 10 26.26 -16.25 -1.75
N ARG C 11 26.95 -15.62 -0.78
CA ARG C 11 26.30 -14.83 0.31
C ARG C 11 25.26 -15.64 1.10
N THR C 12 25.58 -16.90 1.40
CA THR C 12 24.66 -17.75 2.18
C THR C 12 24.56 -17.27 3.61
N GLY C 13 23.37 -17.39 4.22
CA GLY C 13 23.30 -17.22 5.68
C GLY C 13 24.21 -18.23 6.36
N ILE C 14 24.74 -17.85 7.50
CA ILE C 14 25.65 -18.73 8.21
C ILE C 14 25.43 -18.64 9.69
N ALA C 15 25.31 -19.80 10.33
CA ALA C 15 25.23 -19.90 11.80
C ALA C 15 26.10 -21.03 12.29
N ALA C 16 26.44 -20.95 13.58
CA ALA C 16 27.26 -21.96 14.22
C ALA C 16 26.85 -22.18 15.67
N VAL C 17 26.95 -23.44 16.10
CA VAL C 17 26.85 -23.81 17.51
C VAL C 17 27.97 -24.75 17.87
N ASN C 18 28.09 -25.06 19.18
CA ASN C 18 29.18 -25.86 19.69
C ASN C 18 29.01 -26.31 21.15
N SER C 19 29.70 -27.38 21.50
CA SER C 19 30.03 -27.65 22.88
C SER C 19 31.53 -27.84 22.86
N THR C 20 32.25 -27.06 23.67
CA THR C 20 33.71 -26.89 23.53
C THR C 20 34.13 -26.90 22.06
N ASN C 21 35.09 -27.74 21.71
CA ASN C 21 35.57 -27.74 20.33
C ASN C 21 34.81 -28.76 19.46
N HIS C 22 33.55 -29.05 19.81
CA HIS C 22 32.69 -29.91 19.00
C HIS C 22 31.70 -28.98 18.32
N LEU C 23 31.80 -28.91 16.99
CA LEU C 23 31.29 -27.77 16.24
C LEU C 23 30.22 -28.17 15.25
N ARG C 24 29.22 -27.30 15.08
CA ARG C 24 28.30 -27.38 13.96
C ARG C 24 28.23 -26.05 13.20
N VAL C 25 28.02 -26.12 11.88
CA VAL C 25 27.87 -24.94 11.02
C VAL C 25 26.70 -25.10 10.04
N TYR C 26 25.75 -24.17 10.05
CA TYR C 26 24.56 -24.22 9.20
C TYR C 26 24.65 -23.20 8.07
N PHE C 27 24.15 -23.60 6.90
CA PHE C 27 24.21 -22.76 5.70
C PHE C 27 23.20 -23.27 4.71
N GLN C 28 22.97 -22.49 3.65
CA GLN C 28 22.01 -22.85 2.63
C GLN C 28 22.70 -23.28 1.35
N ASP C 29 22.28 -24.38 0.72
CA ASP C 29 22.77 -24.67 -0.62
C ASP C 29 22.03 -23.85 -1.67
N VAL C 30 22.52 -23.93 -2.91
CA VAL C 30 21.97 -23.12 -3.99
C VAL C 30 20.50 -23.44 -4.28
N TYR C 31 19.99 -24.59 -3.80
CA TYR C 31 18.54 -24.93 -3.94
C TYR C 31 17.61 -24.48 -2.82
N GLY C 32 18.16 -23.90 -1.76
CA GLY C 32 17.36 -23.43 -0.63
C GLY C 32 17.51 -24.28 0.64
N SER C 33 17.89 -25.54 0.49
CA SER C 33 18.04 -26.41 1.63
C SER C 33 19.09 -25.94 2.66
N ILE C 34 18.72 -26.09 3.92
CA ILE C 34 19.65 -25.81 5.00
C ILE C 34 20.46 -27.09 5.33
N ARG C 35 21.78 -26.94 5.34
CA ARG C 35 22.70 -28.05 5.56
C ARG C 35 23.52 -27.83 6.82
N GLU C 36 24.04 -28.93 7.37
CA GLU C 36 24.93 -28.90 8.55
C GLU C 36 26.28 -29.57 8.24
N SER C 37 27.35 -28.85 8.54
CA SER C 37 28.70 -29.37 8.49
C SER C 37 29.07 -29.57 9.93
N LEU C 38 30.13 -30.29 10.16
CA LEU C 38 30.36 -30.89 11.46
C LEU C 38 31.84 -31.07 11.66
N TYR C 39 32.32 -30.68 12.84
CA TYR C 39 33.70 -30.94 13.26
C TYR C 39 33.73 -31.67 14.61
N GLU C 40 34.28 -32.87 14.63
CA GLU C 40 34.48 -33.69 15.84
C GLU C 40 35.82 -34.31 15.61
N GLY C 41 36.86 -33.51 15.88
CA GLY C 41 38.25 -33.86 15.59
C GLY C 41 38.64 -33.77 14.13
N SER C 42 37.64 -33.91 13.26
CA SER C 42 37.84 -33.76 11.84
C SER C 42 36.55 -33.19 11.29
N TRP C 43 36.66 -32.48 10.16
CA TRP C 43 35.49 -31.89 9.47
C TRP C 43 34.77 -32.90 8.57
N ALA C 44 33.45 -32.90 8.61
CA ALA C 44 32.67 -33.79 7.76
C ALA C 44 31.31 -33.22 7.49
N ASN C 45 30.57 -33.92 6.65
CA ASN C 45 29.18 -33.63 6.33
C ASN C 45 29.01 -32.45 5.36
N GLY C 46 27.96 -31.66 5.50
CA GLY C 46 27.74 -30.52 4.62
C GLY C 46 27.29 -30.88 3.21
N THR C 47 26.93 -32.13 2.97
CA THR C 47 26.51 -32.59 1.65
C THR C 47 24.99 -32.57 1.57
N GLU C 48 24.46 -32.98 0.43
CA GLU C 48 23.01 -32.98 0.20
C GLU C 48 22.24 -33.98 1.03
N LYS C 49 22.92 -35.00 1.55
CA LYS C 49 22.32 -35.97 2.49
C LYS C 49 22.39 -35.48 3.95
N ASN C 50 22.78 -34.21 4.12
CA ASN C 50 22.87 -33.57 5.44
C ASN C 50 21.95 -32.38 5.51
N VAL C 51 20.76 -32.53 4.93
CA VAL C 51 19.76 -31.48 4.91
C VAL C 51 18.91 -31.59 6.17
N ILE C 52 18.78 -30.49 6.91
CA ILE C 52 17.88 -30.44 8.05
C ILE C 52 16.56 -29.73 7.72
N GLY C 53 16.47 -29.12 6.54
CA GLY C 53 15.22 -28.53 6.05
C GLY C 53 15.40 -27.52 4.91
N ASN C 54 14.40 -26.66 4.75
CA ASN C 54 14.34 -25.73 3.63
C ASN C 54 13.82 -24.37 4.08
N ALA C 55 14.46 -23.34 3.55
CA ALA C 55 14.03 -21.98 3.80
C ALA C 55 14.13 -21.24 2.48
N LYS C 56 13.64 -20.00 2.43
CA LYS C 56 13.66 -19.29 1.16
C LYS C 56 15.07 -18.81 0.81
N LEU C 57 15.30 -18.69 -0.49
CA LEU C 57 16.62 -18.40 -1.00
C LEU C 57 17.15 -17.11 -0.40
N GLY C 58 18.37 -17.14 0.12
CA GLY C 58 18.95 -15.96 0.73
C GLY C 58 18.32 -15.65 2.09
N SER C 59 17.61 -16.63 2.66
CA SER C 59 17.09 -16.54 4.02
C SER C 59 18.23 -16.40 4.99
N PRO C 60 18.06 -15.57 6.03
CA PRO C 60 19.09 -15.47 7.05
C PRO C 60 19.13 -16.79 7.81
N VAL C 61 20.26 -17.10 8.41
CA VAL C 61 20.37 -18.32 9.19
C VAL C 61 21.03 -17.97 10.52
N ALA C 62 20.22 -18.13 11.56
CA ALA C 62 20.69 -18.17 12.93
C ALA C 62 20.41 -19.53 13.57
N ALA C 63 21.07 -19.70 14.69
CA ALA C 63 21.03 -20.95 15.41
C ALA C 63 21.64 -20.66 16.76
N THR C 64 21.24 -21.46 17.76
CA THR C 64 21.84 -21.45 19.09
C THR C 64 21.66 -22.85 19.71
N SER C 65 22.39 -23.14 20.78
CA SER C 65 22.31 -24.45 21.44
C SER C 65 22.64 -24.41 22.92
N LYS C 66 22.30 -25.53 23.58
CA LYS C 66 22.76 -25.85 24.93
C LYS C 66 23.74 -26.97 24.72
N GLU C 67 25.02 -26.63 24.65
CA GLU C 67 26.02 -27.58 24.20
C GLU C 67 25.46 -28.14 22.88
N LEU C 68 25.56 -29.45 22.64
CA LEU C 68 25.02 -30.06 21.40
C LEU C 68 23.80 -30.92 21.67
N LYS C 69 23.19 -30.69 22.82
CA LYS C 69 22.12 -31.50 23.33
C LYS C 69 20.81 -30.97 22.81
N HIS C 70 20.74 -29.65 22.70
CA HIS C 70 19.59 -28.97 22.11
C HIS C 70 20.02 -27.90 21.10
N ILE C 71 19.63 -28.09 19.84
CA ILE C 71 19.97 -27.11 18.78
C ILE C 71 18.70 -26.56 18.12
N ARG C 72 18.73 -25.26 17.86
CA ARG C 72 17.57 -24.58 17.25
C ARG C 72 18.08 -23.77 16.09
N VAL C 73 17.47 -23.98 14.93
CA VAL C 73 17.97 -23.34 13.73
C VAL C 73 16.83 -22.58 13.13
N TYR C 74 17.01 -21.27 12.98
CA TYR C 74 15.96 -20.39 12.52
C TYR C 74 16.20 -19.86 11.10
N THR C 75 15.11 -19.74 10.35
CA THR C 75 15.12 -19.20 8.98
C THR C 75 13.71 -18.69 8.65
N LEU C 76 13.54 -17.96 7.55
CA LEU C 76 12.20 -17.54 7.12
C LEU C 76 11.64 -18.53 6.12
N THR C 77 10.33 -18.77 6.13
CA THR C 77 9.67 -19.54 5.05
C THR C 77 9.59 -18.68 3.76
N GLU C 78 9.02 -19.25 2.68
CA GLU C 78 8.70 -18.47 1.46
C GLU C 78 7.64 -17.37 1.69
N GLY C 79 6.84 -17.49 2.76
CA GLY C 79 5.81 -16.50 3.13
C GLY C 79 6.35 -15.57 4.20
N ASN C 80 7.66 -15.57 4.37
CA ASN C 80 8.29 -14.63 5.27
C ASN C 80 7.81 -14.68 6.74
N THR C 81 7.37 -15.87 7.19
CA THR C 81 7.27 -16.15 8.62
C THR C 81 8.51 -16.85 9.20
N LEU C 82 8.60 -16.81 10.51
CA LEU C 82 9.72 -17.40 11.24
C LEU C 82 9.43 -18.86 11.44
N GLN C 83 10.41 -19.69 11.07
CA GLN C 83 10.30 -21.13 11.12
C GLN C 83 11.51 -21.71 11.86
N GLU C 84 11.41 -22.98 12.29
CA GLU C 84 12.32 -23.57 13.29
C GLU C 84 12.60 -25.05 13.04
N PHE C 85 13.89 -25.35 12.99
CA PHE C 85 14.38 -26.71 12.94
C PHE C 85 15.06 -27.01 14.29
N ALA C 86 14.60 -28.07 14.94
CA ALA C 86 15.06 -28.40 16.29
C ALA C 86 15.71 -29.78 16.34
N TYR C 87 16.90 -29.81 16.95
CA TYR C 87 17.56 -31.04 17.32
C TYR C 87 17.42 -31.23 18.83
N ASP C 88 16.86 -32.38 19.21
CA ASP C 88 16.90 -32.85 20.59
C ASP C 88 17.66 -34.16 20.64
N SER C 89 18.69 -34.23 21.49
CA SER C 89 19.37 -35.50 21.81
C SER C 89 18.37 -36.66 21.91
N GLY C 90 18.54 -37.66 21.07
CA GLY C 90 17.63 -38.80 21.08
C GLY C 90 16.18 -38.52 20.70
N THR C 91 15.96 -37.55 19.84
CA THR C 91 14.73 -37.48 19.04
C THR C 91 15.10 -37.16 17.59
N GLY C 92 16.35 -36.74 17.39
CA GLY C 92 16.83 -36.26 16.11
C GLY C 92 16.35 -34.87 15.84
N TRP C 93 16.50 -34.48 14.57
CA TRP C 93 15.93 -33.25 14.04
C TRP C 93 14.44 -33.41 13.81
N TYR C 94 13.68 -32.43 14.25
CA TYR C 94 12.27 -32.35 13.90
C TYR C 94 12.00 -30.88 13.54
N ASN C 95 10.80 -30.66 13.02
CA ASN C 95 10.33 -29.31 12.79
C ASN C 95 9.70 -28.68 14.04
N GLY C 96 10.38 -27.68 14.60
CA GLY C 96 9.91 -27.00 15.82
C GLY C 96 8.63 -26.19 15.70
N GLY C 97 8.16 -25.69 16.84
CA GLY C 97 6.83 -25.06 16.96
C GLY C 97 6.72 -23.61 16.54
N LEU C 98 7.83 -22.88 16.51
CA LEU C 98 7.85 -21.46 16.06
C LEU C 98 7.13 -21.26 14.74
N GLY C 99 7.19 -22.27 13.87
CA GLY C 99 6.42 -22.25 12.63
C GLY C 99 4.94 -22.00 12.86
N GLY C 100 4.39 -22.62 13.89
CA GLY C 100 2.93 -22.59 14.13
C GLY C 100 2.37 -21.22 14.45
N ALA C 101 3.14 -20.42 15.18
CA ALA C 101 2.75 -19.05 15.52
C ALA C 101 2.71 -18.08 14.31
N LYS C 102 3.20 -18.49 13.14
CA LYS C 102 3.06 -17.70 11.91
C LYS C 102 3.53 -16.27 12.08
N PHE C 103 4.62 -16.07 12.82
CA PHE C 103 5.14 -14.73 13.02
C PHE C 103 5.62 -14.15 11.68
N GLN C 104 4.77 -13.28 11.13
CA GLN C 104 4.97 -12.62 9.84
C GLN C 104 5.98 -11.50 10.01
N VAL C 105 7.15 -11.61 9.39
CA VAL C 105 8.19 -10.57 9.50
C VAL C 105 8.48 -9.86 8.17
N ALA C 106 9.34 -8.84 8.28
CA ALA C 106 9.84 -8.11 7.13
C ALA C 106 10.72 -9.05 6.26
N PRO C 107 10.36 -9.22 4.96
CA PRO C 107 11.11 -10.06 4.02
C PRO C 107 12.61 -9.82 4.02
N TYR C 108 13.03 -8.60 4.35
CA TYR C 108 14.45 -8.32 4.46
C TYR C 108 14.97 -8.49 5.89
N SER C 109 14.19 -9.13 6.77
CA SER C 109 14.65 -9.37 8.14
C SER C 109 15.77 -10.39 8.23
N CYS C 110 16.80 -10.04 9.02
CA CYS C 110 17.79 -10.98 9.55
C CYS C 110 17.21 -11.62 10.83
N ILE C 111 18.01 -12.45 11.51
CA ILE C 111 17.58 -13.16 12.72
C ILE C 111 18.78 -13.41 13.61
N ALA C 112 18.58 -13.18 14.90
CA ALA C 112 19.47 -13.68 15.92
C ALA C 112 18.64 -14.51 16.89
N ALA C 113 19.31 -15.39 17.64
CA ALA C 113 18.66 -16.24 18.63
C ALA C 113 19.61 -16.62 19.77
N VAL C 114 19.06 -16.65 21.00
CA VAL C 114 19.82 -17.13 22.17
C VAL C 114 19.08 -18.19 23.03
N PHE C 115 19.88 -19.02 23.69
CA PHE C 115 19.41 -19.75 24.86
C PHE C 115 19.86 -18.91 26.05
N LEU C 116 18.93 -18.55 26.93
CA LEU C 116 19.35 -17.88 28.18
C LEU C 116 20.33 -18.76 28.97
N ALA C 117 21.42 -18.17 29.48
CA ALA C 117 22.48 -18.90 30.25
C ALA C 117 22.21 -18.97 31.76
N GLY C 118 22.90 -19.91 32.41
CA GLY C 118 22.75 -20.20 33.85
C GLY C 118 21.46 -20.94 34.23
N THR C 119 21.03 -21.87 33.38
CA THR C 119 19.77 -22.59 33.58
C THR C 119 19.60 -23.75 32.62
N ASP C 120 19.08 -24.86 33.15
CA ASP C 120 18.77 -26.05 32.34
C ASP C 120 17.33 -25.98 31.83
N ALA C 121 16.62 -24.92 32.20
CA ALA C 121 15.36 -24.60 31.55
C ALA C 121 15.66 -24.21 30.09
N LEU C 122 14.74 -24.58 29.21
CA LEU C 122 14.81 -24.25 27.81
C LEU C 122 14.03 -22.95 27.61
N GLN C 123 14.78 -21.85 27.68
CA GLN C 123 14.24 -20.51 27.49
C GLN C 123 14.86 -19.90 26.20
N LEU C 124 14.01 -19.73 25.18
CA LEU C 124 14.43 -19.21 23.87
C LEU C 124 14.02 -17.75 23.57
N ARG C 125 15.03 -16.90 23.34
CA ARG C 125 14.79 -15.58 22.76
C ARG C 125 15.26 -15.47 21.31
N ILE C 126 14.35 -15.01 20.45
CA ILE C 126 14.60 -14.76 19.05
C ILE C 126 14.38 -13.27 18.77
N TYR C 127 15.31 -12.66 18.03
CA TYR C 127 15.20 -11.27 17.65
C TYR C 127 15.18 -11.13 16.13
N ALA C 128 14.20 -10.37 15.64
CA ALA C 128 13.96 -10.19 14.21
C ALA C 128 13.41 -8.78 13.92
N GLN C 129 13.19 -8.50 12.64
CA GLN C 129 12.67 -7.21 12.18
C GLN C 129 11.24 -7.33 11.64
N LYS C 130 10.30 -6.67 12.31
CA LYS C 130 8.92 -6.61 11.86
C LYS C 130 8.80 -5.64 10.68
N PRO C 131 7.73 -5.74 9.88
CA PRO C 131 7.45 -4.82 8.77
C PRO C 131 7.41 -3.32 9.11
N ASP C 132 7.08 -2.98 10.34
CA ASP C 132 7.25 -1.60 10.79
C ASP C 132 8.73 -1.26 11.04
N ASN C 133 9.62 -2.20 10.68
CA ASN C 133 11.08 -2.09 10.83
C ASN C 133 11.63 -2.07 12.26
N THR C 134 10.91 -2.68 13.21
CA THR C 134 11.36 -2.73 14.63
C THR C 134 12.12 -3.99 14.99
N ILE C 135 12.80 -3.97 16.13
CA ILE C 135 13.43 -5.17 16.65
C ILE C 135 12.49 -5.82 17.69
N GLN C 136 11.79 -6.86 17.26
CA GLN C 136 10.85 -7.58 18.13
C GLN C 136 11.46 -8.84 18.70
N GLU C 137 11.50 -8.92 20.02
CA GLU C 137 11.86 -10.12 20.75
C GLU C 137 10.66 -11.05 20.74
N TYR C 138 10.95 -12.35 20.66
CA TYR C 138 9.95 -13.42 20.70
C TYR C 138 10.42 -14.47 21.71
N MET C 139 9.49 -15.02 22.49
CA MET C 139 9.83 -15.84 23.66
C MET C 139 9.34 -17.27 23.56
N TRP C 140 10.16 -18.19 24.04
CA TRP C 140 9.69 -19.51 24.43
C TRP C 140 10.10 -19.79 25.86
N ASN C 141 9.11 -19.77 26.75
CA ASN C 141 9.34 -20.03 28.17
C ASN C 141 8.86 -21.42 28.60
N GLY C 142 8.31 -22.19 27.65
CA GLY C 142 7.79 -23.54 27.92
C GLY C 142 6.30 -23.64 27.65
N ASP C 143 5.62 -22.50 27.71
CA ASP C 143 4.18 -22.44 27.45
C ASP C 143 3.88 -21.60 26.20
N GLY C 144 3.95 -22.26 25.04
CA GLY C 144 3.64 -21.61 23.76
C GLY C 144 4.59 -20.50 23.36
N TRP C 145 4.67 -20.23 22.04
CA TRP C 145 5.48 -19.09 21.52
C TRP C 145 4.67 -17.81 21.65
N LYS C 146 5.24 -16.78 22.27
CA LYS C 146 4.54 -15.50 22.49
C LYS C 146 5.47 -14.29 22.34
N GLU C 147 4.96 -13.19 21.77
CA GLU C 147 5.79 -11.97 21.55
C GLU C 147 6.34 -11.38 22.85
N GLY C 148 7.39 -10.57 22.73
CA GLY C 148 8.09 -10.03 23.90
C GLY C 148 8.34 -8.52 23.83
N THR C 149 9.42 -8.08 24.44
CA THR C 149 9.80 -6.67 24.42
C THR C 149 10.18 -6.27 22.99
N ASN C 150 9.40 -5.35 22.40
CA ASN C 150 9.84 -4.65 21.21
C ASN C 150 11.03 -3.80 21.65
N LEU C 151 12.05 -3.71 20.80
CA LEU C 151 13.32 -3.06 21.19
C LEU C 151 13.59 -1.70 20.52
N GLY C 152 12.64 -1.24 19.70
CA GLY C 152 12.77 0.00 18.98
C GLY C 152 12.91 -0.30 17.51
N GLY C 153 13.03 0.74 16.70
CA GLY C 153 13.08 0.62 15.24
C GLY C 153 14.51 0.61 14.80
N ALA C 154 14.79 0.10 13.60
CA ALA C 154 16.14 0.23 13.05
C ALA C 154 16.18 0.14 11.53
N LEU C 155 17.37 0.34 10.97
CA LEU C 155 17.59 0.25 9.52
C LEU C 155 16.90 -0.97 8.91
N PRO C 156 16.13 -0.76 7.84
CA PRO C 156 15.41 -1.89 7.25
C PRO C 156 16.37 -2.93 6.69
N GLY C 157 16.48 -4.08 7.35
CA GLY C 157 17.35 -5.18 6.93
C GLY C 157 18.63 -5.20 7.75
N THR C 158 18.59 -4.61 8.95
CA THR C 158 19.78 -4.60 9.78
C THR C 158 20.28 -6.02 10.07
N GLY C 159 21.56 -6.14 10.36
CA GLY C 159 22.10 -7.38 10.92
C GLY C 159 21.83 -7.46 12.43
N ILE C 160 21.39 -8.62 12.89
CA ILE C 160 21.11 -8.78 14.30
C ILE C 160 22.09 -9.76 14.92
N GLY C 161 22.73 -9.35 16.00
CA GLY C 161 23.54 -10.26 16.82
C GLY C 161 22.99 -10.32 18.24
N ALA C 162 23.22 -11.44 18.92
CA ALA C 162 22.75 -11.63 20.31
C ALA C 162 23.66 -12.60 21.12
N THR C 163 23.87 -12.28 22.40
CA THR C 163 24.57 -13.16 23.34
C THR C 163 23.81 -13.13 24.64
N SER C 164 23.85 -14.24 25.38
CA SER C 164 23.29 -14.31 26.72
C SER C 164 24.37 -14.90 27.59
N PHE C 165 24.59 -14.28 28.74
CA PHE C 165 25.52 -14.80 29.73
C PHE C 165 24.82 -14.66 31.07
N ARG C 166 25.50 -15.00 32.15
CA ARG C 166 24.99 -14.84 33.50
C ARG C 166 26.16 -14.70 34.46
N TYR C 167 26.27 -13.53 35.09
CA TYR C 167 27.30 -13.30 36.10
C TYR C 167 27.07 -14.29 37.25
N THR C 168 28.14 -14.92 37.73
CA THR C 168 28.06 -15.96 38.75
C THR C 168 27.68 -15.38 40.10
N ASP C 169 26.98 -14.26 40.11
CA ASP C 169 26.59 -13.59 41.34
C ASP C 169 25.43 -12.60 41.17
N TYR C 170 24.71 -12.73 40.06
CA TYR C 170 23.44 -12.03 39.87
C TYR C 170 22.37 -13.10 39.85
N ASN C 171 21.10 -12.69 39.88
CA ASN C 171 19.97 -13.60 40.10
C ASN C 171 19.09 -13.65 38.86
N GLY C 172 19.72 -14.00 37.74
CA GLY C 172 19.05 -14.19 36.45
C GLY C 172 19.97 -13.90 35.26
N PRO C 173 19.44 -13.97 34.03
CA PRO C 173 20.28 -13.80 32.83
C PRO C 173 20.46 -12.34 32.31
N SER C 174 21.67 -12.06 31.82
CA SER C 174 21.94 -10.88 31.02
C SER C 174 21.77 -11.21 29.55
N ILE C 175 21.13 -10.29 28.82
CA ILE C 175 21.13 -10.28 27.35
C ILE C 175 21.82 -8.98 26.85
N ARG C 176 22.43 -9.11 25.67
CA ARG C 176 22.99 -8.00 24.91
C ARG C 176 22.64 -8.26 23.46
N ILE C 177 22.16 -7.26 22.74
CA ILE C 177 21.98 -7.45 21.31
C ILE C 177 22.45 -6.23 20.53
N TRP C 178 22.65 -6.49 19.24
CA TRP C 178 23.30 -5.54 18.38
C TRP C 178 22.54 -5.46 17.05
N PHE C 179 22.48 -4.24 16.51
CA PHE C 179 21.89 -3.95 15.22
C PHE C 179 22.37 -2.59 14.75
N GLN C 180 21.95 -2.23 13.56
CA GLN C 180 22.42 -1.05 12.90
C GLN C 180 21.24 -0.10 12.92
N THR C 181 21.47 1.14 13.39
CA THR C 181 20.43 2.20 13.33
C THR C 181 20.46 2.98 12.02
N ASP C 182 19.28 3.49 11.63
CA ASP C 182 19.05 4.35 10.45
C ASP C 182 20.24 5.25 10.08
N ASP C 183 20.95 5.76 11.10
CA ASP C 183 22.17 6.55 10.90
C ASP C 183 23.43 5.72 10.57
N LEU C 184 23.25 4.42 10.31
CA LEU C 184 24.35 3.50 10.04
C LEU C 184 25.32 3.36 11.20
N LYS C 185 24.90 3.71 12.41
CA LYS C 185 25.71 3.45 13.57
C LYS C 185 25.45 2.00 13.94
N LEU C 186 26.47 1.37 14.53
CA LEU C 186 26.29 0.10 15.19
C LEU C 186 26.14 0.29 16.71
N VAL C 187 24.95 -0.08 17.19
CA VAL C 187 24.59 0.08 18.58
C VAL C 187 24.45 -1.23 19.35
N GLN C 188 24.61 -1.11 20.66
CA GLN C 188 24.29 -2.18 21.63
C GLN C 188 22.96 -1.88 22.27
N ARG C 189 22.33 -2.95 22.77
CA ARG C 189 21.26 -2.83 23.74
C ARG C 189 21.42 -3.92 24.79
N ALA C 190 21.40 -3.51 26.05
CA ALA C 190 21.68 -4.38 27.17
C ALA C 190 20.37 -4.75 27.85
N TYR C 191 20.30 -5.98 28.38
CA TYR C 191 19.23 -6.38 29.30
C TYR C 191 19.91 -6.77 30.58
N ASP C 192 19.31 -6.45 31.73
CA ASP C 192 19.72 -7.10 32.97
C ASP C 192 18.53 -7.59 33.80
N PRO C 193 18.76 -8.62 34.64
CA PRO C 193 17.62 -9.27 35.34
C PRO C 193 17.05 -8.43 36.48
N HIS C 194 17.90 -7.65 37.16
CA HIS C 194 17.43 -6.68 38.14
C HIS C 194 16.85 -5.45 37.45
N LYS C 195 17.71 -4.60 36.89
CA LYS C 195 17.30 -3.29 36.34
C LYS C 195 16.38 -3.39 35.11
N GLY C 196 16.44 -4.49 34.38
CA GLY C 196 15.67 -4.64 33.13
C GLY C 196 16.39 -4.06 31.91
N TRP C 197 15.64 -3.83 30.84
CA TRP C 197 16.16 -3.29 29.59
C TRP C 197 16.63 -1.85 29.73
N TYR C 198 17.92 -1.66 30.02
CA TYR C 198 18.54 -0.34 29.97
C TYR C 198 17.95 0.47 28.82
N PRO C 199 17.64 1.77 29.06
CA PRO C 199 16.91 2.58 28.06
C PRO C 199 17.81 3.06 26.92
N ASP C 200 19.11 3.14 27.21
CA ASP C 200 20.09 3.80 26.36
C ASP C 200 20.64 2.88 25.23
N LEU C 201 21.17 3.54 24.20
CA LEU C 201 21.61 2.90 22.96
C LEU C 201 23.12 3.16 22.83
N VAL C 202 23.96 2.15 23.06
CA VAL C 202 25.43 2.38 23.09
C VAL C 202 26.11 2.22 21.73
N THR C 203 26.83 3.25 21.31
CA THR C 203 27.63 3.18 20.10
C THR C 203 28.85 2.24 20.27
N ILE C 204 28.92 1.20 19.45
CA ILE C 204 30.12 0.38 19.37
C ILE C 204 30.95 0.76 18.15
N PHE C 205 30.29 1.10 17.04
CA PHE C 205 31.00 1.60 15.84
C PHE C 205 30.17 2.69 15.15
N ASP C 206 30.82 3.82 14.81
CA ASP C 206 30.07 5.03 14.41
C ASP C 206 29.42 4.94 13.02
N ARG C 207 30.13 4.40 12.03
CA ARG C 207 29.60 4.30 10.66
C ARG C 207 29.93 2.95 10.00
N ALA C 208 28.89 2.26 9.53
CA ALA C 208 29.09 0.96 8.90
C ALA C 208 28.21 0.79 7.67
N PRO C 209 28.65 -0.08 6.73
CA PRO C 209 27.87 -0.34 5.54
C PRO C 209 26.42 -0.64 5.86
N PRO C 210 25.48 -0.26 4.96
CA PRO C 210 24.07 -0.57 5.16
C PRO C 210 23.80 -2.06 5.03
N ARG C 211 22.96 -2.61 5.91
CA ARG C 211 22.67 -4.07 5.96
C ARG C 211 23.90 -5.00 6.11
N THR C 212 25.00 -4.46 6.61
CA THR C 212 26.16 -5.26 6.90
C THR C 212 25.72 -6.31 7.89
N ALA C 213 26.46 -7.41 7.94
CA ALA C 213 26.08 -8.51 8.83
C ALA C 213 26.68 -8.26 10.21
N ILE C 214 25.89 -8.50 11.25
CA ILE C 214 26.39 -8.39 12.63
C ILE C 214 26.30 -9.74 13.36
N ALA C 215 27.34 -10.08 14.11
CA ALA C 215 27.44 -11.36 14.81
C ALA C 215 28.22 -11.18 16.11
N ALA C 216 27.80 -11.89 17.16
CA ALA C 216 28.29 -11.63 18.51
C ALA C 216 28.35 -12.86 19.38
N THR C 217 29.38 -12.90 20.21
CA THR C 217 29.46 -13.87 21.26
C THR C 217 29.95 -13.25 22.56
N SER C 218 29.69 -13.97 23.67
CA SER C 218 30.21 -13.64 25.00
C SER C 218 30.88 -14.85 25.61
N PHE C 219 31.76 -14.61 26.58
CA PHE C 219 32.45 -15.67 27.31
C PHE C 219 32.98 -15.17 28.67
N GLY C 220 33.70 -16.04 29.38
CA GLY C 220 34.31 -15.72 30.68
C GLY C 220 33.41 -15.11 31.75
N ALA C 221 32.13 -15.46 31.74
CA ALA C 221 31.19 -14.90 32.69
C ALA C 221 31.66 -15.14 34.12
N GLY C 222 31.69 -14.08 34.93
CA GLY C 222 32.22 -14.17 36.31
C GLY C 222 31.48 -13.30 37.31
N ASN C 223 32.13 -13.06 38.44
CA ASN C 223 31.62 -12.13 39.44
C ASN C 223 31.61 -10.71 38.90
N SER C 224 30.42 -10.24 38.52
CA SER C 224 30.19 -8.88 37.99
C SER C 224 30.85 -8.60 36.62
N SER C 225 31.64 -9.56 36.12
CA SER C 225 32.48 -9.38 34.93
C SER C 225 31.94 -10.16 33.74
N ILE C 226 32.34 -9.75 32.52
CA ILE C 226 32.04 -10.51 31.29
C ILE C 226 32.92 -10.03 30.13
N TYR C 227 33.43 -10.96 29.33
CA TYR C 227 34.10 -10.62 28.08
C TYR C 227 33.16 -10.84 26.90
N MET C 228 33.26 -9.97 25.89
CA MET C 228 32.45 -10.04 24.68
C MET C 228 33.21 -9.63 23.41
N ARG C 229 32.68 -10.10 22.28
CA ARG C 229 33.26 -9.83 20.97
C ARG C 229 32.15 -9.74 19.95
N ILE C 230 32.18 -8.70 19.11
CA ILE C 230 31.20 -8.47 18.06
C ILE C 230 31.91 -8.27 16.71
N TYR C 231 31.24 -8.71 15.65
CA TYR C 231 31.84 -8.84 14.33
C TYR C 231 30.91 -8.25 13.33
N PHE C 232 31.48 -7.58 12.33
CA PHE C 232 30.69 -7.13 11.23
C PHE C 232 31.58 -6.96 10.01
N VAL C 233 30.93 -6.83 8.88
CA VAL C 233 31.62 -6.65 7.62
C VAL C 233 31.78 -5.13 7.39
N ASN C 234 33.02 -4.64 7.41
CA ASN C 234 33.27 -3.20 7.18
C ASN C 234 33.32 -2.87 5.67
N SER C 235 33.49 -1.58 5.37
CA SER C 235 33.56 -1.06 4.01
C SER C 235 34.88 -1.34 3.30
N ASP C 236 35.92 -1.77 4.02
CA ASP C 236 37.16 -2.23 3.37
C ASP C 236 37.07 -3.74 2.93
N ASN C 237 35.85 -4.24 2.81
CA ASN C 237 35.55 -5.65 2.52
C ASN C 237 36.27 -6.64 3.39
N THR C 238 36.20 -6.44 4.70
CA THR C 238 36.79 -7.35 5.66
C THR C 238 35.91 -7.37 6.87
N ILE C 239 36.12 -8.40 7.68
CA ILE C 239 35.52 -8.46 8.98
C ILE C 239 36.31 -7.58 9.93
N TRP C 240 35.58 -6.76 10.67
CA TRP C 240 36.11 -6.05 11.83
C TRP C 240 35.51 -6.67 13.10
N GLN C 241 36.35 -6.71 14.14
CA GLN C 241 36.01 -7.16 15.49
C GLN C 241 35.93 -5.96 16.44
N VAL C 242 35.07 -6.07 17.46
CA VAL C 242 35.01 -5.11 18.56
C VAL C 242 35.19 -5.83 19.88
N CYS C 243 36.20 -5.41 20.67
CA CYS C 243 36.49 -6.02 21.98
C CYS C 243 35.83 -5.31 23.19
N TRP C 244 35.08 -6.11 23.96
CA TRP C 244 34.69 -5.76 25.32
C TRP C 244 35.49 -6.62 26.29
N ASP C 245 36.23 -5.98 27.22
CA ASP C 245 36.98 -6.70 28.26
C ASP C 245 36.70 -6.10 29.66
N HIS C 246 36.92 -6.91 30.70
CA HIS C 246 36.66 -6.50 32.08
C HIS C 246 37.71 -5.49 32.54
N GLY C 247 37.27 -4.45 33.25
CA GLY C 247 38.15 -3.35 33.67
C GLY C 247 38.36 -2.29 32.59
N LYS C 248 37.75 -2.51 31.43
CA LYS C 248 38.20 -1.85 30.21
C LYS C 248 37.08 -1.36 29.31
N GLY C 249 35.89 -1.96 29.39
CA GLY C 249 34.75 -1.59 28.55
C GLY C 249 35.02 -1.83 27.06
N TYR C 250 34.34 -1.05 26.22
CA TYR C 250 34.73 -0.94 24.80
C TYR C 250 36.02 -0.14 24.75
N HIS C 251 37.07 -0.74 24.17
CA HIS C 251 38.46 -0.25 24.35
C HIS C 251 39.40 -0.57 23.19
N ASP C 252 38.87 -1.10 22.08
CA ASP C 252 39.72 -1.42 20.91
C ASP C 252 38.85 -1.97 19.80
N LYS C 253 39.42 -1.99 18.60
CA LYS C 253 38.81 -2.61 17.42
C LYS C 253 39.83 -2.60 16.30
N GLY C 254 39.60 -3.44 15.30
CA GLY C 254 40.57 -3.63 14.22
C GLY C 254 39.98 -4.60 13.22
N THR C 255 40.60 -4.67 12.04
CA THR C 255 40.12 -5.59 11.01
C THR C 255 40.52 -6.96 11.47
N ILE C 256 39.88 -7.99 10.92
CA ILE C 256 40.28 -9.37 11.20
C ILE C 256 40.75 -10.05 9.93
N THR C 257 39.89 -10.14 8.92
CA THR C 257 40.28 -10.87 7.72
C THR C 257 39.38 -10.46 6.56
N PRO C 258 39.88 -10.59 5.32
CA PRO C 258 39.04 -10.24 4.16
C PRO C 258 37.87 -11.16 3.96
N VAL C 259 36.79 -10.63 3.46
CA VAL C 259 35.67 -11.43 3.07
C VAL C 259 35.27 -10.93 1.69
N ILE C 260 34.44 -11.71 1.02
CA ILE C 260 33.79 -11.29 -0.19
C ILE C 260 32.74 -10.23 0.14
N GLN C 261 32.41 -9.42 -0.88
CA GLN C 261 31.42 -8.37 -0.75
C GLN C 261 30.09 -8.94 -0.26
N GLY C 262 29.58 -8.35 0.81
CA GLY C 262 28.36 -8.84 1.44
C GLY C 262 28.44 -10.26 2.03
N SER C 263 29.62 -10.71 2.42
CA SER C 263 29.75 -11.97 3.19
C SER C 263 28.92 -11.90 4.45
N GLU C 264 28.25 -13.00 4.78
CA GLU C 264 27.69 -13.17 6.13
C GLU C 264 28.78 -13.52 7.15
N VAL C 265 28.42 -13.59 8.41
CA VAL C 265 29.41 -13.80 9.45
C VAL C 265 28.75 -14.55 10.56
N ALA C 266 29.50 -15.41 11.22
CA ALA C 266 29.00 -16.11 12.38
C ALA C 266 30.14 -16.39 13.31
N ILE C 267 29.81 -16.43 14.59
CA ILE C 267 30.82 -16.56 15.62
C ILE C 267 30.28 -17.54 16.68
N ILE C 268 31.22 -18.24 17.31
CA ILE C 268 31.03 -19.09 18.48
C ILE C 268 32.33 -19.05 19.31
N SER C 269 32.17 -19.28 20.62
CA SER C 269 33.28 -19.20 21.59
C SER C 269 33.20 -20.27 22.67
N TRP C 270 34.34 -20.58 23.27
CA TRP C 270 34.36 -21.40 24.47
C TRP C 270 35.62 -21.16 25.28
N GLY C 271 35.57 -21.52 26.56
CA GLY C 271 36.71 -21.38 27.46
C GLY C 271 36.68 -20.01 28.09
N SER C 272 37.83 -19.56 28.59
CA SER C 272 37.97 -18.25 29.24
C SER C 272 39.46 -17.93 29.33
N PHE C 273 39.82 -16.66 29.54
CA PHE C 273 41.23 -16.29 29.73
C PHE C 273 41.86 -17.02 30.92
N ALA C 274 41.11 -17.14 32.02
CA ALA C 274 41.59 -17.87 33.21
C ALA C 274 42.12 -19.24 32.79
N ASN C 275 41.30 -19.98 32.05
CA ASN C 275 41.60 -21.36 31.63
C ASN C 275 42.24 -21.52 30.26
N ASN C 276 43.39 -20.90 30.04
CA ASN C 276 44.17 -21.01 28.78
C ASN C 276 43.33 -21.03 27.50
N GLY C 277 42.30 -20.19 27.50
CA GLY C 277 41.58 -19.84 26.32
C GLY C 277 41.48 -18.32 26.32
N PRO C 278 40.34 -17.77 25.85
CA PRO C 278 39.22 -18.52 25.31
C PRO C 278 39.55 -19.07 23.92
N ASP C 279 38.54 -19.58 23.22
CA ASP C 279 38.68 -20.01 21.84
C ASP C 279 37.56 -19.36 21.05
N LEU C 280 37.90 -18.92 19.85
CA LEU C 280 36.92 -18.29 18.97
C LEU C 280 36.94 -18.95 17.60
N ARG C 281 35.77 -19.19 17.03
CA ARG C 281 35.73 -19.63 15.62
C ARG C 281 34.75 -18.75 14.83
N LEU C 282 35.29 -18.16 13.76
CA LEU C 282 34.52 -17.30 12.84
C LEU C 282 34.33 -17.96 11.49
N TYR C 283 33.09 -17.91 11.00
CA TYR C 283 32.71 -18.47 9.71
C TYR C 283 32.22 -17.29 8.84
N PHE C 284 32.48 -17.39 7.53
CA PHE C 284 32.32 -16.29 6.57
C PHE C 284 32.68 -16.80 5.16
N GLN C 285 32.50 -15.97 4.12
CA GLN C 285 32.93 -16.35 2.78
C GLN C 285 34.04 -15.41 2.31
N ASN C 286 35.17 -15.99 1.88
CA ASN C 286 36.31 -15.16 1.43
C ASN C 286 36.78 -15.46 0.02
N GLY C 287 35.92 -16.09 -0.76
CA GLY C 287 36.27 -16.39 -2.16
C GLY C 287 37.04 -17.68 -2.33
N THR C 288 37.11 -18.49 -1.26
CA THR C 288 37.77 -19.78 -1.34
C THR C 288 36.86 -20.74 -2.08
N TYR C 289 37.46 -21.35 -3.10
CA TYR C 289 36.75 -22.05 -4.17
C TYR C 289 35.53 -21.28 -4.61
N ILE C 290 35.72 -19.96 -4.66
CA ILE C 290 34.71 -18.98 -5.05
C ILE C 290 33.60 -18.91 -4.00
N SER C 291 32.86 -19.99 -3.80
CA SER C 291 31.68 -19.93 -2.94
C SER C 291 31.80 -20.69 -1.61
N ALA C 292 32.98 -21.17 -1.26
CA ALA C 292 33.08 -22.03 -0.04
C ALA C 292 33.08 -21.22 1.24
N VAL C 293 32.71 -21.86 2.36
CA VAL C 293 32.70 -21.20 3.68
C VAL C 293 34.08 -21.43 4.25
N SER C 294 34.64 -20.41 4.91
CA SER C 294 35.97 -20.50 5.49
C SER C 294 35.89 -20.21 6.98
N GLU C 295 36.96 -20.54 7.68
CA GLU C 295 37.00 -20.45 9.14
C GLU C 295 38.12 -19.57 9.55
N TRP C 296 37.91 -18.83 10.63
CA TRP C 296 38.99 -18.12 11.30
C TRP C 296 39.05 -18.54 12.77
N VAL C 297 40.27 -18.63 13.28
CA VAL C 297 40.51 -19.27 14.57
C VAL C 297 41.23 -18.31 15.46
N TRP C 298 40.71 -18.14 16.68
CA TRP C 298 41.53 -17.52 17.72
C TRP C 298 41.63 -18.45 18.92
N ASN C 299 42.86 -18.85 19.25
CA ASN C 299 43.16 -19.52 20.49
C ASN C 299 44.45 -19.01 21.17
N ARG C 300 44.72 -19.48 22.39
CA ARG C 300 45.94 -19.03 23.13
C ARG C 300 47.21 -19.59 22.56
N ALA C 301 47.13 -20.76 21.95
CA ALA C 301 48.32 -21.42 21.42
C ALA C 301 49.03 -20.60 20.35
N HIS C 302 48.28 -19.84 19.56
CA HIS C 302 48.89 -19.08 18.47
C HIS C 302 48.26 -17.66 18.23
N GLY C 303 47.06 -17.42 18.77
CA GLY C 303 46.35 -16.16 18.55
C GLY C 303 45.42 -16.16 17.34
N SER C 304 45.66 -15.20 16.47
CA SER C 304 44.82 -15.03 15.30
C SER C 304 45.37 -15.90 14.17
N GLN C 305 44.50 -16.66 13.51
CA GLN C 305 44.95 -17.63 12.49
C GLN C 305 43.79 -18.09 11.63
N LEU C 306 44.01 -18.09 10.33
CA LEU C 306 43.02 -18.63 9.42
C LEU C 306 42.91 -20.14 9.69
N GLY C 307 41.68 -20.63 9.81
CA GLY C 307 41.41 -22.02 10.18
C GLY C 307 41.18 -22.86 8.94
N ARG C 308 40.13 -23.67 8.96
CA ARG C 308 39.72 -24.44 7.79
C ARG C 308 39.51 -23.58 6.52
N SER C 309 40.31 -23.86 5.52
CA SER C 309 40.30 -23.09 4.31
C SER C 309 38.89 -23.12 3.69
N ALA C 310 38.32 -24.32 3.62
CA ALA C 310 37.06 -24.57 2.96
C ALA C 310 36.34 -25.66 3.68
N LEU C 311 35.17 -25.35 4.21
CA LEU C 311 34.44 -26.30 5.01
C LEU C 311 33.88 -27.33 4.11
N PRO C 312 33.48 -28.48 4.69
CA PRO C 312 32.70 -29.41 3.91
C PRO C 312 31.43 -28.71 3.44
N PRO C 313 30.94 -29.04 2.22
CA PRO C 313 31.29 -30.14 1.34
C PRO C 313 32.37 -29.81 0.31
N ALA C 314 33.18 -28.81 0.57
CA ALA C 314 34.02 -28.28 -0.47
C ALA C 314 34.99 -29.33 -1.06
N SER D 1 14.53 5.66 4.45
CA SER D 1 13.96 4.79 3.37
C SER D 1 12.48 5.10 3.10
N THR D 2 11.85 4.32 2.22
CA THR D 2 10.44 4.54 1.82
C THR D 2 9.71 3.21 1.62
N PRO D 3 8.36 3.22 1.70
CA PRO D 3 7.56 2.00 1.39
C PRO D 3 7.84 1.40 0.00
N GLY D 4 8.20 2.24 -0.95
CA GLY D 4 8.54 1.78 -2.28
C GLY D 4 9.96 1.25 -2.39
N ALA D 5 10.91 1.97 -1.80
CA ALA D 5 12.31 1.55 -1.85
C ALA D 5 12.52 0.23 -1.10
N GLN D 6 11.74 0.02 -0.06
CA GLN D 6 11.81 -1.20 0.75
C GLN D 6 11.27 -2.42 0.02
N GLN D 7 10.40 -2.20 -0.97
CA GLN D 7 9.98 -3.29 -1.87
C GLN D 7 11.10 -3.73 -2.84
N VAL D 8 12.21 -2.98 -2.91
CA VAL D 8 13.27 -3.31 -3.86
C VAL D 8 14.27 -4.24 -3.24
N LEU D 9 14.42 -5.40 -3.89
CA LEU D 9 15.30 -6.42 -3.43
C LEU D 9 16.74 -5.92 -3.47
N PHE D 10 17.38 -6.01 -2.31
CA PHE D 10 18.79 -5.71 -2.14
C PHE D 10 19.54 -6.70 -3.06
N ARG D 11 20.62 -6.20 -3.66
CA ARG D 11 21.33 -6.88 -4.76
C ARG D 11 20.47 -7.43 -5.87
N THR D 12 19.25 -6.91 -6.04
CA THR D 12 18.45 -7.27 -7.20
C THR D 12 19.28 -7.33 -8.47
N GLY D 13 18.92 -8.27 -9.33
CA GLY D 13 19.27 -8.19 -10.75
C GLY D 13 18.60 -6.97 -11.39
N ILE D 14 19.32 -6.33 -12.33
CA ILE D 14 18.92 -5.06 -12.96
C ILE D 14 19.17 -5.10 -14.47
N ALA D 15 18.22 -4.57 -15.26
CA ALA D 15 18.36 -4.46 -16.71
C ALA D 15 17.62 -3.24 -17.27
N ALA D 16 18.04 -2.77 -18.44
CA ALA D 16 17.45 -1.56 -19.02
C ALA D 16 17.43 -1.67 -20.52
N VAL D 17 16.36 -1.20 -21.15
CA VAL D 17 16.31 -1.08 -22.61
C VAL D 17 15.88 0.33 -22.95
N ASN D 18 16.10 0.72 -24.21
CA ASN D 18 15.67 2.03 -24.66
C ASN D 18 15.37 2.19 -26.16
N SER D 19 14.59 3.23 -26.44
CA SER D 19 14.44 3.83 -27.75
C SER D 19 14.91 5.26 -27.54
N THR D 20 16.16 5.52 -27.88
CA THR D 20 16.79 6.81 -27.63
C THR D 20 16.56 7.21 -26.15
N ASN D 21 15.69 8.18 -25.89
CA ASN D 21 15.51 8.75 -24.55
C ASN D 21 14.25 8.30 -23.80
N HIS D 22 13.47 7.39 -24.39
CA HIS D 22 12.43 6.72 -23.64
C HIS D 22 13.09 5.45 -23.06
N LEU D 23 13.17 5.42 -21.71
CA LEU D 23 13.84 4.34 -20.95
C LEU D 23 12.89 3.36 -20.25
N ARG D 24 13.28 2.08 -20.27
CA ARG D 24 12.66 1.07 -19.40
C ARG D 24 13.72 0.42 -18.50
N VAL D 25 13.33 0.10 -17.26
CA VAL D 25 14.26 -0.44 -16.30
C VAL D 25 13.61 -1.53 -15.45
N TYR D 26 14.10 -2.77 -15.60
CA TYR D 26 13.54 -3.94 -14.93
C TYR D 26 14.38 -4.31 -13.72
N PHE D 27 13.71 -4.58 -12.60
CA PHE D 27 14.36 -5.08 -11.39
C PHE D 27 13.52 -6.22 -10.79
N GLN D 28 13.96 -6.79 -9.67
CA GLN D 28 13.16 -7.78 -8.95
C GLN D 28 12.75 -7.21 -7.58
N ASP D 29 11.47 -7.32 -7.23
CA ASP D 29 11.05 -6.85 -5.90
C ASP D 29 11.33 -7.91 -4.83
N VAL D 30 11.10 -7.55 -3.57
CA VAL D 30 11.40 -8.46 -2.46
C VAL D 30 10.64 -9.79 -2.50
N TYR D 31 9.47 -9.82 -3.15
CA TYR D 31 8.70 -11.04 -3.28
C TYR D 31 9.06 -11.79 -4.55
N GLY D 32 10.17 -11.42 -5.19
CA GLY D 32 10.63 -12.12 -6.39
C GLY D 32 9.90 -11.85 -7.69
N SER D 33 9.11 -10.79 -7.73
CA SER D 33 8.45 -10.38 -8.96
C SER D 33 9.29 -9.38 -9.75
N ILE D 34 9.21 -9.48 -11.08
CA ILE D 34 9.91 -8.55 -11.99
C ILE D 34 9.05 -7.33 -12.37
N ARG D 35 9.54 -6.15 -11.99
CA ARG D 35 8.84 -4.88 -12.25
C ARG D 35 9.55 -4.01 -13.30
N GLU D 36 8.76 -3.24 -14.04
CA GLU D 36 9.20 -2.27 -15.05
C GLU D 36 9.00 -0.86 -14.57
N SER D 37 10.09 -0.13 -14.34
CA SER D 37 10.01 1.33 -14.21
C SER D 37 10.19 1.93 -15.61
N LEU D 38 9.98 3.24 -15.73
CA LEU D 38 9.83 3.85 -17.05
C LEU D 38 10.22 5.33 -16.97
N TYR D 39 10.79 5.84 -18.07
CA TYR D 39 11.08 7.26 -18.19
C TYR D 39 10.79 7.71 -19.60
N GLU D 40 9.63 8.35 -19.76
CA GLU D 40 9.33 9.18 -20.93
C GLU D 40 9.02 10.56 -20.34
N GLY D 41 10.02 11.44 -20.37
CA GLY D 41 9.84 12.77 -19.80
C GLY D 41 10.01 12.81 -18.28
N SER D 42 9.36 11.89 -17.57
CA SER D 42 9.63 11.77 -16.13
C SER D 42 9.51 10.34 -15.63
N TRP D 43 10.16 10.05 -14.50
CA TRP D 43 10.19 8.70 -13.97
C TRP D 43 8.81 8.32 -13.46
N ALA D 44 8.44 7.06 -13.66
CA ALA D 44 7.16 6.51 -13.18
C ALA D 44 7.19 4.97 -13.01
N ASN D 45 6.12 4.44 -12.40
CA ASN D 45 5.81 3.00 -12.33
C ASN D 45 6.71 2.23 -11.39
N GLY D 46 6.98 0.96 -11.71
CA GLY D 46 7.74 0.11 -10.82
C GLY D 46 6.96 -0.33 -9.59
N THR D 47 5.62 -0.22 -9.63
CA THR D 47 4.74 -0.69 -8.53
C THR D 47 4.32 -2.14 -8.77
N GLU D 48 3.46 -2.64 -7.89
CA GLU D 48 2.86 -3.97 -8.07
C GLU D 48 2.01 -4.04 -9.34
N LYS D 49 1.49 -2.90 -9.80
CA LYS D 49 0.69 -2.91 -11.05
C LYS D 49 1.54 -3.01 -12.33
N ASN D 50 2.86 -2.96 -12.16
CA ASN D 50 3.82 -3.01 -13.24
C ASN D 50 4.65 -4.30 -13.25
N VAL D 51 4.04 -5.42 -12.83
CA VAL D 51 4.72 -6.72 -12.79
C VAL D 51 4.56 -7.36 -14.15
N ILE D 52 5.68 -7.73 -14.76
CA ILE D 52 5.63 -8.50 -16.00
C ILE D 52 5.76 -10.01 -15.78
N GLY D 53 6.17 -10.42 -14.58
CA GLY D 53 6.28 -11.84 -14.29
C GLY D 53 7.11 -12.20 -13.07
N ASN D 54 7.24 -13.51 -12.85
CA ASN D 54 7.80 -14.03 -11.61
C ASN D 54 9.00 -14.93 -11.91
N ALA D 55 9.96 -14.99 -10.99
CA ALA D 55 11.17 -15.76 -11.20
C ALA D 55 11.80 -16.05 -9.85
N LYS D 56 12.66 -17.06 -9.77
CA LYS D 56 13.29 -17.39 -8.51
C LYS D 56 13.90 -16.15 -7.88
N LEU D 57 14.07 -16.19 -6.57
CA LEU D 57 14.57 -15.06 -5.81
C LEU D 57 16.06 -14.89 -5.96
N GLY D 58 16.44 -13.67 -6.33
CA GLY D 58 17.82 -13.34 -6.63
C GLY D 58 18.23 -13.64 -8.05
N SER D 59 17.29 -14.08 -8.87
CA SER D 59 17.55 -14.46 -10.25
C SER D 59 18.25 -13.37 -11.07
N PRO D 60 19.18 -13.79 -11.93
CA PRO D 60 19.68 -12.79 -12.88
C PRO D 60 18.52 -12.14 -13.67
N VAL D 61 18.74 -10.90 -14.11
CA VAL D 61 17.78 -10.13 -14.91
C VAL D 61 18.49 -9.50 -16.13
N ALA D 62 18.14 -9.95 -17.33
CA ALA D 62 18.66 -9.37 -18.56
C ALA D 62 17.55 -8.94 -19.49
N ALA D 63 17.74 -7.78 -20.11
CA ALA D 63 16.81 -7.23 -21.11
C ALA D 63 17.51 -6.74 -22.40
N THR D 64 16.79 -6.80 -23.51
CA THR D 64 17.23 -6.21 -24.78
C THR D 64 16.02 -5.89 -25.69
N SER D 65 16.21 -4.96 -26.63
CA SER D 65 15.09 -4.40 -27.39
C SER D 65 15.44 -3.97 -28.81
N LYS D 66 14.52 -4.19 -29.74
CA LYS D 66 14.47 -3.37 -30.97
C LYS D 66 13.69 -2.13 -30.59
N GLU D 67 14.42 -1.10 -30.18
CA GLU D 67 13.83 0.16 -29.68
C GLU D 67 12.91 -0.14 -28.47
N LEU D 68 11.62 0.14 -28.62
CA LEU D 68 10.64 -0.23 -27.62
C LEU D 68 9.44 -0.78 -28.34
N LYS D 69 9.69 -1.48 -29.44
CA LYS D 69 8.65 -2.15 -30.23
C LYS D 69 8.69 -3.65 -29.93
N HIS D 70 9.90 -4.15 -29.70
CA HIS D 70 10.10 -5.50 -29.27
C HIS D 70 11.03 -5.48 -28.04
N ILE D 71 10.48 -5.85 -26.88
CA ILE D 71 11.27 -6.03 -25.65
C ILE D 71 11.20 -7.49 -25.16
N ARG D 72 12.35 -8.00 -24.73
CA ARG D 72 12.49 -9.34 -24.18
C ARG D 72 13.25 -9.29 -22.89
N VAL D 73 12.71 -9.96 -21.87
CA VAL D 73 13.30 -9.94 -20.55
C VAL D 73 13.50 -11.37 -20.11
N TYR D 74 14.69 -11.64 -19.58
CA TYR D 74 15.21 -12.97 -19.40
C TYR D 74 15.64 -13.18 -17.95
N THR D 75 15.14 -14.25 -17.33
CA THR D 75 15.47 -14.60 -15.93
C THR D 75 15.44 -16.10 -15.75
N LEU D 76 15.70 -16.56 -14.52
CA LEU D 76 15.58 -17.99 -14.19
C LEU D 76 14.31 -18.33 -13.42
N THR D 77 13.67 -19.43 -13.83
CA THR D 77 12.57 -20.05 -13.07
C THR D 77 13.08 -20.64 -11.75
N GLU D 78 12.16 -21.10 -10.92
CA GLU D 78 12.57 -21.80 -9.69
C GLU D 78 13.25 -23.12 -10.07
N GLY D 79 12.84 -23.71 -11.19
CA GLY D 79 13.48 -24.92 -11.74
C GLY D 79 14.87 -24.68 -12.35
N ASN D 80 15.35 -23.44 -12.25
CA ASN D 80 16.60 -23.05 -12.91
C ASN D 80 16.60 -23.34 -14.41
N THR D 81 15.43 -23.14 -15.00
CA THR D 81 15.30 -23.08 -16.46
C THR D 81 15.25 -21.60 -16.92
N LEU D 82 15.61 -21.36 -18.17
CA LEU D 82 15.62 -20.00 -18.70
C LEU D 82 14.20 -19.58 -19.10
N GLN D 83 13.82 -18.35 -18.78
CA GLN D 83 12.49 -17.86 -19.17
C GLN D 83 12.51 -16.44 -19.74
N GLU D 84 11.45 -16.13 -20.47
CA GLU D 84 11.34 -14.94 -21.30
C GLU D 84 10.02 -14.23 -21.05
N PHE D 85 10.08 -12.96 -20.70
CA PHE D 85 8.89 -12.12 -20.76
C PHE D 85 8.97 -11.18 -21.96
N ALA D 86 8.06 -11.39 -22.91
CA ALA D 86 8.06 -10.65 -24.17
C ALA D 86 6.94 -9.59 -24.28
N TYR D 87 7.35 -8.38 -24.64
CA TYR D 87 6.47 -7.29 -25.07
C TYR D 87 6.64 -6.99 -26.57
N ASP D 88 5.52 -6.90 -27.28
CA ASP D 88 5.48 -6.41 -28.66
C ASP D 88 4.46 -5.29 -28.75
N SER D 89 4.79 -4.21 -29.48
CA SER D 89 3.88 -3.09 -29.70
C SER D 89 2.48 -3.54 -30.11
N GLY D 90 1.46 -3.07 -29.41
CA GLY D 90 0.06 -3.36 -29.78
C GLY D 90 -0.45 -4.74 -29.46
N THR D 91 0.44 -5.64 -28.99
CA THR D 91 0.08 -6.96 -28.45
C THR D 91 0.15 -6.90 -26.93
N GLY D 92 1.25 -6.32 -26.43
CA GLY D 92 1.49 -6.24 -24.99
C GLY D 92 2.32 -7.42 -24.48
N TRP D 93 2.48 -7.48 -23.16
CA TRP D 93 3.31 -8.51 -22.53
C TRP D 93 2.70 -9.90 -22.61
N TYR D 94 3.53 -10.86 -22.95
CA TYR D 94 3.11 -12.25 -22.89
C TYR D 94 4.30 -13.13 -22.52
N ASN D 95 4.00 -14.33 -22.00
CA ASN D 95 5.04 -15.30 -21.63
C ASN D 95 5.71 -15.76 -22.93
N GLY D 96 7.00 -15.46 -23.07
CA GLY D 96 7.74 -15.86 -24.25
C GLY D 96 7.99 -17.37 -24.26
N GLY D 97 8.20 -17.90 -25.47
CA GLY D 97 8.34 -19.33 -25.73
C GLY D 97 9.62 -19.94 -25.20
N LEU D 98 10.57 -19.12 -24.78
CA LEU D 98 11.79 -19.62 -24.17
C LEU D 98 11.52 -20.66 -23.07
N GLY D 99 10.50 -20.42 -22.25
CA GLY D 99 10.21 -21.31 -21.13
C GLY D 99 10.04 -22.76 -21.53
N GLY D 100 9.43 -22.97 -22.70
CA GLY D 100 9.05 -24.29 -23.17
C GLY D 100 10.20 -25.17 -23.63
N ALA D 101 11.39 -24.61 -23.81
CA ALA D 101 12.52 -25.41 -24.27
C ALA D 101 13.24 -26.08 -23.10
N LYS D 102 12.95 -25.61 -21.88
CA LYS D 102 13.45 -26.18 -20.62
C LYS D 102 14.97 -26.26 -20.61
N PHE D 103 15.60 -25.15 -20.97
CA PHE D 103 17.04 -25.06 -20.92
C PHE D 103 17.41 -24.83 -19.45
N GLN D 104 18.26 -25.72 -18.98
CA GLN D 104 18.50 -25.95 -17.58
C GLN D 104 19.89 -25.36 -17.39
N VAL D 105 20.04 -24.46 -16.44
CA VAL D 105 21.38 -23.90 -16.24
C VAL D 105 21.85 -24.00 -14.80
N ALA D 106 23.14 -23.81 -14.60
CA ALA D 106 23.70 -23.71 -13.27
C ALA D 106 22.80 -22.85 -12.41
N PRO D 107 22.53 -23.28 -11.18
CA PRO D 107 21.70 -22.49 -10.28
C PRO D 107 22.24 -21.08 -10.05
N TYR D 108 23.54 -20.89 -10.21
CA TYR D 108 24.19 -19.59 -10.02
C TYR D 108 24.47 -18.85 -11.35
N SER D 109 23.96 -19.35 -12.47
CA SER D 109 24.28 -18.79 -13.77
C SER D 109 23.82 -17.34 -13.90
N CYS D 110 24.54 -16.51 -14.63
CA CYS D 110 24.03 -15.17 -14.98
C CYS D 110 23.46 -15.31 -16.37
N ILE D 111 22.91 -14.21 -16.91
CA ILE D 111 22.38 -14.13 -18.27
C ILE D 111 22.78 -12.84 -19.00
N ALA D 112 22.90 -12.91 -20.32
CA ALA D 112 23.04 -11.72 -21.19
C ALA D 112 22.20 -11.98 -22.42
N ALA D 113 21.71 -10.93 -23.06
CA ALA D 113 20.79 -11.09 -24.18
C ALA D 113 20.90 -9.96 -25.21
N VAL D 114 20.83 -10.33 -26.48
CA VAL D 114 20.94 -9.37 -27.56
C VAL D 114 20.04 -9.70 -28.72
N PHE D 115 19.29 -8.69 -29.14
CA PHE D 115 18.78 -8.63 -30.49
C PHE D 115 19.96 -8.41 -31.44
N LEU D 116 20.10 -9.29 -32.43
CA LEU D 116 21.13 -9.13 -33.46
C LEU D 116 20.94 -7.79 -34.20
N ALA D 117 22.02 -7.03 -34.36
CA ALA D 117 21.92 -5.69 -34.91
C ALA D 117 21.86 -5.70 -36.44
N GLY D 118 21.15 -4.73 -37.00
CA GLY D 118 21.15 -4.51 -38.46
C GLY D 118 20.28 -5.43 -39.33
N THR D 119 19.60 -6.42 -38.72
CA THR D 119 18.56 -7.19 -39.41
C THR D 119 17.22 -6.80 -38.82
N ASP D 120 16.18 -6.78 -39.65
CA ASP D 120 14.86 -6.38 -39.17
C ASP D 120 14.04 -7.57 -38.74
N ALA D 121 14.46 -8.77 -39.18
CA ALA D 121 13.93 -9.99 -38.59
C ALA D 121 14.31 -9.98 -37.11
N LEU D 122 13.48 -10.64 -36.31
CA LEU D 122 13.80 -10.84 -34.91
C LEU D 122 14.71 -12.07 -34.77
N GLN D 123 15.98 -11.80 -34.52
CA GLN D 123 16.98 -12.83 -34.28
C GLN D 123 17.58 -12.55 -32.92
N LEU D 124 17.47 -13.51 -32.01
CA LEU D 124 17.85 -13.31 -30.63
C LEU D 124 18.99 -14.23 -30.27
N ARG D 125 19.85 -13.78 -29.38
CA ARG D 125 20.91 -14.62 -28.83
C ARG D 125 21.01 -14.42 -27.33
N ILE D 126 20.82 -15.50 -26.57
CA ILE D 126 21.00 -15.51 -25.10
C ILE D 126 22.27 -16.25 -24.72
N TYR D 127 22.92 -15.77 -23.67
CA TYR D 127 24.10 -16.38 -23.12
C TYR D 127 23.91 -16.58 -21.60
N ALA D 128 24.18 -17.80 -21.15
CA ALA D 128 23.99 -18.22 -19.76
C ALA D 128 25.06 -19.26 -19.49
N GLN D 129 25.13 -19.82 -18.27
CA GLN D 129 26.16 -20.82 -17.90
C GLN D 129 25.55 -22.19 -17.54
N LYS D 130 26.17 -23.25 -18.08
CA LYS D 130 25.71 -24.63 -17.89
C LYS D 130 26.29 -25.22 -16.62
N PRO D 131 25.68 -26.31 -16.14
CA PRO D 131 26.25 -26.96 -14.96
C PRO D 131 27.73 -27.28 -15.12
N ASP D 132 28.21 -27.51 -16.34
CA ASP D 132 29.67 -27.69 -16.56
C ASP D 132 30.47 -26.37 -16.57
N ASN D 133 29.78 -25.25 -16.37
CA ASN D 133 30.44 -23.93 -16.29
C ASN D 133 30.92 -23.34 -17.64
N THR D 134 30.50 -23.91 -18.75
CA THR D 134 30.79 -23.27 -20.00
C THR D 134 29.73 -22.24 -20.20
N ILE D 135 30.07 -21.25 -21.02
CA ILE D 135 29.11 -20.24 -21.45
C ILE D 135 28.44 -20.78 -22.70
N GLN D 136 27.13 -20.95 -22.62
CA GLN D 136 26.35 -21.52 -23.72
C GLN D 136 25.54 -20.43 -24.42
N GLU D 137 25.58 -20.38 -25.76
CA GLU D 137 24.73 -19.44 -26.51
C GLU D 137 23.43 -20.15 -26.87
N TYR D 138 22.31 -19.43 -26.76
CA TYR D 138 21.00 -19.92 -27.20
C TYR D 138 20.43 -18.94 -28.24
N MET D 139 19.87 -19.50 -29.30
CA MET D 139 19.41 -18.78 -30.48
C MET D 139 17.90 -18.83 -30.66
N TRP D 140 17.32 -17.72 -31.10
CA TRP D 140 16.02 -17.73 -31.75
C TRP D 140 16.18 -17.06 -33.12
N ASN D 141 15.76 -17.75 -34.17
CA ASN D 141 15.91 -17.26 -35.53
C ASN D 141 14.68 -17.51 -36.38
N GLY D 142 13.51 -17.46 -35.74
CA GLY D 142 12.24 -17.60 -36.44
C GLY D 142 11.49 -18.89 -36.14
N ASP D 143 12.22 -19.98 -35.85
CA ASP D 143 11.59 -21.31 -35.70
C ASP D 143 11.90 -21.99 -34.36
N GLY D 144 11.87 -21.23 -33.26
CA GLY D 144 12.02 -21.82 -31.90
C GLY D 144 13.43 -21.84 -31.33
N TRP D 145 13.55 -22.03 -30.01
CA TRP D 145 14.83 -21.85 -29.33
C TRP D 145 15.73 -23.07 -29.48
N LYS D 146 17.00 -22.83 -29.77
CA LYS D 146 17.95 -23.90 -30.00
C LYS D 146 19.33 -23.50 -29.45
N GLU D 147 20.14 -24.48 -29.13
CA GLU D 147 21.49 -24.20 -28.69
C GLU D 147 22.24 -23.64 -29.88
N GLY D 148 22.88 -22.51 -29.67
CA GLY D 148 23.88 -22.05 -30.59
C GLY D 148 25.26 -22.58 -30.22
N THR D 149 26.25 -21.68 -30.19
CA THR D 149 27.62 -22.06 -29.95
C THR D 149 27.96 -22.11 -28.49
N ASN D 150 28.87 -23.02 -28.18
CA ASN D 150 29.39 -23.10 -26.85
C ASN D 150 30.70 -22.35 -26.83
N LEU D 151 30.81 -21.40 -25.92
CA LEU D 151 31.95 -20.53 -25.94
C LEU D 151 32.99 -20.86 -24.89
N GLY D 152 33.08 -22.09 -24.41
CA GLY D 152 34.13 -22.42 -23.41
C GLY D 152 33.88 -22.05 -21.94
N GLY D 153 34.85 -22.39 -21.11
CA GLY D 153 34.70 -22.36 -19.65
C GLY D 153 34.76 -20.97 -19.09
N ALA D 154 33.98 -20.69 -18.05
CA ALA D 154 34.18 -19.47 -17.28
C ALA D 154 34.05 -19.72 -15.77
N LEU D 155 34.47 -18.74 -14.97
CA LEU D 155 34.30 -18.79 -13.51
C LEU D 155 32.87 -19.24 -13.23
N PRO D 156 32.67 -20.20 -12.31
CA PRO D 156 31.26 -20.46 -11.95
C PRO D 156 30.65 -19.22 -11.31
N GLY D 157 29.42 -18.91 -11.71
CA GLY D 157 28.78 -17.69 -11.29
C GLY D 157 29.33 -16.46 -11.97
N THR D 158 30.09 -16.62 -13.05
CA THR D 158 30.55 -15.42 -13.77
C THR D 158 29.46 -14.43 -14.16
N GLY D 159 29.74 -13.15 -14.00
CA GLY D 159 28.93 -12.12 -14.65
C GLY D 159 29.04 -12.28 -16.15
N ILE D 160 28.02 -11.82 -16.86
CA ILE D 160 28.08 -11.86 -18.32
C ILE D 160 27.58 -10.56 -18.91
N GLY D 161 28.37 -9.97 -19.81
CA GLY D 161 27.91 -8.84 -20.61
C GLY D 161 27.87 -9.17 -22.07
N ALA D 162 26.83 -8.70 -22.77
CA ALA D 162 26.79 -8.82 -24.23
C ALA D 162 26.37 -7.56 -24.99
N THR D 163 26.89 -7.39 -26.20
CA THR D 163 26.32 -6.44 -27.16
C THR D 163 26.42 -6.95 -28.62
N SER D 164 25.54 -6.44 -29.48
CA SER D 164 25.58 -6.72 -30.92
C SER D 164 25.48 -5.41 -31.70
N PHE D 165 26.40 -5.24 -32.65
CA PHE D 165 26.38 -4.12 -33.56
C PHE D 165 26.65 -4.61 -34.99
N ARG D 166 26.20 -3.83 -35.98
CA ARG D 166 26.50 -4.10 -37.38
C ARG D 166 27.34 -3.00 -37.98
N TYR D 167 28.57 -3.35 -38.39
CA TYR D 167 29.39 -2.46 -39.20
C TYR D 167 28.74 -2.18 -40.55
N THR D 168 28.92 -0.95 -41.03
CA THR D 168 28.26 -0.44 -42.23
C THR D 168 28.90 -1.02 -43.50
N ASP D 169 30.17 -1.41 -43.40
CA ASP D 169 30.89 -2.05 -44.49
C ASP D 169 30.80 -3.59 -44.39
N TYR D 170 29.74 -4.09 -43.76
CA TYR D 170 29.50 -5.53 -43.73
C TYR D 170 28.02 -5.81 -43.85
N ASN D 171 27.73 -7.08 -44.09
CA ASN D 171 26.39 -7.56 -44.48
C ASN D 171 25.60 -8.26 -43.36
N GLY D 172 26.17 -8.32 -42.16
CA GLY D 172 25.47 -8.92 -41.03
C GLY D 172 26.02 -8.50 -39.68
N PRO D 173 25.45 -9.05 -38.58
CA PRO D 173 25.73 -8.56 -37.24
C PRO D 173 27.00 -9.13 -36.64
N SER D 174 27.70 -8.31 -35.87
CA SER D 174 28.78 -8.76 -34.97
C SER D 174 28.25 -8.91 -33.54
N ILE D 175 28.95 -9.70 -32.73
CA ILE D 175 28.67 -9.77 -31.28
C ILE D 175 29.94 -9.55 -30.45
N ARG D 176 29.79 -9.06 -29.24
CA ARG D 176 30.91 -9.08 -28.30
C ARG D 176 30.32 -9.51 -26.99
N ILE D 177 30.97 -10.46 -26.32
CA ILE D 177 30.58 -10.80 -24.98
C ILE D 177 31.80 -10.69 -24.04
N TRP D 178 31.52 -10.56 -22.75
CA TRP D 178 32.54 -10.44 -21.73
C TRP D 178 32.16 -11.25 -20.49
N PHE D 179 33.15 -11.93 -19.92
CA PHE D 179 32.95 -12.72 -18.71
C PHE D 179 34.23 -12.97 -17.96
N GLN D 180 34.13 -13.61 -16.80
CA GLN D 180 35.28 -13.82 -15.94
C GLN D 180 35.75 -15.26 -16.01
N THR D 181 37.06 -15.47 -16.03
CA THR D 181 37.62 -16.81 -16.02
C THR D 181 38.07 -17.20 -14.62
N ASP D 182 38.24 -18.51 -14.45
CA ASP D 182 38.65 -19.14 -13.18
C ASP D 182 39.78 -18.38 -12.47
N ASP D 183 40.73 -17.86 -13.25
CA ASP D 183 41.85 -17.06 -12.73
C ASP D 183 41.46 -15.66 -12.30
N LEU D 184 40.16 -15.36 -12.37
CA LEU D 184 39.60 -14.03 -12.06
C LEU D 184 39.76 -12.91 -13.11
N LYS D 185 40.30 -13.23 -14.29
CA LYS D 185 40.36 -12.25 -15.39
C LYS D 185 38.97 -11.99 -15.92
N LEU D 186 38.80 -10.77 -16.43
CA LEU D 186 37.70 -10.43 -17.34
C LEU D 186 38.22 -10.48 -18.76
N VAL D 187 37.49 -11.19 -19.62
CA VAL D 187 37.93 -11.39 -20.99
C VAL D 187 36.83 -11.13 -21.97
N GLN D 188 37.22 -10.90 -23.23
CA GLN D 188 36.28 -10.71 -24.32
C GLN D 188 36.30 -11.83 -25.35
N ARG D 189 35.11 -12.21 -25.82
CA ARG D 189 34.95 -13.06 -27.02
C ARG D 189 34.09 -12.29 -28.08
N ALA D 190 34.33 -12.63 -29.34
CA ALA D 190 33.89 -11.81 -30.46
C ALA D 190 33.43 -12.62 -31.66
N TYR D 191 32.23 -12.38 -32.13
CA TYR D 191 31.80 -12.96 -33.41
C TYR D 191 31.82 -11.82 -34.45
N ASP D 192 32.36 -12.09 -35.63
CA ASP D 192 32.25 -11.20 -36.80
C ASP D 192 31.60 -12.03 -37.92
N PRO D 193 30.74 -11.40 -38.76
CA PRO D 193 29.94 -12.15 -39.74
C PRO D 193 30.78 -12.92 -40.75
N HIS D 194 31.77 -12.23 -41.30
CA HIS D 194 32.67 -12.80 -42.28
C HIS D 194 33.59 -13.85 -41.67
N LYS D 195 33.80 -13.78 -40.36
CA LYS D 195 34.78 -14.64 -39.71
C LYS D 195 34.25 -15.57 -38.62
N GLY D 196 32.94 -15.65 -38.41
CA GLY D 196 32.42 -16.42 -37.27
C GLY D 196 33.00 -15.98 -35.91
N TRP D 197 33.10 -16.92 -34.97
CA TRP D 197 33.61 -16.62 -33.64
C TRP D 197 35.13 -16.71 -33.69
N TYR D 198 35.83 -15.67 -33.23
CA TYR D 198 37.28 -15.72 -33.08
C TYR D 198 37.57 -16.65 -31.94
N PRO D 199 38.70 -17.36 -32.01
CA PRO D 199 39.03 -18.36 -31.00
C PRO D 199 39.63 -17.79 -29.71
N ASP D 200 40.34 -16.66 -29.83
CA ASP D 200 41.07 -16.06 -28.72
C ASP D 200 40.15 -15.36 -27.71
N LEU D 201 40.61 -15.29 -26.48
CA LEU D 201 39.96 -14.52 -25.42
C LEU D 201 40.81 -13.29 -25.21
N VAL D 202 40.21 -12.12 -25.07
CA VAL D 202 41.00 -10.90 -24.94
C VAL D 202 40.82 -10.23 -23.58
N THR D 203 41.88 -10.19 -22.80
CA THR D 203 41.79 -9.73 -21.45
C THR D 203 41.45 -8.25 -21.49
N ILE D 204 40.33 -7.86 -20.87
CA ILE D 204 40.07 -6.44 -20.63
C ILE D 204 40.39 -6.01 -19.18
N PHE D 205 40.62 -6.98 -18.31
CA PHE D 205 41.03 -6.63 -16.96
C PHE D 205 41.69 -7.85 -16.34
N ASP D 206 42.78 -7.61 -15.64
CA ASP D 206 43.62 -8.69 -15.15
C ASP D 206 43.00 -9.45 -13.98
N ARG D 207 42.62 -8.74 -12.92
CA ARG D 207 41.97 -9.36 -11.76
C ARG D 207 40.80 -8.51 -11.28
N ALA D 208 39.60 -9.11 -11.23
CA ALA D 208 38.43 -8.48 -10.63
C ALA D 208 37.72 -9.42 -9.63
N PRO D 209 36.82 -8.88 -8.77
CA PRO D 209 36.21 -9.72 -7.76
C PRO D 209 35.48 -10.93 -8.34
N PRO D 210 35.41 -12.02 -7.55
CA PRO D 210 34.76 -13.26 -7.99
C PRO D 210 33.27 -13.07 -8.19
N ARG D 211 32.79 -13.38 -9.40
CA ARG D 211 31.38 -13.27 -9.78
C ARG D 211 30.91 -11.81 -9.74
N THR D 212 31.85 -10.90 -10.00
CA THR D 212 31.50 -9.48 -10.19
C THR D 212 30.46 -9.36 -11.27
N ALA D 213 29.54 -8.41 -11.11
CA ALA D 213 28.52 -8.19 -12.11
C ALA D 213 29.22 -7.58 -13.35
N ILE D 214 28.71 -7.87 -14.54
CA ILE D 214 29.33 -7.39 -15.78
C ILE D 214 28.30 -6.96 -16.80
N ALA D 215 28.35 -5.68 -17.22
CA ALA D 215 27.44 -5.18 -18.26
C ALA D 215 28.16 -4.44 -19.38
N ALA D 216 27.55 -4.39 -20.56
CA ALA D 216 28.22 -3.82 -21.74
C ALA D 216 27.24 -3.19 -22.74
N THR D 217 27.61 -1.99 -23.21
CA THR D 217 26.94 -1.35 -24.35
C THR D 217 27.95 -0.99 -25.42
N SER D 218 27.43 -0.69 -26.60
CA SER D 218 28.23 -0.21 -27.72
C SER D 218 27.42 0.80 -28.52
N PHE D 219 28.12 1.69 -29.22
CA PHE D 219 27.45 2.79 -29.94
C PHE D 219 28.26 3.33 -31.10
N GLY D 220 27.55 3.82 -32.10
CA GLY D 220 28.15 4.48 -33.26
C GLY D 220 29.02 3.57 -34.10
N ALA D 221 28.42 2.46 -34.55
CA ALA D 221 29.05 1.62 -35.55
C ALA D 221 29.15 2.40 -36.89
N GLY D 222 30.36 2.47 -37.45
CA GLY D 222 30.54 2.98 -38.81
C GLY D 222 31.27 1.94 -39.64
N ASN D 223 32.17 2.39 -40.52
CA ASN D 223 32.92 1.47 -41.38
C ASN D 223 34.06 0.86 -40.60
N SER D 224 33.94 -0.43 -40.29
CA SER D 224 34.90 -1.08 -39.36
C SER D 224 35.19 -0.23 -38.11
N SER D 225 34.15 0.44 -37.61
CA SER D 225 34.34 1.39 -36.53
C SER D 225 33.31 1.13 -35.46
N ILE D 226 33.77 1.06 -34.21
CA ILE D 226 32.89 0.90 -33.07
C ILE D 226 33.49 1.45 -31.76
N TYR D 227 32.59 1.85 -30.88
CA TYR D 227 32.91 2.31 -29.56
C TYR D 227 32.17 1.46 -28.54
N MET D 228 32.88 0.93 -27.56
CA MET D 228 32.29 0.04 -26.57
C MET D 228 32.70 0.36 -25.14
N ARG D 229 31.73 0.16 -24.23
CA ARG D 229 31.91 0.37 -22.79
C ARG D 229 31.52 -0.90 -22.05
N ILE D 230 32.44 -1.40 -21.22
CA ILE D 230 32.19 -2.54 -20.35
C ILE D 230 32.26 -2.06 -18.89
N TYR D 231 31.25 -2.43 -18.12
CA TYR D 231 31.22 -2.08 -16.72
C TYR D 231 31.28 -3.31 -15.78
N PHE D 232 31.92 -3.14 -14.62
CA PHE D 232 32.00 -4.19 -13.62
C PHE D 232 32.19 -3.55 -12.24
N VAL D 233 32.11 -4.36 -11.18
CA VAL D 233 32.24 -3.87 -9.82
C VAL D 233 33.59 -4.32 -9.31
N ASN D 234 34.45 -3.36 -9.01
CA ASN D 234 35.80 -3.65 -8.58
C ASN D 234 35.77 -3.82 -7.07
N SER D 235 36.93 -4.11 -6.47
CA SER D 235 37.01 -4.51 -5.06
C SER D 235 37.16 -3.31 -4.14
N ASP D 236 37.24 -2.12 -4.75
CA ASP D 236 37.09 -0.86 -4.02
C ASP D 236 35.60 -0.52 -3.76
N ASN D 237 34.71 -1.41 -4.19
CA ASN D 237 33.25 -1.21 -4.09
C ASN D 237 32.71 -0.08 -5.00
N THR D 238 33.33 0.04 -6.17
CA THR D 238 32.87 0.98 -7.21
C THR D 238 32.58 0.27 -8.52
N ILE D 239 31.80 0.92 -9.38
CA ILE D 239 31.79 0.49 -10.77
C ILE D 239 33.02 1.08 -11.43
N TRP D 240 33.79 0.23 -12.11
CA TRP D 240 34.79 0.69 -13.06
C TRP D 240 34.29 0.47 -14.51
N GLN D 241 34.93 1.19 -15.42
CA GLN D 241 34.61 1.17 -16.84
C GLN D 241 35.84 0.89 -17.67
N VAL D 242 35.66 0.00 -18.62
CA VAL D 242 36.68 -0.33 -19.59
C VAL D 242 36.26 0.27 -20.95
N CYS D 243 37.22 0.91 -21.63
CA CYS D 243 36.91 1.77 -22.80
C CYS D 243 37.44 1.19 -24.10
N TRP D 244 36.56 0.95 -25.05
CA TRP D 244 37.00 0.79 -26.42
C TRP D 244 36.58 2.03 -27.21
N ASP D 245 37.55 2.66 -27.89
CA ASP D 245 37.27 3.80 -28.80
C ASP D 245 37.92 3.58 -30.15
N HIS D 246 37.14 3.72 -31.21
CA HIS D 246 37.67 3.46 -32.55
C HIS D 246 39.00 4.18 -32.73
N GLY D 247 40.00 3.40 -33.16
CA GLY D 247 41.34 3.89 -33.38
C GLY D 247 42.30 3.68 -32.22
N LYS D 248 41.78 3.79 -30.99
CA LYS D 248 42.60 3.69 -29.78
C LYS D 248 42.51 2.30 -29.14
N GLY D 249 41.49 1.53 -29.53
CA GLY D 249 41.23 0.19 -29.00
C GLY D 249 40.89 0.25 -27.51
N TYR D 250 41.27 -0.81 -26.77
CA TYR D 250 41.14 -0.85 -25.31
C TYR D 250 42.23 0.00 -24.62
N HIS D 251 41.89 1.24 -24.34
CA HIS D 251 42.88 2.26 -24.04
C HIS D 251 42.76 2.92 -22.64
N ASP D 252 41.56 2.88 -22.05
CA ASP D 252 41.35 3.51 -20.74
C ASP D 252 40.59 2.56 -19.81
N LYS D 253 40.82 2.74 -18.51
CA LYS D 253 39.95 2.22 -17.46
C LYS D 253 40.11 3.07 -16.21
N GLY D 254 39.05 3.16 -15.42
CA GLY D 254 39.01 3.97 -14.18
C GLY D 254 37.66 3.84 -13.48
N THR D 255 37.62 4.17 -12.18
CA THR D 255 36.36 4.15 -11.43
C THR D 255 35.34 5.17 -11.94
N ILE D 256 34.09 4.88 -11.67
CA ILE D 256 32.99 5.78 -11.97
C ILE D 256 32.31 6.29 -10.68
N THR D 257 31.68 5.36 -9.95
CA THR D 257 30.85 5.75 -8.81
C THR D 257 30.69 4.57 -7.86
N PRO D 258 30.60 4.86 -6.56
CA PRO D 258 30.41 3.80 -5.57
C PRO D 258 29.13 3.02 -5.73
N VAL D 259 29.20 1.72 -5.48
CA VAL D 259 27.98 0.90 -5.37
C VAL D 259 27.97 0.21 -4.01
N ILE D 260 26.87 -0.45 -3.67
CA ILE D 260 26.87 -1.35 -2.53
C ILE D 260 27.76 -2.54 -2.82
N GLN D 261 28.27 -3.17 -1.75
CA GLN D 261 28.92 -4.46 -1.83
C GLN D 261 28.03 -5.41 -2.65
N GLY D 262 28.56 -5.95 -3.72
CA GLY D 262 27.75 -6.88 -4.52
C GLY D 262 26.65 -6.29 -5.36
N SER D 263 26.68 -4.98 -5.61
CA SER D 263 25.67 -4.42 -6.53
C SER D 263 25.68 -5.09 -7.92
N GLU D 264 24.50 -5.22 -8.51
CA GLU D 264 24.40 -5.56 -9.92
C GLU D 264 24.56 -4.28 -10.75
N VAL D 265 24.61 -4.40 -12.08
CA VAL D 265 24.85 -3.28 -12.96
C VAL D 265 24.17 -3.45 -14.32
N ALA D 266 23.65 -2.34 -14.86
CA ALA D 266 23.04 -2.32 -16.20
C ALA D 266 23.40 -1.03 -16.89
N ILE D 267 23.52 -1.13 -18.21
CA ILE D 267 24.01 -0.03 -19.01
C ILE D 267 23.13 0.07 -20.27
N ILE D 268 22.75 1.31 -20.58
CA ILE D 268 22.16 1.65 -21.87
C ILE D 268 22.90 2.82 -22.45
N SER D 269 22.77 2.97 -23.77
CA SER D 269 23.41 4.07 -24.49
C SER D 269 22.67 4.44 -25.74
N TRP D 270 22.79 5.70 -26.14
CA TRP D 270 22.35 6.14 -27.47
C TRP D 270 23.19 7.29 -28.04
N GLY D 271 23.10 7.47 -29.36
CA GLY D 271 23.77 8.55 -30.06
C GLY D 271 25.23 8.23 -30.28
N SER D 272 26.00 9.26 -30.65
CA SER D 272 27.43 9.11 -30.94
C SER D 272 28.20 10.42 -30.80
N PHE D 273 29.53 10.28 -30.74
CA PHE D 273 30.45 11.42 -30.73
C PHE D 273 30.26 12.31 -31.94
N ALA D 274 30.02 11.68 -33.09
CA ALA D 274 29.74 12.42 -34.33
C ALA D 274 28.60 13.42 -34.14
N ASN D 275 27.61 13.05 -33.32
CA ASN D 275 26.37 13.81 -33.20
C ASN D 275 26.07 14.34 -31.79
N ASN D 276 27.05 14.91 -31.10
CA ASN D 276 26.80 15.45 -29.74
C ASN D 276 26.35 14.34 -28.77
N GLY D 277 26.95 13.17 -28.91
CA GLY D 277 26.73 12.09 -27.97
C GLY D 277 28.05 11.46 -27.62
N PRO D 278 28.04 10.19 -27.22
CA PRO D 278 26.84 9.45 -26.88
C PRO D 278 26.15 9.95 -25.60
N ASP D 279 24.98 9.37 -25.37
CA ASP D 279 24.37 9.37 -24.07
C ASP D 279 24.51 7.96 -23.45
N LEU D 280 24.96 7.90 -22.20
CA LEU D 280 25.01 6.66 -21.41
C LEU D 280 24.19 6.78 -20.12
N ARG D 281 23.49 5.71 -19.76
CA ARG D 281 22.84 5.61 -18.44
C ARG D 281 23.25 4.32 -17.71
N LEU D 282 23.70 4.48 -16.48
CA LEU D 282 23.99 3.33 -15.62
C LEU D 282 22.91 3.15 -14.58
N TYR D 283 22.60 1.89 -14.28
CA TYR D 283 21.68 1.52 -13.19
C TYR D 283 22.34 0.53 -12.24
N PHE D 284 22.03 0.67 -10.96
CA PHE D 284 22.70 -0.02 -9.88
C PHE D 284 22.07 0.35 -8.52
N GLN D 285 22.64 -0.20 -7.46
CA GLN D 285 22.31 0.20 -6.10
C GLN D 285 23.52 0.81 -5.48
N ASN D 286 23.37 1.87 -4.69
CA ASN D 286 24.50 2.43 -3.91
C ASN D 286 24.17 2.89 -2.48
N GLY D 287 23.05 2.43 -1.94
CA GLY D 287 22.70 2.77 -0.55
C GLY D 287 21.72 3.91 -0.40
N THR D 288 21.11 4.32 -1.50
CA THR D 288 20.06 5.32 -1.50
C THR D 288 18.78 4.66 -1.03
N TYR D 289 18.19 5.22 0.03
CA TYR D 289 16.99 4.67 0.65
C TYR D 289 17.24 3.18 0.93
N ILE D 290 18.50 2.90 1.28
CA ILE D 290 19.03 1.59 1.56
C ILE D 290 19.11 0.70 0.33
N SER D 291 17.95 0.46 -0.26
CA SER D 291 17.78 -0.58 -1.23
C SER D 291 17.27 -0.07 -2.57
N ALA D 292 17.25 1.25 -2.77
CA ALA D 292 16.73 1.83 -4.02
C ALA D 292 17.75 1.76 -5.15
N VAL D 293 17.23 1.57 -6.35
CA VAL D 293 18.06 1.63 -7.55
C VAL D 293 18.42 3.09 -7.90
N SER D 294 19.71 3.39 -8.01
CA SER D 294 20.17 4.68 -8.51
C SER D 294 20.55 4.65 -9.99
N GLU D 295 20.82 5.86 -10.52
CA GLU D 295 21.17 6.04 -11.94
C GLU D 295 22.39 6.94 -12.04
N TRP D 296 23.30 6.62 -12.95
CA TRP D 296 24.40 7.50 -13.28
C TRP D 296 24.33 7.90 -14.76
N VAL D 297 24.54 9.19 -15.01
CA VAL D 297 24.39 9.76 -16.34
C VAL D 297 25.74 10.26 -16.90
N TRP D 298 25.94 10.02 -18.19
CA TRP D 298 26.94 10.75 -18.97
C TRP D 298 26.31 11.36 -20.22
N ASN D 299 26.61 12.64 -20.48
CA ASN D 299 26.31 13.27 -21.78
C ASN D 299 27.34 14.33 -22.19
N ARG D 300 27.13 14.99 -23.32
CA ARG D 300 28.06 16.03 -23.77
C ARG D 300 27.90 17.32 -22.97
N ALA D 301 26.69 17.59 -22.51
CA ALA D 301 26.38 18.88 -21.89
C ALA D 301 27.15 19.07 -20.58
N HIS D 302 26.95 18.13 -19.65
CA HIS D 302 27.60 18.19 -18.33
C HIS D 302 28.60 17.06 -18.11
N GLY D 303 28.52 15.99 -18.88
CA GLY D 303 29.39 14.83 -18.68
C GLY D 303 28.99 13.99 -17.50
N SER D 304 29.97 13.66 -16.67
CA SER D 304 29.86 12.57 -15.69
C SER D 304 29.09 12.98 -14.44
N GLN D 305 27.92 12.37 -14.27
CA GLN D 305 26.85 12.89 -13.38
C GLN D 305 26.03 11.79 -12.73
N LEU D 306 25.70 11.92 -11.45
CA LEU D 306 24.62 11.11 -10.91
C LEU D 306 23.28 11.58 -11.47
N GLY D 307 22.40 10.63 -11.80
CA GLY D 307 21.04 10.95 -12.30
C GLY D 307 19.95 10.83 -11.22
N ARG D 308 18.78 10.34 -11.62
CA ARG D 308 17.74 9.93 -10.69
C ARG D 308 18.33 9.10 -9.53
N SER D 309 18.23 9.63 -8.31
CA SER D 309 18.92 9.03 -7.16
C SER D 309 18.26 7.72 -6.71
N ALA D 310 16.95 7.64 -6.91
CA ALA D 310 16.15 6.53 -6.47
C ALA D 310 15.03 6.37 -7.47
N LEU D 311 15.10 5.33 -8.29
CA LEU D 311 14.07 5.08 -9.27
C LEU D 311 12.75 4.73 -8.60
N PRO D 312 11.63 4.95 -9.28
CA PRO D 312 10.40 4.42 -8.76
C PRO D 312 10.56 2.93 -8.62
N PRO D 313 9.84 2.32 -7.64
CA PRO D 313 8.78 2.92 -6.83
C PRO D 313 9.20 3.78 -5.62
N ALA D 314 10.49 4.04 -5.45
CA ALA D 314 10.92 4.86 -4.31
C ALA D 314 10.58 6.34 -4.52
C1 MFB E . -10.23 25.10 24.74
C2 MFB E . -10.20 24.97 23.22
C3 MFB E . -9.20 23.95 22.69
C4 MFB E . -9.32 22.63 23.44
C5 MFB E . -9.23 22.93 24.96
C6 MFB E . -9.26 21.68 25.82
O1 MFB E . -11.38 25.89 25.08
O2 MFB E . -9.88 26.25 22.64
O3 MFB E . -9.48 23.79 21.29
O4 MFB E . -10.58 22.05 23.15
O5 MFB E . -10.31 23.79 25.35
CM MFB E . -11.31 26.43 26.41
C1 GOL F . 0.89 11.12 19.90
O1 GOL F . -0.49 11.41 19.62
C2 GOL F . 1.75 11.76 18.81
O2 GOL F . 1.21 11.41 17.51
C3 GOL F . 1.79 13.30 18.98
O3 GOL F . 2.78 13.91 18.10
C1 MFB G . -0.46 -4.55 22.37
C2 MFB G . -1.06 -5.00 21.02
C3 MFB G . -2.49 -5.48 21.18
C4 MFB G . -3.33 -4.55 22.07
C5 MFB G . -2.57 -4.29 23.37
C6 MFB G . -3.35 -3.44 24.37
O1 MFB G . 0.76 -3.86 22.09
O2 MFB G . -0.29 -6.00 20.33
O3 MFB G . -3.00 -5.55 19.85
O4 MFB G . -3.61 -3.32 21.38
O5 MFB G . -1.33 -3.65 23.08
CM MFB G . 1.44 -3.51 23.31
C1 GOL H . -17.42 -9.94 26.30
O1 GOL H . -18.39 -10.27 25.27
C2 GOL H . -17.73 -8.60 26.97
O2 GOL H . -17.50 -7.49 26.07
C3 GOL H . -16.83 -8.44 28.20
O3 GOL H . -17.56 -8.64 29.41
C1 GOL I . -29.33 3.76 28.66
O1 GOL I . -30.47 4.35 28.04
C2 GOL I . -29.53 3.87 30.16
O2 GOL I . -30.18 2.67 30.70
C3 GOL I . -28.18 4.07 30.82
O3 GOL I . -27.93 2.78 31.38
C1 MFB J . -26.83 19.36 29.56
C2 MFB J . -27.04 19.62 28.05
C3 MFB J . -25.88 20.41 27.51
C4 MFB J . -24.59 19.66 27.79
C5 MFB J . -24.49 19.43 29.31
C6 MFB J . -23.20 18.73 29.68
O1 MFB J . -27.94 18.59 30.01
O2 MFB J . -28.22 20.38 27.82
O3 MFB J . -26.11 20.57 26.11
O4 MFB J . -24.62 18.42 27.10
O5 MFB J . -25.58 18.67 29.81
CM MFB J . -28.05 18.61 31.43
C1 GOL K . -18.74 9.36 5.12
O1 GOL K . -18.78 8.12 5.92
C2 GOL K . -19.60 10.46 5.77
O2 GOL K . -21.02 10.17 5.94
C3 GOL K . -19.48 11.77 4.97
O3 GOL K . -19.16 12.87 5.88
C1 GOL L . -21.66 6.11 7.81
O1 GOL L . -22.93 5.80 7.24
C2 GOL L . -20.66 4.95 7.85
O2 GOL L . -19.88 4.95 6.65
C3 GOL L . -19.76 5.01 9.08
O3 GOL L . -19.33 6.35 9.34
C1 PEG M . -34.46 30.47 6.77
O1 PEG M . -34.44 29.98 8.14
C2 PEG M . -33.07 30.51 6.11
O2 PEG M . -32.69 29.23 5.53
CA CA N . -16.98 23.75 34.53
C1 MFB O . -18.45 6.34 -26.93
C2 MFB O . -17.82 6.67 -25.57
C3 MFB O . -17.85 8.20 -25.37
C4 MFB O . -19.24 8.77 -25.62
C5 MFB O . -19.81 8.26 -26.94
C6 MFB O . -21.25 8.70 -27.19
O1 MFB O . -18.43 4.93 -27.17
O2 MFB O . -16.47 6.15 -25.49
O3 MFB O . -17.42 8.49 -24.04
O4 MFB O . -20.11 8.40 -24.56
O5 MFB O . -19.80 6.84 -26.94
CM MFB O . -18.63 4.63 -28.57
C1 GOL P . -19.02 24.14 -24.59
O1 GOL P . -17.68 24.65 -24.51
C2 GOL P . -20.02 25.21 -24.17
O2 GOL P . -19.75 25.62 -22.79
C3 GOL P . -21.46 24.76 -24.41
O3 GOL P . -21.75 23.38 -24.12
C1 MFB Q . -34.89 32.42 -22.26
C2 MFB Q . -34.86 32.57 -20.72
C3 MFB Q . -35.88 31.65 -20.00
C4 MFB Q . -36.06 30.29 -20.66
C5 MFB Q . -36.14 30.45 -22.17
C6 MFB Q . -36.42 29.14 -22.90
O1 MFB Q . -33.74 33.04 -22.86
O2 MFB Q . -35.07 33.95 -20.37
O3 MFB Q . -35.43 31.43 -18.67
O4 MFB Q . -34.95 29.47 -20.35
O5 MFB Q . -34.90 31.03 -22.62
CM MFB Q . -33.68 32.89 -24.28
C1 GOL R . -46.00 3.85 -16.23
O1 GOL R . -45.16 4.41 -17.23
C2 GOL R . -45.67 4.41 -14.84
O2 GOL R . -44.31 4.88 -14.78
C3 GOL R . -45.95 3.35 -13.76
O3 GOL R . -44.75 2.98 -13.07
C1 MFB S . -32.90 -3.97 -20.49
C2 MFB S . -31.96 -3.86 -19.28
C3 MFB S . -30.61 -3.18 -19.53
C4 MFB S . -30.85 -1.88 -20.31
C5 MFB S . -31.62 -2.30 -21.58
C6 MFB S . -31.63 -1.18 -22.61
O1 MFB S . -34.19 -4.35 -19.98
O2 MFB S . -31.71 -5.20 -18.86
O3 MFB S . -29.89 -2.92 -18.33
O4 MFB S . -31.55 -0.89 -19.53
O5 MFB S . -32.96 -2.74 -21.24
CM MFB S . -35.04 -4.99 -20.95
C1 GOL T . -29.97 15.73 -3.18
O1 GOL T . -29.16 14.97 -4.13
C2 GOL T . -29.53 15.71 -1.70
O2 GOL T . -30.13 14.61 -1.01
C3 GOL T . -28.02 15.62 -1.37
O3 GOL T . -27.86 15.63 0.07
C1 MFB U . 25.19 -35.59 15.26
C2 MFB U . 24.65 -34.97 13.96
C3 MFB U . 23.35 -34.19 14.17
C4 MFB U . 23.45 -33.21 15.34
C5 MFB U . 23.96 -34.00 16.56
C6 MFB U . 24.05 -33.19 17.85
O1 MFB U . 26.50 -36.12 14.98
O2 MFB U . 24.41 -36.03 13.03
O3 MFB U . 23.03 -33.54 12.95
O4 MFB U . 24.27 -32.06 15.02
O5 MFB U . 25.24 -34.58 16.29
CM MFB U . 27.11 -36.79 16.09
C1 MFB V . 10.99 -11.58 29.75
C2 MFB V . 11.08 -10.77 28.47
C3 MFB V . 12.29 -9.82 28.57
C4 MFB V . 13.55 -10.63 28.83
C5 MFB V . 13.34 -11.45 30.10
C6 MFB V . 14.59 -12.25 30.46
O1 MFB V . 9.85 -12.46 29.74
O2 MFB V . 9.83 -10.09 28.28
O3 MFB V . 12.54 -9.05 27.38
O4 MFB V . 13.84 -11.49 27.72
O5 MFB V . 12.21 -12.31 29.94
CM MFB V . 9.08 -12.44 30.95
C1 MFB W . 42.42 -10.53 22.25
C2 MFB W . 42.14 -9.97 20.86
C3 MFB W . 41.81 -11.14 19.91
C4 MFB W . 40.70 -12.04 20.49
C5 MFB W . 41.03 -12.46 21.94
C6 MFB W . 39.93 -13.31 22.56
O1 MFB W . 42.78 -9.46 23.13
O2 MFB W . 43.33 -9.28 20.43
O3 MFB W . 41.47 -10.71 18.59
O4 MFB W . 39.43 -11.37 20.43
O5 MFB W . 41.28 -11.28 22.72
CM MFB W . 43.40 -9.91 24.34
C1 MFB X . 41.23 -26.08 15.12
C2 MFB X . 40.76 -25.79 13.71
C3 MFB X . 39.50 -26.61 13.39
C4 MFB X . 38.43 -26.43 14.45
C5 MFB X . 39.09 -26.74 15.80
C6 MFB X . 38.10 -26.66 16.96
O1 MFB X . 42.29 -25.21 15.46
O2 MFB X . 41.85 -26.11 12.83
O3 MFB X . 38.99 -26.29 12.11
O4 MFB X . 37.91 -25.13 14.53
O5 MFB X . 40.18 -25.83 16.02
CM MFB X . 43.04 -25.66 16.58
C1 GOL Y . 9.95 -14.37 -30.59
O1 GOL Y . 8.52 -14.52 -30.35
C2 GOL Y . 10.76 -14.96 -29.41
O2 GOL Y . 11.10 -13.97 -28.45
C3 GOL Y . 9.98 -16.05 -28.67
O3 GOL Y . 10.93 -16.80 -27.89
C1 MFB Z . 24.79 -18.62 -35.64
C2 MFB Z . 25.47 -19.11 -34.37
C3 MFB Z . 26.58 -18.14 -34.00
C4 MFB Z . 26.12 -16.68 -34.00
C5 MFB Z . 25.40 -16.36 -35.32
C6 MFB Z . 24.88 -14.92 -35.37
O1 MFB Z . 23.67 -19.44 -35.99
O2 MFB Z . 26.01 -20.42 -34.57
O3 MFB Z . 27.11 -18.46 -32.72
O4 MFB Z . 25.23 -16.43 -32.91
O5 MFB Z . 24.32 -17.28 -35.44
CM MFB Z . 23.37 -19.33 -37.39
C1 MFB AA . 18.60 12.66 -17.61
C2 MFB AA . 18.43 11.85 -16.31
C3 MFB AA . 17.10 11.10 -16.36
C4 MFB AA . 17.04 10.23 -17.61
C5 MFB AA . 17.17 11.16 -18.81
C6 MFB AA . 16.98 10.40 -20.12
O1 MFB AA . 19.88 13.30 -17.61
O2 MFB AA . 18.46 12.74 -15.17
O3 MFB AA . 16.90 10.41 -15.14
O4 MFB AA . 18.12 9.31 -17.71
O5 MFB AA . 18.44 11.83 -18.79
CM MFB AA . 20.06 14.17 -18.73
#